data_1O45
# 
_entry.id   1O45 
# 
_audit_conform.dict_name       mmcif_pdbx.dic 
_audit_conform.dict_version    5.397 
_audit_conform.dict_location   http://mmcif.pdb.org/dictionaries/ascii/mmcif_pdbx.dic 
# 
loop_
_database_2.database_id 
_database_2.database_code 
_database_2.pdbx_database_accession 
_database_2.pdbx_DOI 
PDB   1O45         pdb_00001o45 10.2210/pdb1o45/pdb 
RCSB  RCSB001780   ?            ?                   
WWPDB D_1000001780 ?            ?                   
# 
loop_
_pdbx_audit_revision_history.ordinal 
_pdbx_audit_revision_history.data_content_type 
_pdbx_audit_revision_history.major_revision 
_pdbx_audit_revision_history.minor_revision 
_pdbx_audit_revision_history.revision_date 
1 'Structure model' 1 0 2004-02-17 
2 'Structure model' 1 1 2008-04-26 
3 'Structure model' 1 2 2011-07-13 
4 'Structure model' 1 3 2023-08-16 
5 'Structure model' 1 4 2024-10-16 
# 
_pdbx_audit_revision_details.ordinal             1 
_pdbx_audit_revision_details.revision_ordinal    1 
_pdbx_audit_revision_details.data_content_type   'Structure model' 
_pdbx_audit_revision_details.provider            repository 
_pdbx_audit_revision_details.type                'Initial release' 
_pdbx_audit_revision_details.description         ? 
_pdbx_audit_revision_details.details             ? 
# 
loop_
_pdbx_audit_revision_group.ordinal 
_pdbx_audit_revision_group.revision_ordinal 
_pdbx_audit_revision_group.data_content_type 
_pdbx_audit_revision_group.group 
1 2 'Structure model' 'Version format compliance' 
2 3 'Structure model' 'Version format compliance' 
3 4 'Structure model' 'Data collection'           
4 4 'Structure model' 'Database references'       
5 4 'Structure model' 'Derived calculations'      
6 4 'Structure model' 'Refinement description'    
7 5 'Structure model' 'Structure summary'         
# 
loop_
_pdbx_audit_revision_category.ordinal 
_pdbx_audit_revision_category.revision_ordinal 
_pdbx_audit_revision_category.data_content_type 
_pdbx_audit_revision_category.category 
1 4 'Structure model' chem_comp_atom                
2 4 'Structure model' chem_comp_bond                
3 4 'Structure model' database_2                    
4 4 'Structure model' pdbx_initial_refinement_model 
5 4 'Structure model' struct_conn                   
6 4 'Structure model' struct_site                   
7 5 'Structure model' pdbx_entry_details            
8 5 'Structure model' pdbx_modification_feature     
# 
loop_
_pdbx_audit_revision_item.ordinal 
_pdbx_audit_revision_item.revision_ordinal 
_pdbx_audit_revision_item.data_content_type 
_pdbx_audit_revision_item.item 
1 4 'Structure model' '_database_2.pdbx_DOI'                
2 4 'Structure model' '_database_2.pdbx_database_accession' 
3 4 'Structure model' '_struct_conn.pdbx_leaving_atom_flag' 
4 4 'Structure model' '_struct_site.pdbx_auth_asym_id'      
5 4 'Structure model' '_struct_site.pdbx_auth_comp_id'      
6 4 'Structure model' '_struct_site.pdbx_auth_seq_id'       
# 
_pdbx_database_status.status_code                     REL 
_pdbx_database_status.entry_id                        1O45 
_pdbx_database_status.recvd_initial_deposition_date   2003-06-15 
_pdbx_database_status.deposit_site                    RCSB 
_pdbx_database_status.process_site                    RCSB 
_pdbx_database_status.SG_entry                        . 
_pdbx_database_status.pdb_format_compatible           Y 
_pdbx_database_status.status_code_mr                  ? 
_pdbx_database_status.status_code_sf                  ? 
_pdbx_database_status.status_code_cs                  ? 
_pdbx_database_status.status_code_nmr_data            ? 
_pdbx_database_status.methods_development_category    ? 
# 
loop_
_audit_author.name 
_audit_author.pdbx_ordinal 
'Lange, G.'  1 
'Loenze, P.' 2 
'Liesum, A.' 3 
# 
_citation.id                        primary 
_citation.title                     
;Requirements for specific binding of low affinity inhibitor fragments to the SH2 domain of (pp60)Src are identical to those for high affinity binding of full length inhibitors.
;
_citation.journal_abbrev            J.Med.Chem. 
_citation.journal_volume            46 
_citation.page_first                5184 
_citation.page_last                 5195 
_citation.year                      2003 
_citation.journal_id_ASTM           JMCMAR 
_citation.country                   US 
_citation.journal_id_ISSN           0022-2623 
_citation.journal_id_CSD            0151 
_citation.book_publisher            ? 
_citation.pdbx_database_id_PubMed   14613321 
_citation.pdbx_database_id_DOI      10.1021/jm020970s 
# 
loop_
_citation_author.citation_id 
_citation_author.name 
_citation_author.ordinal 
_citation_author.identifier_ORCID 
primary 'Lange, G.'       1  ? 
primary 'Lesuisse, D.'    2  ? 
primary 'Deprez, P.'      3  ? 
primary 'Schoot, B.'      4  ? 
primary 'Loenze, P.'      5  ? 
primary 'Benard, D.'      6  ? 
primary 'Marquette, J.P.' 7  ? 
primary 'Broto, P.'       8  ? 
primary 'Sarubbi, E.'     9  ? 
primary 'Mandine, E.'     10 ? 
# 
loop_
_entity.id 
_entity.type 
_entity.src_method 
_entity.pdbx_description 
_entity.formula_weight 
_entity.pdbx_number_of_molecules 
_entity.pdbx_ec 
_entity.pdbx_mutation 
_entity.pdbx_fragment 
_entity.details 
1 polymer     man 'PROTO-ONCOGENE TYROSINE-PROTEIN KINASE SRC'                                                  12374.964 1   
2.7.1.112 ? 'SH2 DOMAIN' ? 
2 non-polymer syn "N-ACETYL-N-[1-(1,1'-BIPHENYL-4-YLMETHYL)-2-OXOAZEPAN-3-YL]-3-FORMYL-O-PHOSPHONOTYROSINAMIDE" 607.591   1   ? ? 
?            ? 
3 water       nat water                                                                                         18.015    118 ? ? 
?            ? 
# 
_entity_name_com.entity_id   1 
_entity_name_com.name        'P60-SRC, C-SRC' 
# 
_entity_poly.entity_id                      1 
_entity_poly.type                           'polypeptide(L)' 
_entity_poly.nstd_linkage                   no 
_entity_poly.nstd_monomer                   no 
_entity_poly.pdbx_seq_one_letter_code       
;SIQAEEWYFGKITRRESERLLLNAENPRGTFLVRESETTKGAYCLSVSDFDNAKGLNVKHYKIRKLDSGGFYITSRTQFN
SLQQLVAYYSKHADGLCHRLTTVCPTSK
;
_entity_poly.pdbx_seq_one_letter_code_can   
;SIQAEEWYFGKITRRESERLLLNAENPRGTFLVRESETTKGAYCLSVSDFDNAKGLNVKHYKIRKLDSGGFYITSRTQFN
SLQQLVAYYSKHADGLCHRLTTVCPTSK
;
_entity_poly.pdbx_strand_id                 A 
_entity_poly.pdbx_target_identifier         ? 
# 
loop_
_pdbx_entity_nonpoly.entity_id 
_pdbx_entity_nonpoly.name 
_pdbx_entity_nonpoly.comp_id 
2 "N-ACETYL-N-[1-(1,1'-BIPHENYL-4-YLMETHYL)-2-OXOAZEPAN-3-YL]-3-FORMYL-O-PHOSPHONOTYROSINAMIDE" 687 
3 water                                                                                         HOH 
# 
loop_
_entity_poly_seq.entity_id 
_entity_poly_seq.num 
_entity_poly_seq.mon_id 
_entity_poly_seq.hetero 
1 1   SER n 
1 2   ILE n 
1 3   GLN n 
1 4   ALA n 
1 5   GLU n 
1 6   GLU n 
1 7   TRP n 
1 8   TYR n 
1 9   PHE n 
1 10  GLY n 
1 11  LYS n 
1 12  ILE n 
1 13  THR n 
1 14  ARG n 
1 15  ARG n 
1 16  GLU n 
1 17  SER n 
1 18  GLU n 
1 19  ARG n 
1 20  LEU n 
1 21  LEU n 
1 22  LEU n 
1 23  ASN n 
1 24  ALA n 
1 25  GLU n 
1 26  ASN n 
1 27  PRO n 
1 28  ARG n 
1 29  GLY n 
1 30  THR n 
1 31  PHE n 
1 32  LEU n 
1 33  VAL n 
1 34  ARG n 
1 35  GLU n 
1 36  SER n 
1 37  GLU n 
1 38  THR n 
1 39  THR n 
1 40  LYS n 
1 41  GLY n 
1 42  ALA n 
1 43  TYR n 
1 44  CYS n 
1 45  LEU n 
1 46  SER n 
1 47  VAL n 
1 48  SER n 
1 49  ASP n 
1 50  PHE n 
1 51  ASP n 
1 52  ASN n 
1 53  ALA n 
1 54  LYS n 
1 55  GLY n 
1 56  LEU n 
1 57  ASN n 
1 58  VAL n 
1 59  LYS n 
1 60  HIS n 
1 61  TYR n 
1 62  LYS n 
1 63  ILE n 
1 64  ARG n 
1 65  LYS n 
1 66  LEU n 
1 67  ASP n 
1 68  SER n 
1 69  GLY n 
1 70  GLY n 
1 71  PHE n 
1 72  TYR n 
1 73  ILE n 
1 74  THR n 
1 75  SER n 
1 76  ARG n 
1 77  THR n 
1 78  GLN n 
1 79  PHE n 
1 80  ASN n 
1 81  SER n 
1 82  LEU n 
1 83  GLN n 
1 84  GLN n 
1 85  LEU n 
1 86  VAL n 
1 87  ALA n 
1 88  TYR n 
1 89  TYR n 
1 90  SER n 
1 91  LYS n 
1 92  HIS n 
1 93  ALA n 
1 94  ASP n 
1 95  GLY n 
1 96  LEU n 
1 97  CYS n 
1 98  HIS n 
1 99  ARG n 
1 100 LEU n 
1 101 THR n 
1 102 THR n 
1 103 VAL n 
1 104 CYS n 
1 105 PRO n 
1 106 THR n 
1 107 SER n 
1 108 LYS n 
# 
_entity_src_gen.entity_id                          1 
_entity_src_gen.pdbx_src_id                        1 
_entity_src_gen.pdbx_alt_source_flag               sample 
_entity_src_gen.pdbx_seq_type                      ? 
_entity_src_gen.pdbx_beg_seq_num                   ? 
_entity_src_gen.pdbx_end_seq_num                   ? 
_entity_src_gen.gene_src_common_name               human 
_entity_src_gen.gene_src_genus                     Homo 
_entity_src_gen.pdbx_gene_src_gene                 SRC 
_entity_src_gen.gene_src_species                   ? 
_entity_src_gen.gene_src_strain                    ? 
_entity_src_gen.gene_src_tissue                    ? 
_entity_src_gen.gene_src_tissue_fraction           ? 
_entity_src_gen.gene_src_details                   ? 
_entity_src_gen.pdbx_gene_src_fragment             ? 
_entity_src_gen.pdbx_gene_src_scientific_name      'Homo sapiens' 
_entity_src_gen.pdbx_gene_src_ncbi_taxonomy_id     9606 
_entity_src_gen.pdbx_gene_src_variant              ? 
_entity_src_gen.pdbx_gene_src_cell_line            ? 
_entity_src_gen.pdbx_gene_src_atcc                 ? 
_entity_src_gen.pdbx_gene_src_organ                ? 
_entity_src_gen.pdbx_gene_src_organelle            ? 
_entity_src_gen.pdbx_gene_src_cell                 ? 
_entity_src_gen.pdbx_gene_src_cellular_location    ? 
_entity_src_gen.host_org_common_name               ? 
_entity_src_gen.pdbx_host_org_scientific_name      'Escherichia coli' 
_entity_src_gen.pdbx_host_org_ncbi_taxonomy_id     562 
_entity_src_gen.host_org_genus                     Escherichia 
_entity_src_gen.pdbx_host_org_gene                 ? 
_entity_src_gen.pdbx_host_org_organ                ? 
_entity_src_gen.host_org_species                   ? 
_entity_src_gen.pdbx_host_org_tissue               ? 
_entity_src_gen.pdbx_host_org_tissue_fraction      ? 
_entity_src_gen.pdbx_host_org_strain               ? 
_entity_src_gen.pdbx_host_org_variant              ? 
_entity_src_gen.pdbx_host_org_cell_line            ? 
_entity_src_gen.pdbx_host_org_atcc                 ? 
_entity_src_gen.pdbx_host_org_culture_collection   ? 
_entity_src_gen.pdbx_host_org_cell                 ? 
_entity_src_gen.pdbx_host_org_organelle            ? 
_entity_src_gen.pdbx_host_org_cellular_location    ? 
_entity_src_gen.pdbx_host_org_vector_type          ? 
_entity_src_gen.pdbx_host_org_vector               ? 
_entity_src_gen.host_org_details                   ? 
_entity_src_gen.expression_system_id               ? 
_entity_src_gen.plasmid_name                       'BL21 (DE3)' 
_entity_src_gen.plasmid_details                    ? 
_entity_src_gen.pdbx_description                   ? 
# 
loop_
_chem_comp.id 
_chem_comp.type 
_chem_comp.mon_nstd_flag 
_chem_comp.name 
_chem_comp.pdbx_synonyms 
_chem_comp.formula 
_chem_comp.formula_weight 
687 non-polymer         . "N-ACETYL-N-[1-(1,1'-BIPHENYL-4-YLMETHYL)-2-OXOAZEPAN-3-YL]-3-FORMYL-O-PHOSPHONOTYROSINAMIDE" RU84687 
'C31 H34 N3 O8 P' 607.591 
ALA 'L-peptide linking' y ALANINE                                                                                       ?       
'C3 H7 N O2'      89.093  
ARG 'L-peptide linking' y ARGININE                                                                                      ?       
'C6 H15 N4 O2 1'  175.209 
ASN 'L-peptide linking' y ASPARAGINE                                                                                    ?       
'C4 H8 N2 O3'     132.118 
ASP 'L-peptide linking' y 'ASPARTIC ACID'                                                                               ?       
'C4 H7 N O4'      133.103 
CYS 'L-peptide linking' y CYSTEINE                                                                                      ?       
'C3 H7 N O2 S'    121.158 
GLN 'L-peptide linking' y GLUTAMINE                                                                                     ?       
'C5 H10 N2 O3'    146.144 
GLU 'L-peptide linking' y 'GLUTAMIC ACID'                                                                               ?       
'C5 H9 N O4'      147.129 
GLY 'peptide linking'   y GLYCINE                                                                                       ?       
'C2 H5 N O2'      75.067  
HIS 'L-peptide linking' y HISTIDINE                                                                                     ?       
'C6 H10 N3 O2 1'  156.162 
HOH non-polymer         . WATER                                                                                         ?       
'H2 O'            18.015  
ILE 'L-peptide linking' y ISOLEUCINE                                                                                    ?       
'C6 H13 N O2'     131.173 
LEU 'L-peptide linking' y LEUCINE                                                                                       ?       
'C6 H13 N O2'     131.173 
LYS 'L-peptide linking' y LYSINE                                                                                        ?       
'C6 H15 N2 O2 1'  147.195 
PHE 'L-peptide linking' y PHENYLALANINE                                                                                 ?       
'C9 H11 N O2'     165.189 
PRO 'L-peptide linking' y PROLINE                                                                                       ?       
'C5 H9 N O2'      115.130 
SER 'L-peptide linking' y SERINE                                                                                        ?       
'C3 H7 N O3'      105.093 
THR 'L-peptide linking' y THREONINE                                                                                     ?       
'C4 H9 N O3'      119.119 
TRP 'L-peptide linking' y TRYPTOPHAN                                                                                    ?       
'C11 H12 N2 O2'   204.225 
TYR 'L-peptide linking' y TYROSINE                                                                                      ?       
'C9 H11 N O3'     181.189 
VAL 'L-peptide linking' y VALINE                                                                                        ?       
'C5 H11 N O2'     117.146 
# 
loop_
_pdbx_poly_seq_scheme.asym_id 
_pdbx_poly_seq_scheme.entity_id 
_pdbx_poly_seq_scheme.seq_id 
_pdbx_poly_seq_scheme.mon_id 
_pdbx_poly_seq_scheme.ndb_seq_num 
_pdbx_poly_seq_scheme.pdb_seq_num 
_pdbx_poly_seq_scheme.auth_seq_num 
_pdbx_poly_seq_scheme.pdb_mon_id 
_pdbx_poly_seq_scheme.auth_mon_id 
_pdbx_poly_seq_scheme.pdb_strand_id 
_pdbx_poly_seq_scheme.pdb_ins_code 
_pdbx_poly_seq_scheme.hetero 
A 1 1   SER 1   1   1   SER SER A . n 
A 1 2   ILE 2   2   2   ILE ILE A . n 
A 1 3   GLN 3   3   3   GLN GLN A . n 
A 1 4   ALA 4   4   4   ALA ALA A . n 
A 1 5   GLU 5   5   5   GLU GLU A . n 
A 1 6   GLU 6   6   6   GLU GLU A . n 
A 1 7   TRP 7   7   7   TRP TRP A . n 
A 1 8   TYR 8   8   8   TYR TYR A . n 
A 1 9   PHE 9   9   9   PHE PHE A . n 
A 1 10  GLY 10  10  10  GLY GLY A . n 
A 1 11  LYS 11  11  11  LYS LYS A . n 
A 1 12  ILE 12  12  12  ILE ILE A . n 
A 1 13  THR 13  13  13  THR THR A . n 
A 1 14  ARG 14  14  14  ARG ARG A . n 
A 1 15  ARG 15  15  15  ARG ARG A . n 
A 1 16  GLU 16  16  16  GLU GLU A . n 
A 1 17  SER 17  17  17  SER SER A . n 
A 1 18  GLU 18  18  18  GLU GLU A . n 
A 1 19  ARG 19  19  19  ARG ARG A . n 
A 1 20  LEU 20  20  20  LEU LEU A . n 
A 1 21  LEU 21  21  21  LEU LEU A . n 
A 1 22  LEU 22  22  22  LEU LEU A . n 
A 1 23  ASN 23  23  23  ASN ASN A . n 
A 1 24  ALA 24  24  24  ALA ALA A . n 
A 1 25  GLU 25  25  25  GLU GLU A . n 
A 1 26  ASN 26  26  26  ASN ASN A . n 
A 1 27  PRO 27  27  27  PRO PRO A . n 
A 1 28  ARG 28  28  28  ARG ARG A . n 
A 1 29  GLY 29  29  29  GLY GLY A . n 
A 1 30  THR 30  30  30  THR THR A . n 
A 1 31  PHE 31  31  31  PHE PHE A . n 
A 1 32  LEU 32  32  32  LEU LEU A . n 
A 1 33  VAL 33  33  33  VAL VAL A . n 
A 1 34  ARG 34  34  34  ARG ARG A . n 
A 1 35  GLU 35  35  35  GLU GLU A . n 
A 1 36  SER 36  36  36  SER SER A . n 
A 1 37  GLU 37  37  37  GLU GLU A . n 
A 1 38  THR 38  38  38  THR THR A . n 
A 1 39  THR 39  39  39  THR THR A . n 
A 1 40  LYS 40  40  40  LYS LYS A . n 
A 1 41  GLY 41  41  41  GLY GLY A . n 
A 1 42  ALA 42  42  42  ALA ALA A . n 
A 1 43  TYR 43  43  43  TYR TYR A . n 
A 1 44  CYS 44  44  44  CYS CYS A . n 
A 1 45  LEU 45  45  45  LEU LEU A . n 
A 1 46  SER 46  46  46  SER SER A . n 
A 1 47  VAL 47  47  47  VAL VAL A . n 
A 1 48  SER 48  48  48  SER SER A . n 
A 1 49  ASP 49  49  49  ASP ASP A . n 
A 1 50  PHE 50  50  50  PHE PHE A . n 
A 1 51  ASP 51  51  51  ASP ASP A . n 
A 1 52  ASN 52  52  52  ASN ASN A . n 
A 1 53  ALA 53  53  53  ALA ALA A . n 
A 1 54  LYS 54  54  54  LYS LYS A . n 
A 1 55  GLY 55  55  55  GLY GLY A . n 
A 1 56  LEU 56  56  56  LEU LEU A . n 
A 1 57  ASN 57  57  57  ASN ASN A . n 
A 1 58  VAL 58  58  58  VAL VAL A . n 
A 1 59  LYS 59  59  59  LYS LYS A . n 
A 1 60  HIS 60  60  60  HIS HIS A . n 
A 1 61  TYR 61  61  61  TYR TYR A . n 
A 1 62  LYS 62  62  62  LYS LYS A . n 
A 1 63  ILE 63  63  63  ILE ILE A . n 
A 1 64  ARG 64  64  64  ARG ARG A . n 
A 1 65  LYS 65  65  65  LYS LYS A . n 
A 1 66  LEU 66  66  66  LEU LEU A . n 
A 1 67  ASP 67  67  67  ASP ASP A . n 
A 1 68  SER 68  68  68  SER SER A . n 
A 1 69  GLY 69  69  69  GLY GLY A . n 
A 1 70  GLY 70  70  70  GLY GLY A . n 
A 1 71  PHE 71  71  71  PHE PHE A . n 
A 1 72  TYR 72  72  72  TYR TYR A . n 
A 1 73  ILE 73  73  73  ILE ILE A . n 
A 1 74  THR 74  74  74  THR THR A . n 
A 1 75  SER 75  75  75  SER SER A . n 
A 1 76  ARG 76  76  76  ARG ARG A . n 
A 1 77  THR 77  77  77  THR THR A . n 
A 1 78  GLN 78  78  78  GLN GLN A . n 
A 1 79  PHE 79  79  79  PHE PHE A . n 
A 1 80  ASN 80  80  80  ASN ASN A . n 
A 1 81  SER 81  81  81  SER SER A . n 
A 1 82  LEU 82  82  82  LEU LEU A . n 
A 1 83  GLN 83  83  83  GLN GLN A . n 
A 1 84  GLN 84  84  84  GLN GLN A . n 
A 1 85  LEU 85  85  85  LEU LEU A . n 
A 1 86  VAL 86  86  86  VAL VAL A . n 
A 1 87  ALA 87  87  87  ALA ALA A . n 
A 1 88  TYR 88  88  88  TYR TYR A . n 
A 1 89  TYR 89  89  89  TYR TYR A . n 
A 1 90  SER 90  90  90  SER SER A . n 
A 1 91  LYS 91  91  91  LYS LYS A . n 
A 1 92  HIS 92  92  92  HIS HIS A . n 
A 1 93  ALA 93  93  93  ALA ALA A . n 
A 1 94  ASP 94  94  94  ASP ASP A . n 
A 1 95  GLY 95  95  95  GLY GLY A . n 
A 1 96  LEU 96  96  96  LEU LEU A . n 
A 1 97  CYS 97  97  97  CYS CYS A . n 
A 1 98  HIS 98  98  98  HIS HIS A . n 
A 1 99  ARG 99  99  99  ARG ARG A . n 
A 1 100 LEU 100 100 100 LEU LEU A . n 
A 1 101 THR 101 101 101 THR THR A . n 
A 1 102 THR 102 102 102 THR THR A . n 
A 1 103 VAL 103 103 103 VAL VAL A . n 
A 1 104 CYS 104 104 104 CYS CYS A . n 
A 1 105 PRO 105 105 105 PRO PRO A . n 
A 1 106 THR 106 106 106 THR THR A . n 
A 1 107 SER 107 107 ?   ?   ?   A . n 
A 1 108 LYS 108 108 ?   ?   ?   A . n 
# 
loop_
_pdbx_nonpoly_scheme.asym_id 
_pdbx_nonpoly_scheme.entity_id 
_pdbx_nonpoly_scheme.mon_id 
_pdbx_nonpoly_scheme.ndb_seq_num 
_pdbx_nonpoly_scheme.pdb_seq_num 
_pdbx_nonpoly_scheme.auth_seq_num 
_pdbx_nonpoly_scheme.pdb_mon_id 
_pdbx_nonpoly_scheme.auth_mon_id 
_pdbx_nonpoly_scheme.pdb_strand_id 
_pdbx_nonpoly_scheme.pdb_ins_code 
B 2 687 1   300 1   687 INH A . 
C 3 HOH 1   301 1   HOH HOH A . 
C 3 HOH 2   302 2   HOH HOH A . 
C 3 HOH 3   303 3   HOH HOH A . 
C 3 HOH 4   304 4   HOH HOH A . 
C 3 HOH 5   305 5   HOH HOH A . 
C 3 HOH 6   306 6   HOH HOH A . 
C 3 HOH 7   307 7   HOH HOH A . 
C 3 HOH 8   308 8   HOH HOH A . 
C 3 HOH 9   309 9   HOH HOH A . 
C 3 HOH 10  310 10  HOH HOH A . 
C 3 HOH 11  311 11  HOH HOH A . 
C 3 HOH 12  312 12  HOH HOH A . 
C 3 HOH 13  313 13  HOH HOH A . 
C 3 HOH 14  314 14  HOH HOH A . 
C 3 HOH 15  315 15  HOH HOH A . 
C 3 HOH 16  316 16  HOH HOH A . 
C 3 HOH 17  317 17  HOH HOH A . 
C 3 HOH 18  318 18  HOH HOH A . 
C 3 HOH 19  319 20  HOH HOH A . 
C 3 HOH 20  320 21  HOH HOH A . 
C 3 HOH 21  321 22  HOH HOH A . 
C 3 HOH 22  322 23  HOH HOH A . 
C 3 HOH 23  323 24  HOH HOH A . 
C 3 HOH 24  324 25  HOH HOH A . 
C 3 HOH 25  325 26  HOH HOH A . 
C 3 HOH 26  326 27  HOH HOH A . 
C 3 HOH 27  327 28  HOH HOH A . 
C 3 HOH 28  328 30  HOH HOH A . 
C 3 HOH 29  329 31  HOH HOH A . 
C 3 HOH 30  330 32  HOH HOH A . 
C 3 HOH 31  331 33  HOH HOH A . 
C 3 HOH 32  332 34  HOH HOH A . 
C 3 HOH 33  333 36  HOH HOH A . 
C 3 HOH 34  334 37  HOH HOH A . 
C 3 HOH 35  335 38  HOH HOH A . 
C 3 HOH 36  336 39  HOH HOH A . 
C 3 HOH 37  337 40  HOH HOH A . 
C 3 HOH 38  338 41  HOH HOH A . 
C 3 HOH 39  339 43  HOH HOH A . 
C 3 HOH 40  340 44  HOH HOH A . 
C 3 HOH 41  341 45  HOH HOH A . 
C 3 HOH 42  342 47  HOH HOH A . 
C 3 HOH 43  343 48  HOH HOH A . 
C 3 HOH 44  344 49  HOH HOH A . 
C 3 HOH 45  345 50  HOH HOH A . 
C 3 HOH 46  346 58  HOH HOH A . 
C 3 HOH 47  347 59  HOH HOH A . 
C 3 HOH 48  348 64  HOH HOH A . 
C 3 HOH 49  349 66  HOH HOH A . 
C 3 HOH 50  350 68  HOH HOH A . 
C 3 HOH 51  351 70  HOH HOH A . 
C 3 HOH 52  352 71  HOH HOH A . 
C 3 HOH 53  353 72  HOH HOH A . 
C 3 HOH 54  354 74  HOH HOH A . 
C 3 HOH 55  355 78  HOH HOH A . 
C 3 HOH 56  356 81  HOH HOH A . 
C 3 HOH 57  357 82  HOH HOH A . 
C 3 HOH 58  358 89  HOH HOH A . 
C 3 HOH 59  359 90  HOH HOH A . 
C 3 HOH 60  360 91  HOH HOH A . 
C 3 HOH 61  361 92  HOH HOH A . 
C 3 HOH 62  362 94  HOH HOH A . 
C 3 HOH 63  363 96  HOH HOH A . 
C 3 HOH 64  364 97  HOH HOH A . 
C 3 HOH 65  365 99  HOH HOH A . 
C 3 HOH 66  366 100 HOH HOH A . 
C 3 HOH 67  367 101 HOH HOH A . 
C 3 HOH 68  368 102 HOH HOH A . 
C 3 HOH 69  369 103 HOH HOH A . 
C 3 HOH 70  370 104 HOH HOH A . 
C 3 HOH 71  371 105 HOH HOH A . 
C 3 HOH 72  372 106 HOH HOH A . 
C 3 HOH 73  373 107 HOH HOH A . 
C 3 HOH 74  374 108 HOH HOH A . 
C 3 HOH 75  375 109 HOH HOH A . 
C 3 HOH 76  376 110 HOH HOH A . 
C 3 HOH 77  377 111 HOH HOH A . 
C 3 HOH 78  378 112 HOH HOH A . 
C 3 HOH 79  379 113 HOH HOH A . 
C 3 HOH 80  380 114 HOH HOH A . 
C 3 HOH 81  381 118 HOH HOH A . 
C 3 HOH 82  382 120 HOH HOH A . 
C 3 HOH 83  383 124 HOH HOH A . 
C 3 HOH 84  384 128 HOH HOH A . 
C 3 HOH 85  385 132 HOH HOH A . 
C 3 HOH 86  386 137 HOH HOH A . 
C 3 HOH 87  387 149 HOH HOH A . 
C 3 HOH 88  388 151 HOH HOH A . 
C 3 HOH 89  389 152 HOH HOH A . 
C 3 HOH 90  390 154 HOH HOH A . 
C 3 HOH 91  391 160 HOH HOH A . 
C 3 HOH 92  392 179 HOH HOH A . 
C 3 HOH 93  393 181 HOH HOH A . 
C 3 HOH 94  394 182 HOH HOH A . 
C 3 HOH 95  395 187 HOH HOH A . 
C 3 HOH 96  396 189 HOH HOH A . 
C 3 HOH 97  397 190 HOH HOH A . 
C 3 HOH 98  398 191 HOH HOH A . 
C 3 HOH 99  399 192 HOH HOH A . 
C 3 HOH 100 400 193 HOH HOH A . 
C 3 HOH 101 401 194 HOH HOH A . 
C 3 HOH 102 402 195 HOH HOH A . 
C 3 HOH 103 403 196 HOH HOH A . 
C 3 HOH 104 404 197 HOH HOH A . 
C 3 HOH 105 405 198 HOH HOH A . 
C 3 HOH 106 406 199 HOH HOH A . 
C 3 HOH 107 407 200 HOH HOH A . 
C 3 HOH 108 408 201 HOH HOH A . 
C 3 HOH 109 409 202 HOH HOH A . 
C 3 HOH 110 410 203 HOH HOH A . 
C 3 HOH 111 411 204 HOH HOH A . 
C 3 HOH 112 412 205 HOH HOH A . 
C 3 HOH 113 413 206 HOH HOH A . 
C 3 HOH 114 414 207 HOH HOH A . 
C 3 HOH 115 415 208 HOH HOH A . 
C 3 HOH 116 416 209 HOH HOH A . 
C 3 HOH 117 417 210 HOH HOH A . 
C 3 HOH 118 418 211 HOH HOH A . 
# 
loop_
_software.name 
_software.classification 
_software.version 
_software.citation_id 
_software.pdbx_ordinal 
XDS    'data scaling'   .     ? 1 
XDS    'data reduction' .     ? 2 
X-PLOR 'model building' 3.851 ? 3 
X-PLOR refinement       3.851 ? 4 
X-PLOR phasing          3.851 ? 5 
# 
_cell.entry_id           1O45 
_cell.length_a           26.449 
_cell.length_b           58.924 
_cell.length_c           63.941 
_cell.angle_alpha        90.00 
_cell.angle_beta         90.00 
_cell.angle_gamma        90.00 
_cell.Z_PDB              4 
_cell.pdbx_unique_axis   ? 
# 
_symmetry.entry_id                         1O45 
_symmetry.space_group_name_H-M             'P 21 21 21' 
_symmetry.pdbx_full_space_group_name_H-M   ? 
_symmetry.cell_setting                     ? 
_symmetry.Int_Tables_number                19 
# 
_exptl.entry_id          1O45 
_exptl.method            'X-RAY DIFFRACTION' 
_exptl.crystals_number   1 
# 
_exptl_crystal.id                    1 
_exptl_crystal.density_meas          ? 
_exptl_crystal.density_Matthews      2.2 
_exptl_crystal.density_percent_sol   41.9 
_exptl_crystal.description           ? 
# 
_exptl_crystal_grow.crystal_id      1 
_exptl_crystal_grow.method          ? 
_exptl_crystal_grow.temp            ? 
_exptl_crystal_grow.temp_details    ? 
_exptl_crystal_grow.pH              5.50 
_exptl_crystal_grow.pdbx_pH_range   ? 
_exptl_crystal_grow.pdbx_details    'pH 5.50' 
# 
_diffrn.id                     1 
_diffrn.ambient_temp           100.0 
_diffrn.ambient_temp_details   ? 
_diffrn.crystal_id             1 
# 
_diffrn_detector.diffrn_id              1 
_diffrn_detector.detector               'IMAGE PLATE' 
_diffrn_detector.type                   'MAR scanner 345 mm plate' 
_diffrn_detector.pdbx_collection_date   1999-04-14 
_diffrn_detector.details                ? 
# 
_diffrn_radiation.diffrn_id                        1 
_diffrn_radiation.wavelength_id                    1 
_diffrn_radiation.pdbx_monochromatic_or_laue_m_l   M 
_diffrn_radiation.monochromator                    GRAPHITE 
_diffrn_radiation.pdbx_diffrn_protocol             'SINGLE WAVELENGTH' 
_diffrn_radiation.pdbx_scattering_type             x-ray 
# 
_diffrn_radiation_wavelength.id           1 
_diffrn_radiation_wavelength.wavelength   1.5418 
_diffrn_radiation_wavelength.wt           1.0 
# 
_diffrn_source.diffrn_id                   1 
_diffrn_source.source                      'ROTATING ANODE' 
_diffrn_source.type                        'ELLIOTT GX-21' 
_diffrn_source.pdbx_synchrotron_site       ? 
_diffrn_source.pdbx_synchrotron_beamline   ? 
_diffrn_source.pdbx_wavelength             1.5418 
_diffrn_source.pdbx_wavelength_list        ? 
# 
_reflns.entry_id                     1O45 
_reflns.observed_criterion_sigma_I   -3.000 
_reflns.observed_criterion_sigma_F   ? 
_reflns.d_resolution_low             40.000 
_reflns.d_resolution_high            1.80 
_reflns.number_obs                   9571 
_reflns.number_all                   ? 
_reflns.percent_possible_obs         98.2 
_reflns.pdbx_Rmerge_I_obs            0.077 
_reflns.pdbx_Rsym_value              ? 
_reflns.pdbx_netI_over_sigmaI        13 
_reflns.B_iso_Wilson_estimate        ? 
_reflns.pdbx_redundancy              ? 
_reflns.pdbx_diffrn_id               1 
_reflns.pdbx_ordinal                 1 
# 
_reflns_shell.d_res_high             1.80 
_reflns_shell.d_res_low              1.90 
_reflns_shell.percent_possible_all   99.6 
_reflns_shell.Rmerge_I_obs           0.23 
_reflns_shell.pdbx_Rsym_value        ? 
_reflns_shell.meanI_over_sigI_obs    4.5 
_reflns_shell.pdbx_redundancy        ? 
_reflns_shell.pdbx_diffrn_id         ? 
_reflns_shell.pdbx_ordinal           1 
# 
_refine.entry_id                                 1O45 
_refine.ls_number_reflns_obs                     9571 
_refine.ls_number_reflns_all                     ? 
_refine.pdbx_ls_sigma_I                          ? 
_refine.pdbx_ls_sigma_F                          ? 
_refine.pdbx_data_cutoff_high_absF               1000000.000 
_refine.pdbx_data_cutoff_low_absF                0.1000 
_refine.pdbx_data_cutoff_high_rms_absF           ? 
_refine.ls_d_res_low                             8.00 
_refine.ls_d_res_high                            1.80 
_refine.ls_percent_reflns_obs                    98.2 
_refine.ls_R_factor_obs                          0.2 
_refine.ls_R_factor_all                          ? 
_refine.ls_R_factor_R_work                       0.2 
_refine.ls_R_factor_R_free                       ? 
_refine.ls_R_factor_R_free_error                 ? 
_refine.ls_R_factor_R_free_error_details         ? 
_refine.ls_percent_reflns_R_free                 ? 
_refine.ls_number_reflns_R_free                  ? 
_refine.ls_number_parameters                     ? 
_refine.ls_number_restraints                     ? 
_refine.occupancy_min                            ? 
_refine.occupancy_max                            ? 
_refine.correlation_coeff_Fo_to_Fc               ? 
_refine.correlation_coeff_Fo_to_Fc_free          ? 
_refine.B_iso_mean                               19.6 
_refine.aniso_B[1][1]                            ? 
_refine.aniso_B[2][2]                            ? 
_refine.aniso_B[3][3]                            ? 
_refine.aniso_B[1][2]                            ? 
_refine.aniso_B[1][3]                            ? 
_refine.aniso_B[2][3]                            ? 
_refine.solvent_model_details                    ? 
_refine.solvent_model_param_ksol                 ? 
_refine.solvent_model_param_bsol                 ? 
_refine.pdbx_solvent_vdw_probe_radii             ? 
_refine.pdbx_solvent_ion_probe_radii             ? 
_refine.pdbx_solvent_shrinkage_radii             ? 
_refine.pdbx_ls_cross_valid_method               ? 
_refine.details                                  ? 
_refine.pdbx_starting_model                      1SHD 
_refine.pdbx_method_to_determine_struct          MR 
_refine.pdbx_isotropic_thermal_model             ? 
_refine.pdbx_stereochemistry_target_values       ? 
_refine.pdbx_stereochem_target_val_spec_case     ? 
_refine.pdbx_R_Free_selection_details            ? 
_refine.pdbx_overall_ESU_R                       ? 
_refine.pdbx_overall_ESU_R_Free                  ? 
_refine.overall_SU_ML                            ? 
_refine.overall_SU_B                             ? 
_refine.pdbx_refine_id                           'X-RAY DIFFRACTION' 
_refine.pdbx_diffrn_id                           1 
_refine.pdbx_TLS_residual_ADP_flag               ? 
_refine.pdbx_overall_phase_error                 ? 
_refine.overall_SU_R_Cruickshank_DPI             ? 
_refine.pdbx_overall_SU_R_free_Cruickshank_DPI   ? 
_refine.pdbx_overall_SU_R_Blow_DPI               ? 
_refine.pdbx_overall_SU_R_free_Blow_DPI          ? 
# 
_refine_hist.pdbx_refine_id                   'X-RAY DIFFRACTION' 
_refine_hist.cycle_id                         LAST 
_refine_hist.pdbx_number_atoms_protein        856 
_refine_hist.pdbx_number_atoms_nucleic_acid   0 
_refine_hist.pdbx_number_atoms_ligand         43 
_refine_hist.number_atoms_solvent             118 
_refine_hist.number_atoms_total               1017 
_refine_hist.d_res_high                       1.80 
_refine_hist.d_res_low                        8.00 
# 
loop_
_refine_ls_restr.type 
_refine_ls_restr.dev_ideal 
_refine_ls_restr.dev_ideal_target 
_refine_ls_restr.weight 
_refine_ls_restr.number 
_refine_ls_restr.pdbx_refine_id 
_refine_ls_restr.pdbx_restraint_function 
x_bond_d                0.011 ? ? ? 'X-RAY DIFFRACTION' ? 
x_bond_d_na             ?     ? ? ? 'X-RAY DIFFRACTION' ? 
x_bond_d_prot           ?     ? ? ? 'X-RAY DIFFRACTION' ? 
x_angle_d               ?     ? ? ? 'X-RAY DIFFRACTION' ? 
x_angle_d_na            ?     ? ? ? 'X-RAY DIFFRACTION' ? 
x_angle_d_prot          ?     ? ? ? 'X-RAY DIFFRACTION' ? 
x_angle_deg             1.3   ? ? ? 'X-RAY DIFFRACTION' ? 
x_angle_deg_na          ?     ? ? ? 'X-RAY DIFFRACTION' ? 
x_angle_deg_prot        ?     ? ? ? 'X-RAY DIFFRACTION' ? 
x_dihedral_angle_d      ?     ? ? ? 'X-RAY DIFFRACTION' ? 
x_dihedral_angle_d_na   ?     ? ? ? 'X-RAY DIFFRACTION' ? 
x_dihedral_angle_d_prot ?     ? ? ? 'X-RAY DIFFRACTION' ? 
x_improper_angle_d      ?     ? ? ? 'X-RAY DIFFRACTION' ? 
x_improper_angle_d_na   ?     ? ? ? 'X-RAY DIFFRACTION' ? 
x_improper_angle_d_prot ?     ? ? ? 'X-RAY DIFFRACTION' ? 
x_mcbond_it             ?     ? ? ? 'X-RAY DIFFRACTION' ? 
x_mcangle_it            ?     ? ? ? 'X-RAY DIFFRACTION' ? 
x_scbond_it             ?     ? ? ? 'X-RAY DIFFRACTION' ? 
x_scangle_it            ?     ? ? ? 'X-RAY DIFFRACTION' ? 
# 
_struct.entry_id                  1O45 
_struct.title                     'CRYSTAL STRUCTURE OF SH2 IN COMPLEX WITH RU84687.' 
_struct.pdbx_model_details        ? 
_struct.pdbx_CASP_flag            ? 
_struct.pdbx_model_type_details   ? 
# 
_struct_keywords.entry_id        1O45 
_struct_keywords.pdbx_keywords   'SIGNALING PROTEIN' 
_struct_keywords.text            'SH2 DOMAIN FRAGMENT APPROACH, SIGNALING PROTEIN' 
# 
loop_
_struct_asym.id 
_struct_asym.pdbx_blank_PDB_chainid_flag 
_struct_asym.pdbx_modified 
_struct_asym.entity_id 
_struct_asym.details 
A N N 1 ? 
B N N 2 ? 
C N N 3 ? 
# 
_struct_ref.id                         1 
_struct_ref.db_name                    UNP 
_struct_ref.db_code                    SRC_HUMAN 
_struct_ref.pdbx_db_accession          P12931 
_struct_ref.entity_id                  1 
_struct_ref.pdbx_seq_one_letter_code   
;SIQAEEWYFGKITRRESERLLLNAENPRGTFLVRESETTKGAYCLSVSDFDNAKGLNVKHYKIRKLDSGGFYITSRTQFN
SLQQLVAYYSKHADGLCHRLTTVCPTSK
;
_struct_ref.pdbx_align_begin           144 
_struct_ref.pdbx_db_isoform            ? 
# 
_struct_ref_seq.align_id                      1 
_struct_ref_seq.ref_id                        1 
_struct_ref_seq.pdbx_PDB_id_code              1O45 
_struct_ref_seq.pdbx_strand_id                A 
_struct_ref_seq.seq_align_beg                 1 
_struct_ref_seq.pdbx_seq_align_beg_ins_code   ? 
_struct_ref_seq.seq_align_end                 108 
_struct_ref_seq.pdbx_seq_align_end_ins_code   ? 
_struct_ref_seq.pdbx_db_accession             P12931 
_struct_ref_seq.db_align_beg                  144 
_struct_ref_seq.pdbx_db_align_beg_ins_code    ? 
_struct_ref_seq.db_align_end                  251 
_struct_ref_seq.pdbx_db_align_end_ins_code    ? 
_struct_ref_seq.pdbx_auth_seq_align_beg       1 
_struct_ref_seq.pdbx_auth_seq_align_end       108 
# 
_pdbx_struct_assembly.id                   1 
_pdbx_struct_assembly.details              author_defined_assembly 
_pdbx_struct_assembly.method_details       ? 
_pdbx_struct_assembly.oligomeric_details   monomeric 
_pdbx_struct_assembly.oligomeric_count     1 
# 
_pdbx_struct_assembly_gen.assembly_id       1 
_pdbx_struct_assembly_gen.oper_expression   1 
_pdbx_struct_assembly_gen.asym_id_list      A,B,C 
# 
_pdbx_struct_oper_list.id                   1 
_pdbx_struct_oper_list.type                 'identity operation' 
_pdbx_struct_oper_list.name                 1_555 
_pdbx_struct_oper_list.symmetry_operation   x,y,z 
_pdbx_struct_oper_list.matrix[1][1]         1.0000000000 
_pdbx_struct_oper_list.matrix[1][2]         0.0000000000 
_pdbx_struct_oper_list.matrix[1][3]         0.0000000000 
_pdbx_struct_oper_list.vector[1]            0.0000000000 
_pdbx_struct_oper_list.matrix[2][1]         0.0000000000 
_pdbx_struct_oper_list.matrix[2][2]         1.0000000000 
_pdbx_struct_oper_list.matrix[2][3]         0.0000000000 
_pdbx_struct_oper_list.vector[2]            0.0000000000 
_pdbx_struct_oper_list.matrix[3][1]         0.0000000000 
_pdbx_struct_oper_list.matrix[3][2]         0.0000000000 
_pdbx_struct_oper_list.matrix[3][3]         1.0000000000 
_pdbx_struct_oper_list.vector[3]            0.0000000000 
# 
_struct_biol.id   1 
# 
loop_
_struct_conf.conf_type_id 
_struct_conf.id 
_struct_conf.pdbx_PDB_helix_id 
_struct_conf.beg_label_comp_id 
_struct_conf.beg_label_asym_id 
_struct_conf.beg_label_seq_id 
_struct_conf.pdbx_beg_PDB_ins_code 
_struct_conf.end_label_comp_id 
_struct_conf.end_label_asym_id 
_struct_conf.end_label_seq_id 
_struct_conf.pdbx_end_PDB_ins_code 
_struct_conf.beg_auth_comp_id 
_struct_conf.beg_auth_asym_id 
_struct_conf.beg_auth_seq_id 
_struct_conf.end_auth_comp_id 
_struct_conf.end_auth_asym_id 
_struct_conf.end_auth_seq_id 
_struct_conf.pdbx_PDB_helix_class 
_struct_conf.details 
_struct_conf.pdbx_PDB_helix_length 
HELX_P HELX_P1 1 SER A 1  ? GLU A 5  ? SER A 1  GLU A 5  5 ? 5  
HELX_P HELX_P2 2 THR A 13 ? LEU A 22 ? THR A 13 LEU A 22 1 ? 10 
HELX_P HELX_P3 3 SER A 81 ? HIS A 92 ? SER A 81 HIS A 92 1 ? 12 
# 
_struct_conf_type.id          HELX_P 
_struct_conf_type.criteria    ? 
_struct_conf_type.reference   ? 
# 
_struct_conn.id                            covale1 
_struct_conn.conn_type_id                  covale 
_struct_conn.pdbx_leaving_atom_flag        none 
_struct_conn.pdbx_PDB_id                   ? 
_struct_conn.ptnr1_label_asym_id           A 
_struct_conn.ptnr1_label_comp_id           CYS 
_struct_conn.ptnr1_label_seq_id            44 
_struct_conn.ptnr1_label_atom_id           SG 
_struct_conn.pdbx_ptnr1_label_alt_id       ? 
_struct_conn.pdbx_ptnr1_PDB_ins_code       ? 
_struct_conn.pdbx_ptnr1_standard_comp_id   ? 
_struct_conn.ptnr1_symmetry                1_555 
_struct_conn.ptnr2_label_asym_id           B 
_struct_conn.ptnr2_label_comp_id           687 
_struct_conn.ptnr2_label_seq_id            . 
_struct_conn.ptnr2_label_atom_id           C75 
_struct_conn.pdbx_ptnr2_label_alt_id       ? 
_struct_conn.pdbx_ptnr2_PDB_ins_code       ? 
_struct_conn.ptnr1_auth_asym_id            A 
_struct_conn.ptnr1_auth_comp_id            CYS 
_struct_conn.ptnr1_auth_seq_id             44 
_struct_conn.ptnr2_auth_asym_id            A 
_struct_conn.ptnr2_auth_comp_id            687 
_struct_conn.ptnr2_auth_seq_id             300 
_struct_conn.ptnr2_symmetry                1_555 
_struct_conn.pdbx_ptnr3_label_atom_id      ? 
_struct_conn.pdbx_ptnr3_label_seq_id       ? 
_struct_conn.pdbx_ptnr3_label_comp_id      ? 
_struct_conn.pdbx_ptnr3_label_asym_id      ? 
_struct_conn.pdbx_ptnr3_label_alt_id       ? 
_struct_conn.pdbx_ptnr3_PDB_ins_code       ? 
_struct_conn.details                       ? 
_struct_conn.pdbx_dist_value               1.725 
_struct_conn.pdbx_value_order              ? 
_struct_conn.pdbx_role                     ? 
# 
_struct_conn_type.id          covale 
_struct_conn_type.criteria    ? 
_struct_conn_type.reference   ? 
# 
_pdbx_modification_feature.ordinal                            1 
_pdbx_modification_feature.label_comp_id                      687 
_pdbx_modification_feature.label_asym_id                      B 
_pdbx_modification_feature.label_seq_id                       . 
_pdbx_modification_feature.label_alt_id                       ? 
_pdbx_modification_feature.modified_residue_label_comp_id     CYS 
_pdbx_modification_feature.modified_residue_label_asym_id     A 
_pdbx_modification_feature.modified_residue_label_seq_id      44 
_pdbx_modification_feature.modified_residue_label_alt_id      ? 
_pdbx_modification_feature.auth_comp_id                       687 
_pdbx_modification_feature.auth_asym_id                       A 
_pdbx_modification_feature.auth_seq_id                        300 
_pdbx_modification_feature.PDB_ins_code                       ? 
_pdbx_modification_feature.symmetry                           1_555 
_pdbx_modification_feature.modified_residue_auth_comp_id      CYS 
_pdbx_modification_feature.modified_residue_auth_asym_id      A 
_pdbx_modification_feature.modified_residue_auth_seq_id       44 
_pdbx_modification_feature.modified_residue_PDB_ins_code      ? 
_pdbx_modification_feature.modified_residue_symmetry          1_555 
_pdbx_modification_feature.comp_id_linking_atom               C75 
_pdbx_modification_feature.modified_residue_id_linking_atom   SG 
_pdbx_modification_feature.modified_residue_id                CYS 
_pdbx_modification_feature.ref_pcm_id                         1 
_pdbx_modification_feature.ref_comp_id                        687 
_pdbx_modification_feature.type                               None 
_pdbx_modification_feature.category                           'Covalent chemical modification' 
# 
_struct_sheet.id               A 
_struct_sheet.type             ? 
_struct_sheet.number_strands   6 
_struct_sheet.details          ? 
# 
loop_
_struct_sheet_order.sheet_id 
_struct_sheet_order.range_id_1 
_struct_sheet_order.range_id_2 
_struct_sheet_order.offset 
_struct_sheet_order.sense 
A 1 2 ? parallel      
A 2 3 ? anti-parallel 
A 3 4 ? anti-parallel 
A 4 5 ? anti-parallel 
A 5 6 ? anti-parallel 
# 
loop_
_struct_sheet_range.sheet_id 
_struct_sheet_range.id 
_struct_sheet_range.beg_label_comp_id 
_struct_sheet_range.beg_label_asym_id 
_struct_sheet_range.beg_label_seq_id 
_struct_sheet_range.pdbx_beg_PDB_ins_code 
_struct_sheet_range.end_label_comp_id 
_struct_sheet_range.end_label_asym_id 
_struct_sheet_range.end_label_seq_id 
_struct_sheet_range.pdbx_end_PDB_ins_code 
_struct_sheet_range.beg_auth_comp_id 
_struct_sheet_range.beg_auth_asym_id 
_struct_sheet_range.beg_auth_seq_id 
_struct_sheet_range.end_auth_comp_id 
_struct_sheet_range.end_auth_asym_id 
_struct_sheet_range.end_auth_seq_id 
A 1 TYR A 8  ? GLY A 10 ? TYR A 8  GLY A 10 
A 2 PHE A 31 ? GLU A 35 ? PHE A 31 GLU A 35 
A 3 TYR A 43 ? ASP A 51 ? TYR A 43 ASP A 51 
A 4 GLY A 55 ? LYS A 65 ? GLY A 55 LYS A 65 
A 5 PHE A 71 ? TYR A 72 ? PHE A 71 TYR A 72 
A 6 GLN A 78 ? PHE A 79 ? GLN A 78 PHE A 79 
# 
loop_
_pdbx_struct_sheet_hbond.sheet_id 
_pdbx_struct_sheet_hbond.range_id_1 
_pdbx_struct_sheet_hbond.range_id_2 
_pdbx_struct_sheet_hbond.range_1_label_atom_id 
_pdbx_struct_sheet_hbond.range_1_label_comp_id 
_pdbx_struct_sheet_hbond.range_1_label_asym_id 
_pdbx_struct_sheet_hbond.range_1_label_seq_id 
_pdbx_struct_sheet_hbond.range_1_PDB_ins_code 
_pdbx_struct_sheet_hbond.range_1_auth_atom_id 
_pdbx_struct_sheet_hbond.range_1_auth_comp_id 
_pdbx_struct_sheet_hbond.range_1_auth_asym_id 
_pdbx_struct_sheet_hbond.range_1_auth_seq_id 
_pdbx_struct_sheet_hbond.range_2_label_atom_id 
_pdbx_struct_sheet_hbond.range_2_label_comp_id 
_pdbx_struct_sheet_hbond.range_2_label_asym_id 
_pdbx_struct_sheet_hbond.range_2_label_seq_id 
_pdbx_struct_sheet_hbond.range_2_PDB_ins_code 
_pdbx_struct_sheet_hbond.range_2_auth_atom_id 
_pdbx_struct_sheet_hbond.range_2_auth_comp_id 
_pdbx_struct_sheet_hbond.range_2_auth_asym_id 
_pdbx_struct_sheet_hbond.range_2_auth_seq_id 
A 1 2 N GLY A 10 ? N GLY A 10 O GLU A 35 ? O GLU A 35 
A 2 3 N ARG A 34 ? N ARG A 34 O CYS A 44 ? O CYS A 44 
A 3 4 N VAL A 47 ? N VAL A 47 O LYS A 59 ? O LYS A 59 
A 4 5 N ARG A 64 ? N ARG A 64 O TYR A 72 ? O TYR A 72 
A 5 6 N PHE A 71 ? N PHE A 71 O PHE A 79 ? O PHE A 79 
# 
_struct_site.id                   AC1 
_struct_site.pdbx_evidence_code   Software 
_struct_site.pdbx_auth_asym_id    A 
_struct_site.pdbx_auth_comp_id    687 
_struct_site.pdbx_auth_seq_id     300 
_struct_site.pdbx_auth_ins_code   ? 
_struct_site.pdbx_num_residues    19 
_struct_site.details              'BINDING SITE FOR RESIDUE 687 A 300' 
# 
loop_
_struct_site_gen.id 
_struct_site_gen.site_id 
_struct_site_gen.pdbx_num_res 
_struct_site_gen.label_comp_id 
_struct_site_gen.label_asym_id 
_struct_site_gen.label_seq_id 
_struct_site_gen.pdbx_auth_ins_code 
_struct_site_gen.auth_comp_id 
_struct_site_gen.auth_asym_id 
_struct_site_gen.auth_seq_id 
_struct_site_gen.label_atom_id 
_struct_site_gen.label_alt_id 
_struct_site_gen.symmetry 
_struct_site_gen.details 
1  AC1 19 ARG A 14  ? ARG A 14  . ? 1_555 ? 
2  AC1 19 ARG A 34  ? ARG A 34  . ? 1_555 ? 
3  AC1 19 SER A 36  ? SER A 36  . ? 1_555 ? 
4  AC1 19 GLU A 37  ? GLU A 37  . ? 1_555 ? 
5  AC1 19 THR A 38  ? THR A 38  . ? 1_555 ? 
6  AC1 19 TYR A 43  ? TYR A 43  . ? 1_555 ? 
7  AC1 19 CYS A 44  ? CYS A 44  . ? 1_555 ? 
8  AC1 19 HIS A 60  ? HIS A 60  . ? 1_555 ? 
9  AC1 19 TYR A 61  ? TYR A 61  . ? 1_555 ? 
10 AC1 19 LYS A 62  ? LYS A 62  . ? 1_555 ? 
11 AC1 19 GLY A 95  ? GLY A 95  . ? 1_555 ? 
12 AC1 19 VAL A 103 ? VAL A 103 . ? 1_655 ? 
13 AC1 19 PRO A 105 ? PRO A 105 . ? 1_655 ? 
14 AC1 19 THR A 106 ? THR A 106 . ? 1_655 ? 
15 AC1 19 HOH C .   ? HOH A 303 . ? 1_555 ? 
16 AC1 19 HOH C .   ? HOH A 335 . ? 1_655 ? 
17 AC1 19 HOH C .   ? HOH A 365 . ? 1_555 ? 
18 AC1 19 HOH C .   ? HOH A 376 . ? 1_555 ? 
19 AC1 19 HOH C .   ? HOH A 379 . ? 3_655 ? 
# 
_pdbx_entry_details.entry_id                   1O45 
_pdbx_entry_details.compound_details           ? 
_pdbx_entry_details.source_details             ? 
_pdbx_entry_details.nonpolymer_details         ? 
_pdbx_entry_details.sequence_details           ? 
_pdbx_entry_details.has_ligand_of_interest     ? 
_pdbx_entry_details.has_protein_modification   Y 
# 
loop_
_pdbx_validate_rmsd_angle.id 
_pdbx_validate_rmsd_angle.PDB_model_num 
_pdbx_validate_rmsd_angle.auth_atom_id_1 
_pdbx_validate_rmsd_angle.auth_asym_id_1 
_pdbx_validate_rmsd_angle.auth_comp_id_1 
_pdbx_validate_rmsd_angle.auth_seq_id_1 
_pdbx_validate_rmsd_angle.PDB_ins_code_1 
_pdbx_validate_rmsd_angle.label_alt_id_1 
_pdbx_validate_rmsd_angle.auth_atom_id_2 
_pdbx_validate_rmsd_angle.auth_asym_id_2 
_pdbx_validate_rmsd_angle.auth_comp_id_2 
_pdbx_validate_rmsd_angle.auth_seq_id_2 
_pdbx_validate_rmsd_angle.PDB_ins_code_2 
_pdbx_validate_rmsd_angle.label_alt_id_2 
_pdbx_validate_rmsd_angle.auth_atom_id_3 
_pdbx_validate_rmsd_angle.auth_asym_id_3 
_pdbx_validate_rmsd_angle.auth_comp_id_3 
_pdbx_validate_rmsd_angle.auth_seq_id_3 
_pdbx_validate_rmsd_angle.PDB_ins_code_3 
_pdbx_validate_rmsd_angle.label_alt_id_3 
_pdbx_validate_rmsd_angle.angle_value 
_pdbx_validate_rmsd_angle.angle_target_value 
_pdbx_validate_rmsd_angle.angle_deviation 
_pdbx_validate_rmsd_angle.angle_standard_deviation 
_pdbx_validate_rmsd_angle.linker_flag 
1 1 CB A ARG 76  ? ? CG A ARG 76  ? ? CD A ARG 76  ? ? 135.14 111.60 23.54  2.60 N 
2 1 CB A LYS 91  ? ? CG A LYS 91  ? ? CD A LYS 91  ? ? 95.47  111.60 -16.13 2.60 N 
3 1 CG A LYS 91  ? ? CD A LYS 91  ? ? CE A LYS 91  ? ? 138.00 111.90 26.10  3.00 N 
4 1 CB A PRO 105 ? ? CA A PRO 105 ? ? C  A PRO 105 ? ? 96.56  111.70 -15.14 2.10 N 
# 
loop_
_pdbx_validate_torsion.id 
_pdbx_validate_torsion.PDB_model_num 
_pdbx_validate_torsion.auth_comp_id 
_pdbx_validate_torsion.auth_asym_id 
_pdbx_validate_torsion.auth_seq_id 
_pdbx_validate_torsion.PDB_ins_code 
_pdbx_validate_torsion.label_alt_id 
_pdbx_validate_torsion.phi 
_pdbx_validate_torsion.psi 
1 1 LEU A 22  ? ? -82.12  44.99   
2 1 ASP A 94  ? ? 50.28   -116.95 
3 1 THR A 101 ? ? -110.74 -82.15  
# 
loop_
_pdbx_unobs_or_zero_occ_residues.id 
_pdbx_unobs_or_zero_occ_residues.PDB_model_num 
_pdbx_unobs_or_zero_occ_residues.polymer_flag 
_pdbx_unobs_or_zero_occ_residues.occupancy_flag 
_pdbx_unobs_or_zero_occ_residues.auth_asym_id 
_pdbx_unobs_or_zero_occ_residues.auth_comp_id 
_pdbx_unobs_or_zero_occ_residues.auth_seq_id 
_pdbx_unobs_or_zero_occ_residues.PDB_ins_code 
_pdbx_unobs_or_zero_occ_residues.label_asym_id 
_pdbx_unobs_or_zero_occ_residues.label_comp_id 
_pdbx_unobs_or_zero_occ_residues.label_seq_id 
1 1 Y 1 A SER 107 ? A SER 107 
2 1 Y 1 A LYS 108 ? A LYS 108 
# 
loop_
_chem_comp_atom.comp_id 
_chem_comp_atom.atom_id 
_chem_comp_atom.type_symbol 
_chem_comp_atom.pdbx_aromatic_flag 
_chem_comp_atom.pdbx_stereo_config 
_chem_comp_atom.pdbx_ordinal 
687 O76  O N N 1   
687 C1   C Y N 2   
687 C2   C Y N 3   
687 C3   C Y N 4   
687 C4   C Y N 5   
687 C5   C Y N 6   
687 C6   C Y N 7   
687 P7   P N N 8   
687 O8   O N N 9   
687 O9   O N N 10  
687 O10  O N N 11  
687 C11  C N N 12  
687 C12  C N S 13  
687 C13  C N N 14  
687 N14  N N N 15  
687 N15  N N N 16  
687 C16  C N N 17  
687 C17  C N N 18  
687 O18  O N N 19  
687 O19  O N N 20  
687 C20  C N S 21  
687 C21  C N N 22  
687 C22  C N N 23  
687 C23  C N N 24  
687 C24  C N N 25  
687 N25  N N N 26  
687 C26  C N N 27  
687 C27  C N N 28  
687 C28  C Y N 29  
687 O29  O N N 30  
687 O30  O N N 31  
687 C53  C Y N 32  
687 C54  C Y N 33  
687 C55  C Y N 34  
687 C56  C Y N 35  
687 C57  C Y N 36  
687 C62  C Y N 37  
687 C63  C Y N 38  
687 C64  C Y N 39  
687 C65  C Y N 40  
687 C66  C Y N 41  
687 C67  C Y N 42  
687 C75  C N N 43  
687 H1   H N N 44  
687 H2   H N N 45  
687 H5   H N N 46  
687 H9   H N N 47  
687 H10  H N N 48  
687 H111 H N N 49  
687 H112 H N N 50  
687 H12  H N N 51  
687 H14  H N N 52  
687 H15  H N N 53  
687 H171 H N N 54  
687 H172 H N N 55  
687 H173 H N N 56  
687 H20  H N N 57  
687 H211 H N N 58  
687 H212 H N N 59  
687 H221 H N N 60  
687 H222 H N N 61  
687 H231 H N N 62  
687 H232 H N N 63  
687 H241 H N N 64  
687 H242 H N N 65  
687 H271 H N N 66  
687 H272 H N N 67  
687 H53  H N N 68  
687 H54  H N N 69  
687 H56  H N N 70  
687 H57  H N N 71  
687 H63  H N N 72  
687 H64  H N N 73  
687 H65  H N N 74  
687 H66  H N N 75  
687 H67  H N N 76  
687 H75  H N N 77  
ALA N    N N N 78  
ALA CA   C N S 79  
ALA C    C N N 80  
ALA O    O N N 81  
ALA CB   C N N 82  
ALA OXT  O N N 83  
ALA H    H N N 84  
ALA H2   H N N 85  
ALA HA   H N N 86  
ALA HB1  H N N 87  
ALA HB2  H N N 88  
ALA HB3  H N N 89  
ALA HXT  H N N 90  
ARG N    N N N 91  
ARG CA   C N S 92  
ARG C    C N N 93  
ARG O    O N N 94  
ARG CB   C N N 95  
ARG CG   C N N 96  
ARG CD   C N N 97  
ARG NE   N N N 98  
ARG CZ   C N N 99  
ARG NH1  N N N 100 
ARG NH2  N N N 101 
ARG OXT  O N N 102 
ARG H    H N N 103 
ARG H2   H N N 104 
ARG HA   H N N 105 
ARG HB2  H N N 106 
ARG HB3  H N N 107 
ARG HG2  H N N 108 
ARG HG3  H N N 109 
ARG HD2  H N N 110 
ARG HD3  H N N 111 
ARG HE   H N N 112 
ARG HH11 H N N 113 
ARG HH12 H N N 114 
ARG HH21 H N N 115 
ARG HH22 H N N 116 
ARG HXT  H N N 117 
ASN N    N N N 118 
ASN CA   C N S 119 
ASN C    C N N 120 
ASN O    O N N 121 
ASN CB   C N N 122 
ASN CG   C N N 123 
ASN OD1  O N N 124 
ASN ND2  N N N 125 
ASN OXT  O N N 126 
ASN H    H N N 127 
ASN H2   H N N 128 
ASN HA   H N N 129 
ASN HB2  H N N 130 
ASN HB3  H N N 131 
ASN HD21 H N N 132 
ASN HD22 H N N 133 
ASN HXT  H N N 134 
ASP N    N N N 135 
ASP CA   C N S 136 
ASP C    C N N 137 
ASP O    O N N 138 
ASP CB   C N N 139 
ASP CG   C N N 140 
ASP OD1  O N N 141 
ASP OD2  O N N 142 
ASP OXT  O N N 143 
ASP H    H N N 144 
ASP H2   H N N 145 
ASP HA   H N N 146 
ASP HB2  H N N 147 
ASP HB3  H N N 148 
ASP HD2  H N N 149 
ASP HXT  H N N 150 
CYS N    N N N 151 
CYS CA   C N R 152 
CYS C    C N N 153 
CYS O    O N N 154 
CYS CB   C N N 155 
CYS SG   S N N 156 
CYS OXT  O N N 157 
CYS H    H N N 158 
CYS H2   H N N 159 
CYS HA   H N N 160 
CYS HB2  H N N 161 
CYS HB3  H N N 162 
CYS HG   H N N 163 
CYS HXT  H N N 164 
GLN N    N N N 165 
GLN CA   C N S 166 
GLN C    C N N 167 
GLN O    O N N 168 
GLN CB   C N N 169 
GLN CG   C N N 170 
GLN CD   C N N 171 
GLN OE1  O N N 172 
GLN NE2  N N N 173 
GLN OXT  O N N 174 
GLN H    H N N 175 
GLN H2   H N N 176 
GLN HA   H N N 177 
GLN HB2  H N N 178 
GLN HB3  H N N 179 
GLN HG2  H N N 180 
GLN HG3  H N N 181 
GLN HE21 H N N 182 
GLN HE22 H N N 183 
GLN HXT  H N N 184 
GLU N    N N N 185 
GLU CA   C N S 186 
GLU C    C N N 187 
GLU O    O N N 188 
GLU CB   C N N 189 
GLU CG   C N N 190 
GLU CD   C N N 191 
GLU OE1  O N N 192 
GLU OE2  O N N 193 
GLU OXT  O N N 194 
GLU H    H N N 195 
GLU H2   H N N 196 
GLU HA   H N N 197 
GLU HB2  H N N 198 
GLU HB3  H N N 199 
GLU HG2  H N N 200 
GLU HG3  H N N 201 
GLU HE2  H N N 202 
GLU HXT  H N N 203 
GLY N    N N N 204 
GLY CA   C N N 205 
GLY C    C N N 206 
GLY O    O N N 207 
GLY OXT  O N N 208 
GLY H    H N N 209 
GLY H2   H N N 210 
GLY HA2  H N N 211 
GLY HA3  H N N 212 
GLY HXT  H N N 213 
HIS N    N N N 214 
HIS CA   C N S 215 
HIS C    C N N 216 
HIS O    O N N 217 
HIS CB   C N N 218 
HIS CG   C Y N 219 
HIS ND1  N Y N 220 
HIS CD2  C Y N 221 
HIS CE1  C Y N 222 
HIS NE2  N Y N 223 
HIS OXT  O N N 224 
HIS H    H N N 225 
HIS H2   H N N 226 
HIS HA   H N N 227 
HIS HB2  H N N 228 
HIS HB3  H N N 229 
HIS HD1  H N N 230 
HIS HD2  H N N 231 
HIS HE1  H N N 232 
HIS HE2  H N N 233 
HIS HXT  H N N 234 
HOH O    O N N 235 
HOH H1   H N N 236 
HOH H2   H N N 237 
ILE N    N N N 238 
ILE CA   C N S 239 
ILE C    C N N 240 
ILE O    O N N 241 
ILE CB   C N S 242 
ILE CG1  C N N 243 
ILE CG2  C N N 244 
ILE CD1  C N N 245 
ILE OXT  O N N 246 
ILE H    H N N 247 
ILE H2   H N N 248 
ILE HA   H N N 249 
ILE HB   H N N 250 
ILE HG12 H N N 251 
ILE HG13 H N N 252 
ILE HG21 H N N 253 
ILE HG22 H N N 254 
ILE HG23 H N N 255 
ILE HD11 H N N 256 
ILE HD12 H N N 257 
ILE HD13 H N N 258 
ILE HXT  H N N 259 
LEU N    N N N 260 
LEU CA   C N S 261 
LEU C    C N N 262 
LEU O    O N N 263 
LEU CB   C N N 264 
LEU CG   C N N 265 
LEU CD1  C N N 266 
LEU CD2  C N N 267 
LEU OXT  O N N 268 
LEU H    H N N 269 
LEU H2   H N N 270 
LEU HA   H N N 271 
LEU HB2  H N N 272 
LEU HB3  H N N 273 
LEU HG   H N N 274 
LEU HD11 H N N 275 
LEU HD12 H N N 276 
LEU HD13 H N N 277 
LEU HD21 H N N 278 
LEU HD22 H N N 279 
LEU HD23 H N N 280 
LEU HXT  H N N 281 
LYS N    N N N 282 
LYS CA   C N S 283 
LYS C    C N N 284 
LYS O    O N N 285 
LYS CB   C N N 286 
LYS CG   C N N 287 
LYS CD   C N N 288 
LYS CE   C N N 289 
LYS NZ   N N N 290 
LYS OXT  O N N 291 
LYS H    H N N 292 
LYS H2   H N N 293 
LYS HA   H N N 294 
LYS HB2  H N N 295 
LYS HB3  H N N 296 
LYS HG2  H N N 297 
LYS HG3  H N N 298 
LYS HD2  H N N 299 
LYS HD3  H N N 300 
LYS HE2  H N N 301 
LYS HE3  H N N 302 
LYS HZ1  H N N 303 
LYS HZ2  H N N 304 
LYS HZ3  H N N 305 
LYS HXT  H N N 306 
PHE N    N N N 307 
PHE CA   C N S 308 
PHE C    C N N 309 
PHE O    O N N 310 
PHE CB   C N N 311 
PHE CG   C Y N 312 
PHE CD1  C Y N 313 
PHE CD2  C Y N 314 
PHE CE1  C Y N 315 
PHE CE2  C Y N 316 
PHE CZ   C Y N 317 
PHE OXT  O N N 318 
PHE H    H N N 319 
PHE H2   H N N 320 
PHE HA   H N N 321 
PHE HB2  H N N 322 
PHE HB3  H N N 323 
PHE HD1  H N N 324 
PHE HD2  H N N 325 
PHE HE1  H N N 326 
PHE HE2  H N N 327 
PHE HZ   H N N 328 
PHE HXT  H N N 329 
PRO N    N N N 330 
PRO CA   C N S 331 
PRO C    C N N 332 
PRO O    O N N 333 
PRO CB   C N N 334 
PRO CG   C N N 335 
PRO CD   C N N 336 
PRO OXT  O N N 337 
PRO H    H N N 338 
PRO HA   H N N 339 
PRO HB2  H N N 340 
PRO HB3  H N N 341 
PRO HG2  H N N 342 
PRO HG3  H N N 343 
PRO HD2  H N N 344 
PRO HD3  H N N 345 
PRO HXT  H N N 346 
SER N    N N N 347 
SER CA   C N S 348 
SER C    C N N 349 
SER O    O N N 350 
SER CB   C N N 351 
SER OG   O N N 352 
SER OXT  O N N 353 
SER H    H N N 354 
SER H2   H N N 355 
SER HA   H N N 356 
SER HB2  H N N 357 
SER HB3  H N N 358 
SER HG   H N N 359 
SER HXT  H N N 360 
THR N    N N N 361 
THR CA   C N S 362 
THR C    C N N 363 
THR O    O N N 364 
THR CB   C N R 365 
THR OG1  O N N 366 
THR CG2  C N N 367 
THR OXT  O N N 368 
THR H    H N N 369 
THR H2   H N N 370 
THR HA   H N N 371 
THR HB   H N N 372 
THR HG1  H N N 373 
THR HG21 H N N 374 
THR HG22 H N N 375 
THR HG23 H N N 376 
THR HXT  H N N 377 
TRP N    N N N 378 
TRP CA   C N S 379 
TRP C    C N N 380 
TRP O    O N N 381 
TRP CB   C N N 382 
TRP CG   C Y N 383 
TRP CD1  C Y N 384 
TRP CD2  C Y N 385 
TRP NE1  N Y N 386 
TRP CE2  C Y N 387 
TRP CE3  C Y N 388 
TRP CZ2  C Y N 389 
TRP CZ3  C Y N 390 
TRP CH2  C Y N 391 
TRP OXT  O N N 392 
TRP H    H N N 393 
TRP H2   H N N 394 
TRP HA   H N N 395 
TRP HB2  H N N 396 
TRP HB3  H N N 397 
TRP HD1  H N N 398 
TRP HE1  H N N 399 
TRP HE3  H N N 400 
TRP HZ2  H N N 401 
TRP HZ3  H N N 402 
TRP HH2  H N N 403 
TRP HXT  H N N 404 
TYR N    N N N 405 
TYR CA   C N S 406 
TYR C    C N N 407 
TYR O    O N N 408 
TYR CB   C N N 409 
TYR CG   C Y N 410 
TYR CD1  C Y N 411 
TYR CD2  C Y N 412 
TYR CE1  C Y N 413 
TYR CE2  C Y N 414 
TYR CZ   C Y N 415 
TYR OH   O N N 416 
TYR OXT  O N N 417 
TYR H    H N N 418 
TYR H2   H N N 419 
TYR HA   H N N 420 
TYR HB2  H N N 421 
TYR HB3  H N N 422 
TYR HD1  H N N 423 
TYR HD2  H N N 424 
TYR HE1  H N N 425 
TYR HE2  H N N 426 
TYR HH   H N N 427 
TYR HXT  H N N 428 
VAL N    N N N 429 
VAL CA   C N S 430 
VAL C    C N N 431 
VAL O    O N N 432 
VAL CB   C N N 433 
VAL CG1  C N N 434 
VAL CG2  C N N 435 
VAL OXT  O N N 436 
VAL H    H N N 437 
VAL H2   H N N 438 
VAL HA   H N N 439 
VAL HB   H N N 440 
VAL HG11 H N N 441 
VAL HG12 H N N 442 
VAL HG13 H N N 443 
VAL HG21 H N N 444 
VAL HG22 H N N 445 
VAL HG23 H N N 446 
VAL HXT  H N N 447 
# 
loop_
_chem_comp_bond.comp_id 
_chem_comp_bond.atom_id_1 
_chem_comp_bond.atom_id_2 
_chem_comp_bond.value_order 
_chem_comp_bond.pdbx_aromatic_flag 
_chem_comp_bond.pdbx_stereo_config 
_chem_comp_bond.pdbx_ordinal 
687 O76 C75  doub N N 1   
687 C1  C2   sing Y N 2   
687 C1  C6   doub Y N 3   
687 C1  H1   sing N N 4   
687 C2  C3   doub Y N 5   
687 C2  H2   sing N N 6   
687 C3  C4   sing Y N 7   
687 C3  O30  sing N N 8   
687 C4  C5   doub Y N 9   
687 C4  C75  sing N N 10  
687 C5  C6   sing Y N 11  
687 C5  H5   sing N N 12  
687 C6  C11  sing N N 13  
687 P7  O8   doub N N 14  
687 P7  O9   sing N N 15  
687 P7  O10  sing N N 16  
687 P7  O30  sing N N 17  
687 O9  H9   sing N N 18  
687 O10 H10  sing N N 19  
687 C11 C12  sing N N 20  
687 C11 H111 sing N N 21  
687 C11 H112 sing N N 22  
687 C12 C13  sing N N 23  
687 C12 N15  sing N N 24  
687 C12 H12  sing N N 25  
687 C13 N14  sing N N 26  
687 C13 O19  doub N N 27  
687 N14 C20  sing N N 28  
687 N14 H14  sing N N 29  
687 N15 C16  sing N N 30  
687 N15 H15  sing N N 31  
687 C16 C17  sing N N 32  
687 C16 O18  doub N N 33  
687 C17 H171 sing N N 34  
687 C17 H172 sing N N 35  
687 C17 H173 sing N N 36  
687 C20 C21  sing N N 37  
687 C20 C26  sing N N 38  
687 C20 H20  sing N N 39  
687 C21 C22  sing N N 40  
687 C21 H211 sing N N 41  
687 C21 H212 sing N N 42  
687 C22 C23  sing N N 43  
687 C22 H221 sing N N 44  
687 C22 H222 sing N N 45  
687 C23 C24  sing N N 46  
687 C23 H231 sing N N 47  
687 C23 H232 sing N N 48  
687 C24 N25  sing N N 49  
687 C24 H241 sing N N 50  
687 C24 H242 sing N N 51  
687 N25 C26  sing N N 52  
687 N25 C27  sing N N 53  
687 C26 O29  doub N N 54  
687 C27 C28  sing N N 55  
687 C27 H271 sing N N 56  
687 C27 H272 sing N N 57  
687 C28 C53  sing Y N 58  
687 C28 C57  doub Y N 59  
687 C53 C54  doub Y N 60  
687 C53 H53  sing N N 61  
687 C54 C55  sing Y N 62  
687 C54 H54  sing N N 63  
687 C55 C56  doub Y N 64  
687 C55 C62  sing Y N 65  
687 C56 C57  sing Y N 66  
687 C56 H56  sing N N 67  
687 C57 H57  sing N N 68  
687 C62 C63  sing Y N 69  
687 C62 C67  doub Y N 70  
687 C63 C64  doub Y N 71  
687 C63 H63  sing N N 72  
687 C64 C65  sing Y N 73  
687 C64 H64  sing N N 74  
687 C65 C66  doub Y N 75  
687 C65 H65  sing N N 76  
687 C66 C67  sing Y N 77  
687 C66 H66  sing N N 78  
687 C67 H67  sing N N 79  
687 C75 H75  sing N N 80  
ALA N   CA   sing N N 81  
ALA N   H    sing N N 82  
ALA N   H2   sing N N 83  
ALA CA  C    sing N N 84  
ALA CA  CB   sing N N 85  
ALA CA  HA   sing N N 86  
ALA C   O    doub N N 87  
ALA C   OXT  sing N N 88  
ALA CB  HB1  sing N N 89  
ALA CB  HB2  sing N N 90  
ALA CB  HB3  sing N N 91  
ALA OXT HXT  sing N N 92  
ARG N   CA   sing N N 93  
ARG N   H    sing N N 94  
ARG N   H2   sing N N 95  
ARG CA  C    sing N N 96  
ARG CA  CB   sing N N 97  
ARG CA  HA   sing N N 98  
ARG C   O    doub N N 99  
ARG C   OXT  sing N N 100 
ARG CB  CG   sing N N 101 
ARG CB  HB2  sing N N 102 
ARG CB  HB3  sing N N 103 
ARG CG  CD   sing N N 104 
ARG CG  HG2  sing N N 105 
ARG CG  HG3  sing N N 106 
ARG CD  NE   sing N N 107 
ARG CD  HD2  sing N N 108 
ARG CD  HD3  sing N N 109 
ARG NE  CZ   sing N N 110 
ARG NE  HE   sing N N 111 
ARG CZ  NH1  sing N N 112 
ARG CZ  NH2  doub N N 113 
ARG NH1 HH11 sing N N 114 
ARG NH1 HH12 sing N N 115 
ARG NH2 HH21 sing N N 116 
ARG NH2 HH22 sing N N 117 
ARG OXT HXT  sing N N 118 
ASN N   CA   sing N N 119 
ASN N   H    sing N N 120 
ASN N   H2   sing N N 121 
ASN CA  C    sing N N 122 
ASN CA  CB   sing N N 123 
ASN CA  HA   sing N N 124 
ASN C   O    doub N N 125 
ASN C   OXT  sing N N 126 
ASN CB  CG   sing N N 127 
ASN CB  HB2  sing N N 128 
ASN CB  HB3  sing N N 129 
ASN CG  OD1  doub N N 130 
ASN CG  ND2  sing N N 131 
ASN ND2 HD21 sing N N 132 
ASN ND2 HD22 sing N N 133 
ASN OXT HXT  sing N N 134 
ASP N   CA   sing N N 135 
ASP N   H    sing N N 136 
ASP N   H2   sing N N 137 
ASP CA  C    sing N N 138 
ASP CA  CB   sing N N 139 
ASP CA  HA   sing N N 140 
ASP C   O    doub N N 141 
ASP C   OXT  sing N N 142 
ASP CB  CG   sing N N 143 
ASP CB  HB2  sing N N 144 
ASP CB  HB3  sing N N 145 
ASP CG  OD1  doub N N 146 
ASP CG  OD2  sing N N 147 
ASP OD2 HD2  sing N N 148 
ASP OXT HXT  sing N N 149 
CYS N   CA   sing N N 150 
CYS N   H    sing N N 151 
CYS N   H2   sing N N 152 
CYS CA  C    sing N N 153 
CYS CA  CB   sing N N 154 
CYS CA  HA   sing N N 155 
CYS C   O    doub N N 156 
CYS C   OXT  sing N N 157 
CYS CB  SG   sing N N 158 
CYS CB  HB2  sing N N 159 
CYS CB  HB3  sing N N 160 
CYS SG  HG   sing N N 161 
CYS OXT HXT  sing N N 162 
GLN N   CA   sing N N 163 
GLN N   H    sing N N 164 
GLN N   H2   sing N N 165 
GLN CA  C    sing N N 166 
GLN CA  CB   sing N N 167 
GLN CA  HA   sing N N 168 
GLN C   O    doub N N 169 
GLN C   OXT  sing N N 170 
GLN CB  CG   sing N N 171 
GLN CB  HB2  sing N N 172 
GLN CB  HB3  sing N N 173 
GLN CG  CD   sing N N 174 
GLN CG  HG2  sing N N 175 
GLN CG  HG3  sing N N 176 
GLN CD  OE1  doub N N 177 
GLN CD  NE2  sing N N 178 
GLN NE2 HE21 sing N N 179 
GLN NE2 HE22 sing N N 180 
GLN OXT HXT  sing N N 181 
GLU N   CA   sing N N 182 
GLU N   H    sing N N 183 
GLU N   H2   sing N N 184 
GLU CA  C    sing N N 185 
GLU CA  CB   sing N N 186 
GLU CA  HA   sing N N 187 
GLU C   O    doub N N 188 
GLU C   OXT  sing N N 189 
GLU CB  CG   sing N N 190 
GLU CB  HB2  sing N N 191 
GLU CB  HB3  sing N N 192 
GLU CG  CD   sing N N 193 
GLU CG  HG2  sing N N 194 
GLU CG  HG3  sing N N 195 
GLU CD  OE1  doub N N 196 
GLU CD  OE2  sing N N 197 
GLU OE2 HE2  sing N N 198 
GLU OXT HXT  sing N N 199 
GLY N   CA   sing N N 200 
GLY N   H    sing N N 201 
GLY N   H2   sing N N 202 
GLY CA  C    sing N N 203 
GLY CA  HA2  sing N N 204 
GLY CA  HA3  sing N N 205 
GLY C   O    doub N N 206 
GLY C   OXT  sing N N 207 
GLY OXT HXT  sing N N 208 
HIS N   CA   sing N N 209 
HIS N   H    sing N N 210 
HIS N   H2   sing N N 211 
HIS CA  C    sing N N 212 
HIS CA  CB   sing N N 213 
HIS CA  HA   sing N N 214 
HIS C   O    doub N N 215 
HIS C   OXT  sing N N 216 
HIS CB  CG   sing N N 217 
HIS CB  HB2  sing N N 218 
HIS CB  HB3  sing N N 219 
HIS CG  ND1  sing Y N 220 
HIS CG  CD2  doub Y N 221 
HIS ND1 CE1  doub Y N 222 
HIS ND1 HD1  sing N N 223 
HIS CD2 NE2  sing Y N 224 
HIS CD2 HD2  sing N N 225 
HIS CE1 NE2  sing Y N 226 
HIS CE1 HE1  sing N N 227 
HIS NE2 HE2  sing N N 228 
HIS OXT HXT  sing N N 229 
HOH O   H1   sing N N 230 
HOH O   H2   sing N N 231 
ILE N   CA   sing N N 232 
ILE N   H    sing N N 233 
ILE N   H2   sing N N 234 
ILE CA  C    sing N N 235 
ILE CA  CB   sing N N 236 
ILE CA  HA   sing N N 237 
ILE C   O    doub N N 238 
ILE C   OXT  sing N N 239 
ILE CB  CG1  sing N N 240 
ILE CB  CG2  sing N N 241 
ILE CB  HB   sing N N 242 
ILE CG1 CD1  sing N N 243 
ILE CG1 HG12 sing N N 244 
ILE CG1 HG13 sing N N 245 
ILE CG2 HG21 sing N N 246 
ILE CG2 HG22 sing N N 247 
ILE CG2 HG23 sing N N 248 
ILE CD1 HD11 sing N N 249 
ILE CD1 HD12 sing N N 250 
ILE CD1 HD13 sing N N 251 
ILE OXT HXT  sing N N 252 
LEU N   CA   sing N N 253 
LEU N   H    sing N N 254 
LEU N   H2   sing N N 255 
LEU CA  C    sing N N 256 
LEU CA  CB   sing N N 257 
LEU CA  HA   sing N N 258 
LEU C   O    doub N N 259 
LEU C   OXT  sing N N 260 
LEU CB  CG   sing N N 261 
LEU CB  HB2  sing N N 262 
LEU CB  HB3  sing N N 263 
LEU CG  CD1  sing N N 264 
LEU CG  CD2  sing N N 265 
LEU CG  HG   sing N N 266 
LEU CD1 HD11 sing N N 267 
LEU CD1 HD12 sing N N 268 
LEU CD1 HD13 sing N N 269 
LEU CD2 HD21 sing N N 270 
LEU CD2 HD22 sing N N 271 
LEU CD2 HD23 sing N N 272 
LEU OXT HXT  sing N N 273 
LYS N   CA   sing N N 274 
LYS N   H    sing N N 275 
LYS N   H2   sing N N 276 
LYS CA  C    sing N N 277 
LYS CA  CB   sing N N 278 
LYS CA  HA   sing N N 279 
LYS C   O    doub N N 280 
LYS C   OXT  sing N N 281 
LYS CB  CG   sing N N 282 
LYS CB  HB2  sing N N 283 
LYS CB  HB3  sing N N 284 
LYS CG  CD   sing N N 285 
LYS CG  HG2  sing N N 286 
LYS CG  HG3  sing N N 287 
LYS CD  CE   sing N N 288 
LYS CD  HD2  sing N N 289 
LYS CD  HD3  sing N N 290 
LYS CE  NZ   sing N N 291 
LYS CE  HE2  sing N N 292 
LYS CE  HE3  sing N N 293 
LYS NZ  HZ1  sing N N 294 
LYS NZ  HZ2  sing N N 295 
LYS NZ  HZ3  sing N N 296 
LYS OXT HXT  sing N N 297 
PHE N   CA   sing N N 298 
PHE N   H    sing N N 299 
PHE N   H2   sing N N 300 
PHE CA  C    sing N N 301 
PHE CA  CB   sing N N 302 
PHE CA  HA   sing N N 303 
PHE C   O    doub N N 304 
PHE C   OXT  sing N N 305 
PHE CB  CG   sing N N 306 
PHE CB  HB2  sing N N 307 
PHE CB  HB3  sing N N 308 
PHE CG  CD1  doub Y N 309 
PHE CG  CD2  sing Y N 310 
PHE CD1 CE1  sing Y N 311 
PHE CD1 HD1  sing N N 312 
PHE CD2 CE2  doub Y N 313 
PHE CD2 HD2  sing N N 314 
PHE CE1 CZ   doub Y N 315 
PHE CE1 HE1  sing N N 316 
PHE CE2 CZ   sing Y N 317 
PHE CE2 HE2  sing N N 318 
PHE CZ  HZ   sing N N 319 
PHE OXT HXT  sing N N 320 
PRO N   CA   sing N N 321 
PRO N   CD   sing N N 322 
PRO N   H    sing N N 323 
PRO CA  C    sing N N 324 
PRO CA  CB   sing N N 325 
PRO CA  HA   sing N N 326 
PRO C   O    doub N N 327 
PRO C   OXT  sing N N 328 
PRO CB  CG   sing N N 329 
PRO CB  HB2  sing N N 330 
PRO CB  HB3  sing N N 331 
PRO CG  CD   sing N N 332 
PRO CG  HG2  sing N N 333 
PRO CG  HG3  sing N N 334 
PRO CD  HD2  sing N N 335 
PRO CD  HD3  sing N N 336 
PRO OXT HXT  sing N N 337 
SER N   CA   sing N N 338 
SER N   H    sing N N 339 
SER N   H2   sing N N 340 
SER CA  C    sing N N 341 
SER CA  CB   sing N N 342 
SER CA  HA   sing N N 343 
SER C   O    doub N N 344 
SER C   OXT  sing N N 345 
SER CB  OG   sing N N 346 
SER CB  HB2  sing N N 347 
SER CB  HB3  sing N N 348 
SER OG  HG   sing N N 349 
SER OXT HXT  sing N N 350 
THR N   CA   sing N N 351 
THR N   H    sing N N 352 
THR N   H2   sing N N 353 
THR CA  C    sing N N 354 
THR CA  CB   sing N N 355 
THR CA  HA   sing N N 356 
THR C   O    doub N N 357 
THR C   OXT  sing N N 358 
THR CB  OG1  sing N N 359 
THR CB  CG2  sing N N 360 
THR CB  HB   sing N N 361 
THR OG1 HG1  sing N N 362 
THR CG2 HG21 sing N N 363 
THR CG2 HG22 sing N N 364 
THR CG2 HG23 sing N N 365 
THR OXT HXT  sing N N 366 
TRP N   CA   sing N N 367 
TRP N   H    sing N N 368 
TRP N   H2   sing N N 369 
TRP CA  C    sing N N 370 
TRP CA  CB   sing N N 371 
TRP CA  HA   sing N N 372 
TRP C   O    doub N N 373 
TRP C   OXT  sing N N 374 
TRP CB  CG   sing N N 375 
TRP CB  HB2  sing N N 376 
TRP CB  HB3  sing N N 377 
TRP CG  CD1  doub Y N 378 
TRP CG  CD2  sing Y N 379 
TRP CD1 NE1  sing Y N 380 
TRP CD1 HD1  sing N N 381 
TRP CD2 CE2  doub Y N 382 
TRP CD2 CE3  sing Y N 383 
TRP NE1 CE2  sing Y N 384 
TRP NE1 HE1  sing N N 385 
TRP CE2 CZ2  sing Y N 386 
TRP CE3 CZ3  doub Y N 387 
TRP CE3 HE3  sing N N 388 
TRP CZ2 CH2  doub Y N 389 
TRP CZ2 HZ2  sing N N 390 
TRP CZ3 CH2  sing Y N 391 
TRP CZ3 HZ3  sing N N 392 
TRP CH2 HH2  sing N N 393 
TRP OXT HXT  sing N N 394 
TYR N   CA   sing N N 395 
TYR N   H    sing N N 396 
TYR N   H2   sing N N 397 
TYR CA  C    sing N N 398 
TYR CA  CB   sing N N 399 
TYR CA  HA   sing N N 400 
TYR C   O    doub N N 401 
TYR C   OXT  sing N N 402 
TYR CB  CG   sing N N 403 
TYR CB  HB2  sing N N 404 
TYR CB  HB3  sing N N 405 
TYR CG  CD1  doub Y N 406 
TYR CG  CD2  sing Y N 407 
TYR CD1 CE1  sing Y N 408 
TYR CD1 HD1  sing N N 409 
TYR CD2 CE2  doub Y N 410 
TYR CD2 HD2  sing N N 411 
TYR CE1 CZ   doub Y N 412 
TYR CE1 HE1  sing N N 413 
TYR CE2 CZ   sing Y N 414 
TYR CE2 HE2  sing N N 415 
TYR CZ  OH   sing N N 416 
TYR OH  HH   sing N N 417 
TYR OXT HXT  sing N N 418 
VAL N   CA   sing N N 419 
VAL N   H    sing N N 420 
VAL N   H2   sing N N 421 
VAL CA  C    sing N N 422 
VAL CA  CB   sing N N 423 
VAL CA  HA   sing N N 424 
VAL C   O    doub N N 425 
VAL C   OXT  sing N N 426 
VAL CB  CG1  sing N N 427 
VAL CB  CG2  sing N N 428 
VAL CB  HB   sing N N 429 
VAL CG1 HG11 sing N N 430 
VAL CG1 HG12 sing N N 431 
VAL CG1 HG13 sing N N 432 
VAL CG2 HG21 sing N N 433 
VAL CG2 HG22 sing N N 434 
VAL CG2 HG23 sing N N 435 
VAL OXT HXT  sing N N 436 
# 
_pdbx_initial_refinement_model.id               1 
_pdbx_initial_refinement_model.entity_id_list   ? 
_pdbx_initial_refinement_model.type             'experimental model' 
_pdbx_initial_refinement_model.source_name      PDB 
_pdbx_initial_refinement_model.accession_code   1SHD 
_pdbx_initial_refinement_model.details          ? 
# 
_atom_sites.entry_id                    1O45 
_atom_sites.fract_transf_matrix[1][1]   -0.00753815 
_atom_sites.fract_transf_matrix[1][2]   0.02030323 
_atom_sites.fract_transf_matrix[1][3]   0.03099154 
_atom_sites.fract_transf_matrix[2][1]   0.01634057 
_atom_sites.fract_transf_matrix[2][2]   0.00446013 
_atom_sites.fract_transf_matrix[2][3]   0.00105263 
_atom_sites.fract_transf_matrix[3][1]   -0.00284808 
_atom_sites.fract_transf_matrix[3][2]   0.01253628 
_atom_sites.fract_transf_matrix[3][3]   -0.00890553 
_atom_sites.fract_transf_vector[1]      0.395526 
_atom_sites.fract_transf_vector[2]      0.328078 
_atom_sites.fract_transf_vector[3]      0.312919 
# 
loop_
_atom_type.symbol 
C 
N 
O 
P 
S 
# 
loop_
_atom_site.group_PDB 
_atom_site.id 
_atom_site.type_symbol 
_atom_site.label_atom_id 
_atom_site.label_alt_id 
_atom_site.label_comp_id 
_atom_site.label_asym_id 
_atom_site.label_entity_id 
_atom_site.label_seq_id 
_atom_site.pdbx_PDB_ins_code 
_atom_site.Cartn_x 
_atom_site.Cartn_y 
_atom_site.Cartn_z 
_atom_site.occupancy 
_atom_site.B_iso_or_equiv 
_atom_site.pdbx_formal_charge 
_atom_site.auth_seq_id 
_atom_site.auth_comp_id 
_atom_site.auth_asym_id 
_atom_site.auth_atom_id 
_atom_site.pdbx_PDB_model_num 
ATOM   1    N N   . SER A 1 1   ? -0.667  -17.023 1.532   1.00 53.33 ? 1   SER A N   1 
ATOM   2    C CA  . SER A 1 1   ? 0.721   -16.470 1.668   1.00 53.27 ? 1   SER A CA  1 
ATOM   3    C C   . SER A 1 1   ? 0.889   -15.108 1.018   1.00 51.67 ? 1   SER A C   1 
ATOM   4    O O   . SER A 1 1   ? 0.750   -14.964 -0.209  1.00 51.44 ? 1   SER A O   1 
ATOM   5    C CB  . SER A 1 1   ? 1.780   -17.377 0.992   1.00 54.21 ? 1   SER A CB  1 
ATOM   6    O OG  . SER A 1 1   ? 3.095   -16.907 1.274   1.00 56.79 ? 1   SER A OG  1 
ATOM   7    N N   . ILE A 1 2   ? 1.237   -14.124 1.848   1.00 49.68 ? 2   ILE A N   1 
ATOM   8    C CA  . ILE A 1 2   ? 1.441   -12.750 1.398   1.00 47.97 ? 2   ILE A CA  1 
ATOM   9    C C   . ILE A 1 2   ? 2.613   -12.664 0.420   1.00 45.43 ? 2   ILE A C   1 
ATOM   10   O O   . ILE A 1 2   ? 2.593   -11.906 -0.538  1.00 44.82 ? 2   ILE A O   1 
ATOM   11   C CB  . ILE A 1 2   ? 1.706   -11.802 2.597   1.00 48.37 ? 2   ILE A CB  1 
ATOM   12   C CG1 . ILE A 1 2   ? 3.043   -12.205 3.314   1.00 49.25 ? 2   ILE A CG1 1 
ATOM   13   C CG2 . ILE A 1 2   ? 0.519   -11.866 3.575   1.00 48.13 ? 2   ILE A CG2 1 
ATOM   14   C CD1 . ILE A 1 2   ? 3.528   -11.221 4.349   1.00 50.41 ? 2   ILE A CD1 1 
ATOM   15   N N   . GLN A 1 3   ? 3.600   -13.519 0.628   1.00 44.00 ? 3   GLN A N   1 
ATOM   16   C CA  . GLN A 1 3   ? 4.791   -13.530 -0.209  1.00 42.81 ? 3   GLN A CA  1 
ATOM   17   C C   . GLN A 1 3   ? 4.479   -14.036 -1.609  1.00 39.90 ? 3   GLN A C   1 
ATOM   18   O O   . GLN A 1 3   ? 5.235   -13.803 -2.549  1.00 39.76 ? 3   GLN A O   1 
ATOM   19   C CB  . GLN A 1 3   ? 5.859   -14.296 0.499   1.00 46.00 ? 3   GLN A CB  1 
ATOM   20   C CG  . GLN A 1 3   ? 5.869   -13.976 2.008   1.00 50.44 ? 3   GLN A CG  1 
ATOM   21   C CD  . GLN A 1 3   ? 7.246   -14.006 2.591   1.00 53.27 ? 3   GLN A CD  1 
ATOM   22   O OE1 . GLN A 1 3   ? 8.032   -13.062 2.412   1.00 54.88 ? 3   GLN A OE1 1 
ATOM   23   N NE2 . GLN A 1 3   ? 7.571   -15.102 3.276   1.00 54.71 ? 3   GLN A NE2 1 
ATOM   24   N N   . ALA A 1 4   ? 3.351   -14.723 -1.735  1.00 35.58 ? 4   ALA A N   1 
ATOM   25   C CA  . ALA A 1 4   ? 2.911   -15.259 -3.005  1.00 31.68 ? 4   ALA A CA  1 
ATOM   26   C C   . ALA A 1 4   ? 2.236   -14.139 -3.766  1.00 28.59 ? 4   ALA A C   1 
ATOM   27   O O   . ALA A 1 4   ? 2.069   -14.217 -4.974  1.00 28.95 ? 4   ALA A O   1 
ATOM   28   C CB  . ALA A 1 4   ? 1.915   -16.421 -2.765  1.00 31.57 ? 4   ALA A CB  1 
ATOM   29   N N   . GLU A 1 5   ? 1.893   -13.057 -3.082  1.00 23.31 ? 5   GLU A N   1 
ATOM   30   C CA  . GLU A 1 5   ? 1.188   -11.968 -3.747  1.00 19.93 ? 5   GLU A CA  1 
ATOM   31   C C   . GLU A 1 5   ? 2.041   -11.149 -4.674  1.00 17.13 ? 5   GLU A C   1 
ATOM   32   O O   . GLU A 1 5   ? 3.088   -10.639 -4.283  1.00 16.62 ? 5   GLU A O   1 
ATOM   33   C CB  . GLU A 1 5   ? 0.426   -11.108 -2.662  1.00 20.65 ? 5   GLU A CB  1 
ATOM   34   C CG  . GLU A 1 5   ? -0.473  -12.004 -1.669  1.00 21.52 ? 5   GLU A CG  1 
ATOM   35   C CD  . GLU A 1 5   ? -1.653  -12.653 -2.386  1.00 21.53 ? 5   GLU A CD  1 
ATOM   36   O OE1 . GLU A 1 5   ? -2.089  -13.739 -1.963  1.00 23.60 ? 5   GLU A OE1 1 
ATOM   37   O OE2 . GLU A 1 5   ? -2.156  -12.067 -3.367  1.00 20.32 ? 5   GLU A OE2 1 
ATOM   38   N N   . GLU A 1 6   ? 1.566   -10.942 -5.899  1.00 14.65 ? 6   GLU A N   1 
ATOM   39   C CA  . GLU A 1 6   ? 2.326   -10.142 -6.852  1.00 13.51 ? 6   GLU A CA  1 
ATOM   40   C C   . GLU A 1 6   ? 2.535   -8.653  -6.349  1.00 13.43 ? 6   GLU A C   1 
ATOM   41   O O   . GLU A 1 6   ? 3.502   -8.004  -6.747  1.00 11.64 ? 6   GLU A O   1 
ATOM   42   C CB  . GLU A 1 6   ? 1.671   -10.127 -8.295  1.00 12.32 ? 6   GLU A CB  1 
ATOM   43   C CG  . GLU A 1 6   ? 0.419   -9.314  -8.452  1.00 10.37 ? 6   GLU A CG  1 
ATOM   44   C CD  . GLU A 1 6   ? -0.856  -10.047 -8.029  1.00 8.73  ? 6   GLU A CD  1 
ATOM   45   O OE1 . GLU A 1 6   ? -1.928  -9.468  -8.286  1.00 11.37 ? 6   GLU A OE1 1 
ATOM   46   O OE2 . GLU A 1 6   ? -0.798  -11.167 -7.457  1.00 10.78 ? 6   GLU A OE2 1 
ATOM   47   N N   . TRP A 1 7   ? 1.609   -8.144  -5.529  1.00 12.06 ? 7   TRP A N   1 
ATOM   48   C CA  . TRP A 1 7   ? 1.749   -6.781  -4.997  1.00 12.31 ? 7   TRP A CA  1 
ATOM   49   C C   . TRP A 1 7   ? 2.590   -6.725  -3.730  1.00 12.20 ? 7   TRP A C   1 
ATOM   50   O O   . TRP A 1 7   ? 2.809   -5.647  -3.183  1.00 12.66 ? 7   TRP A O   1 
ATOM   51   C CB  . TRP A 1 7   ? 0.382   -6.112  -4.760  1.00 9.60  ? 7   TRP A CB  1 
ATOM   52   C CG  . TRP A 1 7   ? -0.681  -7.008  -4.178  1.00 11.35 ? 7   TRP A CG  1 
ATOM   53   C CD1 . TRP A 1 7   ? -1.772  -7.515  -4.839  1.00 12.08 ? 7   TRP A CD1 1 
ATOM   54   C CD2 . TRP A 1 7   ? -0.790  -7.481  -2.821  1.00 12.05 ? 7   TRP A CD2 1 
ATOM   55   N NE1 . TRP A 1 7   ? -2.534  -8.266  -3.984  1.00 13.04 ? 7   TRP A NE1 1 
ATOM   56   C CE2 . TRP A 1 7   ? -1.956  -8.259  -2.744  1.00 12.57 ? 7   TRP A CE2 1 
ATOM   57   C CE3 . TRP A 1 7   ? -0.013  -7.306  -1.666  1.00 11.32 ? 7   TRP A CE3 1 
ATOM   58   C CZ2 . TRP A 1 7   ? -2.369  -8.869  -1.564  1.00 14.23 ? 7   TRP A CZ2 1 
ATOM   59   C CZ3 . TRP A 1 7   ? -0.423  -7.915  -0.495  1.00 12.76 ? 7   TRP A CZ3 1 
ATOM   60   C CH2 . TRP A 1 7   ? -1.589  -8.687  -0.452  1.00 14.75 ? 7   TRP A CH2 1 
ATOM   61   N N   . TYR A 1 8   ? 3.058   -7.868  -3.247  1.00 11.26 ? 8   TYR A N   1 
ATOM   62   C CA  . TYR A 1 8   ? 3.891   -7.862  -2.050  1.00 13.00 ? 8   TYR A CA  1 
ATOM   63   C C   . TYR A 1 8   ? 5.348   -7.795  -2.435  1.00 13.65 ? 8   TYR A C   1 
ATOM   64   O O   . TYR A 1 8   ? 5.923   -8.801  -2.879  1.00 14.82 ? 8   TYR A O   1 
ATOM   65   C CB  . TYR A 1 8   ? 3.736   -9.086  -1.293  1.00 14.33 ? 8   TYR A CB  1 
ATOM   66   C CG  . TYR A 1 8   ? 4.464   -9.012  0.030   1.00 18.04 ? 8   TYR A CG  1 
ATOM   67   C CD1 . TYR A 1 8   ? 4.161   -7.988  0.917   1.00 18.73 ? 8   TYR A CD1 1 
ATOM   68   C CD2 . TYR A 1 8   ? 5.494   -9.903  0.371   1.00 17.25 ? 8   TYR A CD2 1 
ATOM   69   C CE1 . TYR A 1 8   ? 4.861   -7.835  2.107   1.00 19.35 ? 8   TYR A CE1 1 
ATOM   70   C CE2 . TYR A 1 8   ? 6.199   -9.760  1.575   1.00 18.14 ? 8   TYR A CE2 1 
ATOM   71   C CZ  . TYR A 1 8   ? 5.874   -8.721  2.430   1.00 19.41 ? 8   TYR A CZ  1 
ATOM   72   O OH  . TYR A 1 8   ? 6.548   -8.560  3.617   1.00 21.58 ? 8   TYR A OH  1 
ATOM   73   N N   . PHE A 1 9   ? 5.957   -6.616  -2.305  1.00 13.22 ? 9   PHE A N   1 
ATOM   74   C CA  . PHE A 1 9   ? 7.370   -6.421  -2.669  1.00 13.50 ? 9   PHE A CA  1 
ATOM   75   C C   . PHE A 1 9   ? 8.372   -6.743  -1.563  1.00 15.12 ? 9   PHE A C   1 
ATOM   76   O O   . PHE A 1 9   ? 9.569   -6.511  -1.708  1.00 17.09 ? 9   PHE A O   1 
ATOM   77   C CB  . PHE A 1 9   ? 7.627   -5.029  -3.168  1.00 11.97 ? 9   PHE A CB  1 
ATOM   78   C CG  . PHE A 1 9   ? 7.046   -4.745  -4.532  1.00 11.74 ? 9   PHE A CG  1 
ATOM   79   C CD1 . PHE A 1 9   ? 5.889   -5.383  -4.968  1.00 11.92 ? 9   PHE A CD1 1 
ATOM   80   C CD2 . PHE A 1 9   ? 7.638   -3.808  -5.364  1.00 12.57 ? 9   PHE A CD2 1 
ATOM   81   C CE1 . PHE A 1 9   ? 5.328   -5.086  -6.219  1.00 10.78 ? 9   PHE A CE1 1 
ATOM   82   C CE2 . PHE A 1 9   ? 7.092   -3.495  -6.618  1.00 13.59 ? 9   PHE A CE2 1 
ATOM   83   C CZ  . PHE A 1 9   ? 5.924   -4.146  -7.043  1.00 12.44 ? 9   PHE A CZ  1 
ATOM   84   N N   . GLY A 1 10  ? 7.871   -7.234  -0.441  1.00 15.11 ? 10  GLY A N   1 
ATOM   85   C CA  . GLY A 1 10  ? 8.734   -7.620  0.649   1.00 15.47 ? 10  GLY A CA  1 
ATOM   86   C C   . GLY A 1 10  ? 9.659   -6.563  1.192   1.00 16.53 ? 10  GLY A C   1 
ATOM   87   O O   . GLY A 1 10  ? 9.265   -5.438  1.502   1.00 15.80 ? 10  GLY A O   1 
ATOM   88   N N   . LYS A 1 11  ? 10.925  -6.916  1.254   1.00 16.96 ? 11  LYS A N   1 
ATOM   89   C CA  . LYS A 1 11  ? 11.918  -6.019  1.790   1.00 18.82 ? 11  LYS A CA  1 
ATOM   90   C C   . LYS A 1 11  ? 12.535  -5.061  0.824   1.00 18.21 ? 11  LYS A C   1 
ATOM   91   O O   . LYS A 1 11  ? 13.640  -5.290  0.353   1.00 20.69 ? 11  LYS A O   1 
ATOM   92   C CB  . LYS A 1 11  ? 12.956  -6.839  2.571   1.00 21.61 ? 11  LYS A CB  1 
ATOM   93   C CG  . LYS A 1 11  ? 13.937  -5.997  3.333   1.00 25.53 ? 11  LYS A CG  1 
ATOM   94   C CD  . LYS A 1 11  ? 14.751  -7.026  4.040   1.00 26.71 ? 11  LYS A CD  1 
ATOM   95   C CE  . LYS A 1 11  ? 15.425  -6.068  4.997   1.00 28.26 ? 11  LYS A CE  1 
ATOM   96   N NZ  . LYS A 1 11  ? 16.710  -6.698  5.401   1.00 28.92 ? 11  LYS A NZ  1 
ATOM   97   N N   . ILE A 1 12  ? 11.788  -4.047  0.409   1.00 16.71 ? 12  ILE A N   1 
ATOM   98   C CA  . ILE A 1 12  ? 12.347  -3.010  -0.455  1.00 15.29 ? 12  ILE A CA  1 
ATOM   99   C C   . ILE A 1 12  ? 12.254  -1.730  0.409   1.00 14.56 ? 12  ILE A C   1 
ATOM   100  O O   . ILE A 1 12  ? 11.428  -1.683  1.307   1.00 14.07 ? 12  ILE A O   1 
ATOM   101  C CB  . ILE A 1 12  ? 11.601  -2.815  -1.798  1.00 15.62 ? 12  ILE A CB  1 
ATOM   102  C CG1 . ILE A 1 12  ? 10.181  -2.356  -1.598  1.00 14.52 ? 12  ILE A CG1 1 
ATOM   103  C CG2 . ILE A 1 12  ? 11.637  -4.107  -2.591  1.00 16.80 ? 12  ILE A CG2 1 
ATOM   104  C CD1 . ILE A 1 12  ? 9.651   -1.635  -2.821  1.00 15.42 ? 12  ILE A CD1 1 
ATOM   105  N N   . THR A 1 13  ? 13.079  -0.723  0.135   1.00 13.54 ? 13  THR A N   1 
ATOM   106  C CA  . THR A 1 13  ? 13.068  0.496   0.911   1.00 12.99 ? 13  THR A CA  1 
ATOM   107  C C   . THR A 1 13  ? 12.021  1.418   0.498   1.00 13.28 ? 13  THR A C   1 
ATOM   108  O O   . THR A 1 13  ? 11.368  1.230   -0.524  1.00 11.45 ? 13  THR A O   1 
ATOM   109  C CB  . THR A 1 13  ? 14.410  1.268   0.832   1.00 13.13 ? 13  THR A CB  1 
ATOM   110  O OG1 . THR A 1 13  ? 14.609  1.769   -0.500  1.00 10.02 ? 13  THR A OG1 1 
ATOM   111  C CG2 . THR A 1 13  ? 15.578  0.383   1.274   1.00 12.72 ? 13  THR A CG2 1 
ATOM   112  N N   . ARG A 1 14  ? 11.800  2.422   1.341   1.00 12.60 ? 14  ARG A N   1 
ATOM   113  C CA  . ARG A 1 14  ? 10.834  3.462   1.071   1.00 13.30 ? 14  ARG A CA  1 
ATOM   114  C C   . ARG A 1 14  ? 11.293  4.278   -0.180  1.00 13.75 ? 14  ARG A C   1 
ATOM   115  O O   . ARG A 1 14  ? 10.474  4.605   -1.054  1.00 13.34 ? 14  ARG A O   1 
ATOM   116  C CB  . ARG A 1 14  ? 10.716  4.366   2.294   1.00 14.04 ? 14  ARG A CB  1 
ATOM   117  C CG  . ARG A 1 14  ? 10.070  5.692   2.023   1.00 17.73 ? 14  ARG A CG  1 
ATOM   118  C CD  . ARG A 1 14  ? 10.060  6.261   3.431   1.00 21.44 ? 14  ARG A CD  1 
ATOM   119  N NE  . ARG A 1 14  ? 9.317   7.493   3.426   1.00 24.29 ? 14  ARG A NE  1 
ATOM   120  C CZ  . ARG A 1 14  ? 8.149   7.667   4.021   1.00 23.01 ? 14  ARG A CZ  1 
ATOM   121  N NH1 . ARG A 1 14  ? 7.569   8.840   3.904   1.00 25.51 ? 14  ARG A NH1 1 
ATOM   122  N NH2 . ARG A 1 14  ? 7.605   6.721   4.785   1.00 24.11 ? 14  ARG A NH2 1 
ATOM   123  N N   . ARG A 1 15  ? 12.594  4.584   -0.258  1.00 12.69 ? 15  ARG A N   1 
ATOM   124  C CA  . ARG A 1 15  ? 13.112  5.359   -1.389  1.00 11.05 ? 15  ARG A CA  1 
ATOM   125  C C   . ARG A 1 15  ? 12.877  4.551   -2.722  1.00 8.79  ? 15  ARG A C   1 
ATOM   126  O O   . ARG A 1 15  ? 12.461  5.106   -3.729  1.00 9.24  ? 15  ARG A O   1 
ATOM   127  C CB  . ARG A 1 15  ? 14.629  5.671   -1.192  1.00 10.78 ? 15  ARG A CB  1 
ATOM   128  C CG  . ARG A 1 15  ? 15.282  6.314   -2.436  1.00 13.86 ? 15  ARG A CG  1 
ATOM   129  C CD  . ARG A 1 15  ? 16.724  6.807   -2.235  1.00 15.10 ? 15  ARG A CD  1 
ATOM   130  N NE  . ARG A 1 15  ? 17.270  7.449   -3.435  1.00 16.67 ? 15  ARG A NE  1 
ATOM   131  C CZ  . ARG A 1 15  ? 17.098  8.732   -3.771  1.00 19.30 ? 15  ARG A CZ  1 
ATOM   132  N NH1 . ARG A 1 15  ? 16.377  9.554   -2.999  1.00 19.00 ? 15  ARG A NH1 1 
ATOM   133  N NH2 . ARG A 1 15  ? 17.680  9.212   -4.872  1.00 21.14 ? 15  ARG A NH2 1 
ATOM   134  N N   . GLU A 1 16  ? 13.134  3.255   -2.663  1.00 10.76 ? 16  GLU A N   1 
ATOM   135  C CA  . GLU A 1 16  ? 12.945  2.372   -3.818  1.00 13.55 ? 16  GLU A CA  1 
ATOM   136  C C   . GLU A 1 16  ? 11.403  2.342   -4.215  1.00 14.07 ? 16  GLU A C   1 
ATOM   137  O O   . GLU A 1 16  ? 11.062  2.563   -5.383  1.00 12.82 ? 16  GLU A O   1 
ATOM   138  C CB  . GLU A 1 16  ? 13.542  0.964   -3.507  1.00 15.89 ? 16  GLU A CB  1 
ATOM   139  C CG  . GLU A 1 16  ? 13.278  -0.111  -4.569  1.00 19.64 ? 16  GLU A CG  1 
ATOM   140  C CD  . GLU A 1 16  ? 13.899  0.207   -5.917  1.00 21.07 ? 16  GLU A CD  1 
ATOM   141  O OE1 . GLU A 1 16  ? 13.777  -0.638  -6.828  1.00 25.62 ? 16  GLU A OE1 1 
ATOM   142  O OE2 . GLU A 1 16  ? 14.498  1.282   -6.091  1.00 20.78 ? 16  GLU A OE2 1 
ATOM   143  N N   . SER A 1 17  ? 10.520  2.175   -3.227  1.00 11.43 ? 17  SER A N   1 
ATOM   144  C CA  . SER A 1 17  ? 9.099   2.190   -3.505  1.00 10.51 ? 17  SER A CA  1 
ATOM   145  C C   . SER A 1 17  ? 8.735   3.504   -4.232  1.00 10.57 ? 17  SER A C   1 
ATOM   146  O O   . SER A 1 17  ? 7.964   3.499   -5.210  1.00 9.70  ? 17  SER A O   1 
ATOM   147  C CB  . SER A 1 17  ? 8.317   1.869   -2.207  1.00 10.55 ? 17  SER A CB  1 
ATOM   148  O OG  . SER A 1 17  ? 8.119   3.038   -1.430  1.00 14.52 ? 17  SER A OG  1 
ATOM   149  N N   . GLU A 1 18  ? 9.306   4.630   -3.788  1.00 9.78  ? 18  GLU A N   1 
ATOM   150  C CA  . GLU A 1 18  ? 9.042   5.902   -4.434  1.00 10.19 ? 18  GLU A CA  1 
ATOM   151  C C   . GLU A 1 18  ? 9.626   5.967   -5.839  1.00 10.12 ? 18  GLU A C   1 
ATOM   152  O O   . GLU A 1 18  ? 9.013   6.519   -6.740  1.00 10.82 ? 18  GLU A O   1 
ATOM   153  C CB  . GLU A 1 18  ? 9.564   7.081   -3.577  1.00 12.68 ? 18  GLU A CB  1 
ATOM   154  C CG  . GLU A 1 18  ? 8.849   7.114   -2.195  1.00 14.72 ? 18  GLU A CG  1 
ATOM   155  C CD  . GLU A 1 18  ? 9.362   8.198   -1.264  1.00 17.91 ? 18  GLU A CD  1 
ATOM   156  O OE1 . GLU A 1 18  ? 8.622   8.547   -0.317  1.00 16.14 ? 18  GLU A OE1 1 
ATOM   157  O OE2 . GLU A 1 18  ? 10.496  8.690   -1.471  1.00 19.18 ? 18  GLU A OE2 1 
ATOM   158  N N   . ARG A 1 19  ? 10.807  5.403   -6.028  1.00 10.82 ? 19  ARG A N   1 
ATOM   159  C CA  . ARG A 1 19  ? 11.428  5.424   -7.343  1.00 12.71 ? 19  ARG A CA  1 
ATOM   160  C C   . ARG A 1 19  ? 10.442  4.652   -8.354  1.00 12.78 ? 19  ARG A C   1 
ATOM   161  O O   . ARG A 1 19  ? 10.123  5.156   -9.428  1.00 15.39 ? 19  ARG A O   1 
ATOM   162  C CB  . ARG A 1 19  ? 12.761  4.642   -7.338  1.00 13.54 ? 19  ARG A CB  1 
ATOM   163  C CG  . ARG A 1 19  ? 13.603  4.859   -8.653  1.00 17.00 ? 19  ARG A CG  1 
ATOM   164  C CD  . ARG A 1 19  ? 14.865  4.023   -8.738  1.00 18.21 ? 19  ARG A CD  1 
ATOM   165  N NE  . ARG A 1 19  ? 14.589  2.584   -8.628  1.00 22.76 ? 19  ARG A NE  1 
ATOM   166  C CZ  . ARG A 1 19  ? 14.291  1.781   -9.653  1.00 23.55 ? 19  ARG A CZ  1 
ATOM   167  N NH1 . ARG A 1 19  ? 14.218  2.272   -10.896 1.00 25.81 ? 19  ARG A NH1 1 
ATOM   168  N NH2 . ARG A 1 19  ? 14.111  0.481   -9.444  1.00 21.14 ? 19  ARG A NH2 1 
ATOM   169  N N   . LEU A 1 20  ? 9.991   3.479   -7.936  1.00 12.27 ? 20  LEU A N   1 
ATOM   170  C CA  . LEU A 1 20  ? 9.076   2.662   -8.711  1.00 12.31 ? 20  LEU A CA  1 
ATOM   171  C C   . LEU A 1 20  ? 7.719   3.320   -8.915  1.00 12.77 ? 20  LEU A C   1 
ATOM   172  O O   . LEU A 1 20  ? 7.169   3.275   -10.014 1.00 13.02 ? 20  LEU A O   1 
ATOM   173  C CB  . LEU A 1 20  ? 8.872   1.360   -8.038  1.00 12.82 ? 20  LEU A CB  1 
ATOM   174  C CG  . LEU A 1 20  ? 10.115  0.403   -7.966  1.00 13.65 ? 20  LEU A CG  1 
ATOM   175  C CD1 . LEU A 1 20  ? 9.729   -0.893  -7.280  1.00 14.65 ? 20  LEU A CD1 1 
ATOM   176  C CD2 . LEU A 1 20  ? 10.642  0.131   -9.381  1.00 15.14 ? 20  LEU A CD2 1 
ATOM   177  N N   . LEU A 1 21  ? 7.193   4.002   -7.893  1.00 12.09 ? 21  LEU A N   1 
ATOM   178  C CA  . LEU A 1 21  ? 5.874   4.630   -8.012  1.00 10.36 ? 21  LEU A CA  1 
ATOM   179  C C   . LEU A 1 21  ? 5.846   5.927   -8.756  1.00 10.53 ? 21  LEU A C   1 
ATOM   180  O O   . LEU A 1 21  ? 4.830   6.284   -9.364  1.00 10.51 ? 21  LEU A O   1 
ATOM   181  C CB  . LEU A 1 21  ? 5.185   4.681   -6.589  1.00 10.34 ? 21  LEU A CB  1 
ATOM   182  C CG  . LEU A 1 21  ? 4.726   3.290   -6.044  1.00 10.48 ? 21  LEU A CG  1 
ATOM   183  C CD1 . LEU A 1 21  ? 4.617   3.281   -4.529  1.00 9.90  ? 21  LEU A CD1 1 
ATOM   184  C CD2 . LEU A 1 21  ? 3.424   2.828   -6.720  1.00 10.63 ? 21  LEU A CD2 1 
ATOM   185  N N   . LEU A 1 22  ? 6.961   6.637   -8.764  1.00 10.35 ? 22  LEU A N   1 
ATOM   186  C CA  . LEU A 1 22  ? 7.024   7.913   -9.446  1.00 12.49 ? 22  LEU A CA  1 
ATOM   187  C C   . LEU A 1 22  ? 7.261   7.800   -10.916 1.00 14.55 ? 22  LEU A C   1 
ATOM   188  O O   . LEU A 1 22  ? 8.086   8.501   -11.466 1.00 17.15 ? 22  LEU A O   1 
ATOM   189  C CB  . LEU A 1 22  ? 8.067   8.802   -8.817  1.00 14.04 ? 22  LEU A CB  1 
ATOM   190  C CG  . LEU A 1 22  ? 7.752   9.234   -7.380  1.00 17.03 ? 22  LEU A CG  1 
ATOM   191  C CD1 . LEU A 1 22  ? 9.027   9.851   -6.766  1.00 18.29 ? 22  LEU A CD1 1 
ATOM   192  C CD2 . LEU A 1 22  ? 6.557   10.227  -7.365  1.00 17.77 ? 22  LEU A CD2 1 
ATOM   193  N N   . ASN A 1 23  ? 6.551   6.895   -11.565 1.00 16.42 ? 23  ASN A N   1 
ATOM   194  C CA  . ASN A 1 23  ? 6.682   6.717   -13.007 1.00 15.96 ? 23  ASN A CA  1 
ATOM   195  C C   . ASN A 1 23  ? 5.445   7.396   -13.592 1.00 14.57 ? 23  ASN A C   1 
ATOM   196  O O   . ASN A 1 23  ? 4.345   7.118   -13.152 1.00 12.46 ? 23  ASN A O   1 
ATOM   197  C CB  . ASN A 1 23  ? 6.749   5.257   -13.297 1.00 17.98 ? 23  ASN A CB  1 
ATOM   198  C CG  . ASN A 1 23  ? 6.942   4.959   -14.780 1.00 19.67 ? 23  ASN A CG  1 
ATOM   199  O OD1 . ASN A 1 23  ? 6.333   5.592   -15.644 1.00 18.62 ? 23  ASN A OD1 1 
ATOM   200  N ND2 . ASN A 1 23  ? 7.784   3.968   -15.076 1.00 22.73 ? 23  ASN A ND2 1 
ATOM   201  N N   . ALA A 1 24  ? 5.641   8.332   -14.528 1.00 14.35 ? 24  ALA A N   1 
ATOM   202  C CA  . ALA A 1 24  ? 4.564   9.095   -15.188 1.00 14.10 ? 24  ALA A CA  1 
ATOM   203  C C   . ALA A 1 24  ? 3.506   8.231   -15.806 1.00 13.46 ? 24  ALA A C   1 
ATOM   204  O O   . ALA A 1 24  ? 2.391   8.685   -16.082 1.00 13.92 ? 24  ALA A O   1 
ATOM   205  C CB  . ALA A 1 24  ? 5.153   10.021  -16.257 1.00 15.38 ? 24  ALA A CB  1 
ATOM   206  N N   . GLU A 1 25  ? 3.841   6.974   -16.058 1.00 13.30 ? 25  GLU A N   1 
ATOM   207  C CA  . GLU A 1 25  ? 2.866   6.065   -16.635 1.00 14.36 ? 25  GLU A CA  1 
ATOM   208  C C   . GLU A 1 25  ? 1.930   5.439   -15.617 1.00 14.02 ? 25  GLU A C   1 
ATOM   209  O O   . GLU A 1 25  ? 0.931   4.821   -15.991 1.00 12.00 ? 25  GLU A O   1 
ATOM   210  C CB  . GLU A 1 25  ? 3.549   4.989   -17.371 1.00 16.19 ? 25  GLU A CB  1 
ATOM   211  C CG  . GLU A 1 25  ? 4.071   5.479   -18.726 1.00 21.30 ? 25  GLU A CG  1 
ATOM   212  C CD  . GLU A 1 25  ? 4.847   4.415   -19.468 1.00 23.03 ? 25  GLU A CD  1 
ATOM   213  O OE1 . GLU A 1 25  ? 5.737   4.796   -20.239 1.00 25.54 ? 25  GLU A OE1 1 
ATOM   214  O OE2 . GLU A 1 25  ? 4.587   3.213   -19.259 1.00 24.72 ? 25  GLU A OE2 1 
ATOM   215  N N   . ASN A 1 26  ? 2.247   5.590   -14.330 1.00 11.79 ? 26  ASN A N   1 
ATOM   216  C CA  . ASN A 1 26  ? 1.419   4.994   -13.281 1.00 11.67 ? 26  ASN A CA  1 
ATOM   217  C C   . ASN A 1 26  ? 0.163   5.808   -13.011 1.00 11.24 ? 26  ASN A C   1 
ATOM   218  O O   . ASN A 1 26  ? 0.258   7.012   -12.727 1.00 11.71 ? 26  ASN A O   1 
ATOM   219  C CB  . ASN A 1 26  ? 2.196   4.934   -11.962 1.00 8.48  ? 26  ASN A CB  1 
ATOM   220  C CG  . ASN A 1 26  ? 3.278   3.878   -11.983 1.00 11.89 ? 26  ASN A CG  1 
ATOM   221  O OD1 . ASN A 1 26  ? 3.207   2.945   -12.773 1.00 11.47 ? 26  ASN A OD1 1 
ATOM   222  N ND2 . ASN A 1 26  ? 4.254   3.972   -11.071 1.00 11.75 ? 26  ASN A ND2 1 
ATOM   223  N N   . PRO A 1 27  ? -1.031  5.213   -13.202 1.00 10.55 ? 27  PRO A N   1 
ATOM   224  C CA  . PRO A 1 27  ? -2.199  6.063   -12.896 1.00 10.99 ? 27  PRO A CA  1 
ATOM   225  C C   . PRO A 1 27  ? -2.358  6.138   -11.295 1.00 9.25  ? 27  PRO A C   1 
ATOM   226  O O   . PRO A 1 27  ? -1.711  5.377   -10.543 1.00 7.63  ? 27  PRO A O   1 
ATOM   227  C CB  . PRO A 1 27  ? -3.402  5.268   -13.520 1.00 10.10 ? 27  PRO A CB  1 
ATOM   228  C CG  . PRO A 1 27  ? -2.970  3.886   -13.410 1.00 13.26 ? 27  PRO A CG  1 
ATOM   229  C CD  . PRO A 1 27  ? -1.458  3.914   -13.758 1.00 10.43 ? 27  PRO A CD  1 
ATOM   230  N N   . ARG A 1 28  ? -3.308  6.941   -10.838 1.00 9.86  ? 28  ARG A N   1 
ATOM   231  C CA  . ARG A 1 28  ? -3.526  7.043   -9.396  1.00 11.50 ? 28  ARG A CA  1 
ATOM   232  C C   . ARG A 1 28  ? -3.908  5.706   -8.831  1.00 10.60 ? 28  ARG A C   1 
ATOM   233  O O   . ARG A 1 28  ? -4.670  4.952   -9.452  1.00 11.38 ? 28  ARG A O   1 
ATOM   234  C CB  . ARG A 1 28  ? -4.651  8.056   -9.105  1.00 11.73 ? 28  ARG A CB  1 
ATOM   235  C CG  . ARG A 1 28  ? -4.346  9.434   -9.630  1.00 15.97 ? 28  ARG A CG  1 
ATOM   236  C CD  . ARG A 1 28  ? -5.551  10.309  -9.464  1.00 18.08 ? 28  ARG A CD  1 
ATOM   237  N NE  . ARG A 1 28  ? -5.766  10.589  -8.048  1.00 21.18 ? 28  ARG A NE  1 
ATOM   238  C CZ  . ARG A 1 28  ? -6.858  11.164  -7.550  1.00 22.36 ? 28  ARG A CZ  1 
ATOM   239  N NH1 . ARG A 1 28  ? -7.868  11.489  -8.356  1.00 22.06 ? 28  ARG A NH1 1 
ATOM   240  N NH2 . ARG A 1 28  ? -6.873  11.553  -6.281  1.00 20.12 ? 28  ARG A NH2 1 
ATOM   241  N N   . GLY A 1 29  ? -3.390  5.373   -7.651  1.00 9.12  ? 29  GLY A N   1 
ATOM   242  C CA  . GLY A 1 29  ? -3.757  4.094   -7.065  1.00 9.75  ? 29  GLY A CA  1 
ATOM   243  C C   . GLY A 1 29  ? -2.811  2.945   -7.350  1.00 8.57  ? 29  GLY A C   1 
ATOM   244  O O   . GLY A 1 29  ? -3.048  1.835   -6.877  1.00 9.98  ? 29  GLY A O   1 
ATOM   245  N N   . THR A 1 30  ? -1.772  3.193   -8.150  1.00 9.74  ? 30  THR A N   1 
ATOM   246  C CA  . THR A 1 30  ? -0.757  2.176   -8.413  1.00 9.60  ? 30  THR A CA  1 
ATOM   247  C C   . THR A 1 30  ? -0.159  1.962   -7.054  1.00 9.17  ? 30  THR A C   1 
ATOM   248  O O   . THR A 1 30  ? 0.134   2.920   -6.347  1.00 9.36  ? 30  THR A O   1 
ATOM   249  C CB  . THR A 1 30  ? 0.302   2.672   -9.436  1.00 8.64  ? 30  THR A CB  1 
ATOM   250  O OG1 . THR A 1 30  ? -0.339  2.946   -10.693 1.00 10.13 ? 30  THR A OG1 1 
ATOM   251  C CG2 . THR A 1 30  ? 1.418   1.632   -9.610  1.00 9.60  ? 30  THR A CG2 1 
ATOM   252  N N   . PHE A 1 31  ? 0.074   0.716   -6.690  1.00 8.92  ? 31  PHE A N   1 
ATOM   253  C CA  . PHE A 1 31  ? 0.522   0.411   -5.359  1.00 8.72  ? 31  PHE A CA  1 
ATOM   254  C C   . PHE A 1 31  ? 1.368   -0.836  -5.181  1.00 9.73  ? 31  PHE A C   1 
ATOM   255  O O   . PHE A 1 31  ? 1.505   -1.655  -6.091  1.00 9.79  ? 31  PHE A O   1 
ATOM   256  C CB  . PHE A 1 31  ? -0.769  0.192   -4.471  1.00 7.59  ? 31  PHE A CB  1 
ATOM   257  C CG  . PHE A 1 31  ? -1.475  -1.128  -4.734  1.00 6.96  ? 31  PHE A CG  1 
ATOM   258  C CD1 . PHE A 1 31  ? -1.261  -2.220  -3.892  1.00 6.36  ? 31  PHE A CD1 1 
ATOM   259  C CD2 . PHE A 1 31  ? -2.307  -1.289  -5.852  1.00 7.63  ? 31  PHE A CD2 1 
ATOM   260  C CE1 . PHE A 1 31  ? -1.860  -3.476  -4.151  1.00 7.81  ? 31  PHE A CE1 1 
ATOM   261  C CE2 . PHE A 1 31  ? -2.913  -2.536  -6.127  1.00 6.96  ? 31  PHE A CE2 1 
ATOM   262  C CZ  . PHE A 1 31  ? -2.686  -3.633  -5.277  1.00 6.74  ? 31  PHE A CZ  1 
ATOM   263  N N   . LEU A 1 32  ? 1.918   -0.986  -3.981  1.00 7.93  ? 32  LEU A N   1 
ATOM   264  C CA  . LEU A 1 32  ? 2.708   -2.136  -3.593  1.00 7.61  ? 32  LEU A CA  1 
ATOM   265  C C   . LEU A 1 32  ? 2.638   -2.198  -2.021  1.00 8.69  ? 32  LEU A C   1 
ATOM   266  O O   . LEU A 1 32  ? 2.315   -1.203  -1.368  1.00 8.80  ? 32  LEU A O   1 
ATOM   267  C CB  . LEU A 1 32  ? 4.128   -1.975  -4.072  1.00 6.54  ? 32  LEU A CB  1 
ATOM   268  C CG  . LEU A 1 32  ? 4.940   -0.745  -3.551  1.00 7.31  ? 32  LEU A CG  1 
ATOM   269  C CD1 . LEU A 1 32  ? 5.665   -1.162  -2.238  1.00 7.77  ? 32  LEU A CD1 1 
ATOM   270  C CD2 . LEU A 1 32  ? 5.961   -0.262  -4.592  1.00 10.63 ? 32  LEU A CD2 1 
ATOM   271  N N   . VAL A 1 33  ? 2.892   -3.368  -1.473  1.00 6.46  ? 33  VAL A N   1 
ATOM   272  C CA  . VAL A 1 33  ? 2.926   -3.552  -0.039  1.00 8.66  ? 33  VAL A CA  1 
ATOM   273  C C   . VAL A 1 33  ? 4.347   -4.021  0.212   1.00 9.60  ? 33  VAL A C   1 
ATOM   274  O O   . VAL A 1 33  ? 4.883   -4.843  -0.535  1.00 11.83 ? 33  VAL A O   1 
ATOM   275  C CB  . VAL A 1 33  ? 1.901   -4.589  0.427   1.00 6.17  ? 33  VAL A CB  1 
ATOM   276  C CG1 . VAL A 1 33  ? 2.101   -4.910  1.929   1.00 9.52  ? 33  VAL A CG1 1 
ATOM   277  C CG2 . VAL A 1 33  ? 0.478   -4.082  0.108   1.00 5.29  ? 33  VAL A CG2 1 
ATOM   278  N N   . ARG A 1 34  ? 5.001   -3.440  1.206   1.00 9.11  ? 34  ARG A N   1 
ATOM   279  C CA  . ARG A 1 34  ? 6.377   -3.815  1.547   1.00 9.67  ? 34  ARG A CA  1 
ATOM   280  C C   . ARG A 1 34  ? 6.540   -3.852  3.091   1.00 11.42 ? 34  ARG A C   1 
ATOM   281  O O   . ARG A 1 34  ? 5.595   -3.546  3.839   1.00 11.51 ? 34  ARG A O   1 
ATOM   282  C CB  . ARG A 1 34  ? 7.325   -2.786  0.978   1.00 9.59  ? 34  ARG A CB  1 
ATOM   283  C CG  . ARG A 1 34  ? 6.993   -1.292  1.426   1.00 8.72  ? 34  ARG A CG  1 
ATOM   284  C CD  . ARG A 1 34  ? 7.904   -0.259  0.913   1.00 8.89  ? 34  ARG A CD  1 
ATOM   285  N NE  . ARG A 1 34  ? 7.552   1.098   1.320   1.00 10.34 ? 34  ARG A NE  1 
ATOM   286  C CZ  . ARG A 1 34  ? 7.954   1.686   2.454   1.00 10.91 ? 34  ARG A CZ  1 
ATOM   287  N NH1 . ARG A 1 34  ? 7.587   2.931   2.695   1.00 10.58 ? 34  ARG A NH1 1 
ATOM   288  N NH2 . ARG A 1 34  ? 8.708   1.036   3.332   1.00 9.47  ? 34  ARG A NH2 1 
ATOM   289  N N   . GLU A 1 35  ? 7.701   -4.278  3.562   1.00 11.73 ? 35  GLU A N   1 
ATOM   290  C CA  . GLU A 1 35  ? 7.949   -4.267  4.982   1.00 14.09 ? 35  GLU A CA  1 
ATOM   291  C C   . GLU A 1 35  ? 8.250   -2.816  5.326   1.00 14.53 ? 35  GLU A C   1 
ATOM   292  O O   . GLU A 1 35  ? 8.678   -2.028  4.479   1.00 12.82 ? 35  GLU A O   1 
ATOM   293  C CB  . GLU A 1 35  ? 9.144   -5.017  5.312   1.00 14.85 ? 35  GLU A CB  1 
ATOM   294  C CG  . GLU A 1 35  ? 8.904   -6.446  5.275   1.00 19.94 ? 35  GLU A CG  1 
ATOM   295  C CD  . GLU A 1 35  ? 10.082  -7.248  5.769   1.00 26.00 ? 35  GLU A CD  1 
ATOM   296  O OE1 . GLU A 1 35  ? 9.918   -8.485  5.873   1.00 28.58 ? 35  GLU A OE1 1 
ATOM   297  O OE2 . GLU A 1 35  ? 11.168  -6.662  6.065   1.00 28.15 ? 35  GLU A OE2 1 
ATOM   298  N N   . SER A 1 36  ? 7.888   -2.423  6.541   1.00 16.79 ? 36  SER A N   1 
ATOM   299  C CA  . SER A 1 36  ? 8.175   -1.073  7.001   1.00 16.59 ? 36  SER A CA  1 
ATOM   300  C C   . SER A 1 36  ? 9.747   -1.050  7.398   1.00 16.18 ? 36  SER A C   1 
ATOM   301  O O   . SER A 1 36  ? 10.270  -2.043  7.896   1.00 16.38 ? 36  SER A O   1 
ATOM   302  C CB  . SER A 1 36  ? 7.346   -0.800  8.256   1.00 17.41 ? 36  SER A CB  1 
ATOM   303  O OG  . SER A 1 36  ? 7.848   0.340   8.922   1.00 19.84 ? 36  SER A OG  1 
ATOM   304  N N   . GLU A 1 37  ? 10.444  0.048   7.142   1.00 16.78 ? 37  GLU A N   1 
ATOM   305  C CA  . GLU A 1 37  ? 11.865  0.159   7.512   1.00 19.85 ? 37  GLU A CA  1 
ATOM   306  C C   . GLU A 1 37  ? 12.005  0.444   9.051   1.00 22.99 ? 37  GLU A C   1 
ATOM   307  O O   . GLU A 1 37  ? 12.954  0.006   9.703   1.00 24.54 ? 37  GLU A O   1 
ATOM   308  C CB  . GLU A 1 37  ? 12.517  1.403   6.914   1.00 17.56 ? 37  GLU A CB  1 
ATOM   309  C CG  . GLU A 1 37  ? 12.551  1.421   5.402   1.00 17.35 ? 37  GLU A CG  1 
ATOM   310  C CD  . GLU A 1 37  ? 13.260  2.625   4.859   1.00 18.22 ? 37  GLU A CD  1 
ATOM   311  O OE1 . GLU A 1 37  ? 13.730  3.451   5.656   1.00 19.13 ? 37  GLU A OE1 1 
ATOM   312  O OE2 . GLU A 1 37  ? 13.358  2.777   3.633   1.00 19.80 ? 37  GLU A OE2 1 
ATOM   313  N N   . THR A 1 38  ? 10.985  1.098   9.588   1.00 26.21 ? 38  THR A N   1 
ATOM   314  C CA  . THR A 1 38  ? 10.946  1.527   10.980  1.00 29.77 ? 38  THR A CA  1 
ATOM   315  C C   . THR A 1 38  ? 10.155  0.656   11.962  1.00 30.94 ? 38  THR A C   1 
ATOM   316  O O   . THR A 1 38  ? 10.584  0.449   13.097  1.00 32.40 ? 38  THR A O   1 
ATOM   317  C CB  . THR A 1 38  ? 10.397  3.008   11.070  1.00 30.02 ? 38  THR A CB  1 
ATOM   318  O OG1 . THR A 1 38  ? 9.151   3.128   10.354  1.00 30.52 ? 38  THR A OG1 1 
ATOM   319  C CG2 . THR A 1 38  ? 11.387  3.992   10.440  1.00 30.89 ? 38  THR A CG2 1 
ATOM   320  N N   . THR A 1 39  ? 9.024   0.124   11.539  1.00 31.77 ? 39  THR A N   1 
ATOM   321  C CA  . THR A 1 39  ? 8.206   -0.647  12.459  1.00 32.48 ? 39  THR A CA  1 
ATOM   322  C C   . THR A 1 39  ? 8.225   -2.035  12.274  1.00 33.02 ? 39  THR A C   1 
ATOM   323  O O   . THR A 1 39  ? 7.630   -2.534  11.326  1.00 32.04 ? 39  THR A O   1 
ATOM   324  C CB  . THR A 1 39  ? 6.743   -0.193  12.381  1.00 33.22 ? 39  THR A CB  1 
ATOM   325  O OG1 . THR A 1 39  ? 6.677   1.239   12.467  1.00 34.74 ? 39  THR A OG1 1 
ATOM   326  C CG2 . THR A 1 39  ? 5.921   -0.837  13.499  1.00 33.51 ? 39  THR A CG2 1 
ATOM   327  N N   . LYS A 1 40  ? 8.841   -2.760  13.205  1.00 34.16 ? 40  LYS A N   1 
ATOM   328  C CA  . LYS A 1 40  ? 8.877   -4.220  13.108  1.00 35.46 ? 40  LYS A CA  1 
ATOM   329  C C   . LYS A 1 40  ? 7.410   -4.769  13.138  1.00 35.11 ? 40  LYS A C   1 
ATOM   330  O O   . LYS A 1 40  ? 6.549   -4.234  13.856  1.00 35.23 ? 40  LYS A O   1 
ATOM   331  C CB  . LYS A 1 40  ? 9.742   -4.843  14.266  1.00 37.89 ? 40  LYS A CB  1 
ATOM   332  C CG  . LYS A 1 40  ? 9.408   -6.310  14.540  1.00 40.21 ? 40  LYS A CG  1 
ATOM   333  C CD  . LYS A 1 40  ? 10.371  -7.208  15.294  1.00 43.77 ? 40  LYS A CD  1 
ATOM   334  C CE  . LYS A 1 40  ? 11.154  -8.047  14.248  1.00 47.14 ? 40  LYS A CE  1 
ATOM   335  N NZ  . LYS A 1 40  ? 11.155  -9.534  14.568  1.00 48.36 ? 40  LYS A NZ  1 
ATOM   336  N N   . GLY A 1 41  ? 7.144   -5.775  12.305  1.00 34.04 ? 41  GLY A N   1 
ATOM   337  C CA  . GLY A 1 41  ? 5.820   -6.369  12.250  1.00 31.90 ? 41  GLY A CA  1 
ATOM   338  C C   . GLY A 1 41  ? 4.729   -5.536  11.588  1.00 30.30 ? 41  GLY A C   1 
ATOM   339  O O   . GLY A 1 41  ? 3.554   -5.925  11.634  1.00 32.63 ? 41  GLY A O   1 
ATOM   340  N N   . ALA A 1 42  ? 5.076   -4.367  11.052  1.00 26.34 ? 42  ALA A N   1 
ATOM   341  C CA  . ALA A 1 42  ? 4.092   -3.545  10.361  1.00 22.91 ? 42  ALA A CA  1 
ATOM   342  C C   . ALA A 1 42  ? 4.583   -3.501  8.921   1.00 20.67 ? 42  ALA A C   1 
ATOM   343  O O   . ALA A 1 42  ? 5.756   -3.761  8.657   1.00 19.07 ? 42  ALA A O   1 
ATOM   344  C CB  . ALA A 1 42  ? 4.034   -2.144  10.941  1.00 23.43 ? 42  ALA A CB  1 
ATOM   345  N N   . TYR A 1 43  ? 3.677   -3.228  7.994   1.00 17.60 ? 43  TYR A N   1 
ATOM   346  C CA  . TYR A 1 43  ? 4.015   -3.139  6.581   1.00 16.47 ? 43  TYR A CA  1 
ATOM   347  C C   . TYR A 1 43  ? 3.639   -1.811  6.150   1.00 14.72 ? 43  TYR A C   1 
ATOM   348  O O   . TYR A 1 43  ? 2.993   -1.086  6.902   1.00 14.33 ? 43  TYR A O   1 
ATOM   349  C CB  . TYR A 1 43  ? 3.096   -4.083  5.698   1.00 17.91 ? 43  TYR A CB  1 
ATOM   350  C CG  . TYR A 1 43  ? 3.174   -5.542  6.082   1.00 20.19 ? 43  TYR A CG  1 
ATOM   351  C CD1 . TYR A 1 43  ? 2.286   -6.082  7.002   1.00 22.02 ? 43  TYR A CD1 1 
ATOM   352  C CD2 . TYR A 1 43  ? 4.149   -6.370  5.551   1.00 20.93 ? 43  TYR A CD2 1 
ATOM   353  C CE1 . TYR A 1 43  ? 2.366   -7.400  7.387   1.00 24.75 ? 43  TYR A CE1 1 
ATOM   354  C CE2 . TYR A 1 43  ? 4.239   -7.693  5.922   1.00 23.70 ? 43  TYR A CE2 1 
ATOM   355  C CZ  . TYR A 1 43  ? 3.343   -8.207  6.844   1.00 25.58 ? 43  TYR A CZ  1 
ATOM   356  O OH  . TYR A 1 43  ? 3.415   -9.532  7.231   1.00 28.52 ? 43  TYR A OH  1 
ATOM   357  N N   . CYS A 1 44  ? 4.043   -1.424  4.945   1.00 10.78 ? 44  CYS A N   1 
ATOM   358  C CA  . CYS A 1 44  ? 3.641   -0.157  4.406   1.00 10.17 ? 44  CYS A CA  1 
ATOM   359  C C   . CYS A 1 44  ? 2.977   -0.435  3.103   1.00 10.90 ? 44  CYS A C   1 
ATOM   360  O O   . CYS A 1 44  ? 3.408   -1.305  2.355   1.00 9.82  ? 44  CYS A O   1 
ATOM   361  C CB  . CYS A 1 44  ? 4.817   0.763   4.039   1.00 13.49 ? 44  CYS A CB  1 
ATOM   362  S SG  . CYS A 1 44  ? 5.806   1.340   5.456   1.00 17.45 ? 44  CYS A SG  1 
ATOM   363  N N   . LEU A 1 45  ? 1.881   0.259   2.858   1.00 9.29  ? 45  LEU A N   1 
ATOM   364  C CA  . LEU A 1 45  ? 1.154   0.188   1.614   1.00 9.56  ? 45  LEU A CA  1 
ATOM   365  C C   . LEU A 1 45  ? 1.559   1.502   0.904   1.00 10.44 ? 45  LEU A C   1 
ATOM   366  O O   . LEU A 1 45  ? 1.137   2.591   1.307   1.00 10.00 ? 45  LEU A O   1 
ATOM   367  C CB  . LEU A 1 45  ? -0.316  0.109   1.895   1.00 9.48  ? 45  LEU A CB  1 
ATOM   368  C CG  . LEU A 1 45  ? -1.249  0.454   0.696   1.00 10.15 ? 45  LEU A CG  1 
ATOM   369  C CD1 . LEU A 1 45  ? -1.058  -0.646  -0.419  1.00 9.26  ? 45  LEU A CD1 1 
ATOM   370  C CD2 . LEU A 1 45  ? -2.762  0.559   1.147   1.00 9.73  ? 45  LEU A CD2 1 
ATOM   371  N N   . SER A 1 46  ? 2.427   1.423   -0.101  1.00 8.69  ? 46  SER A N   1 
ATOM   372  C CA  . SER A 1 46  ? 2.873   2.630   -0.816  1.00 8.73  ? 46  SER A CA  1 
ATOM   373  C C   . SER A 1 46  ? 1.952   2.839   -2.019  1.00 9.15  ? 46  SER A C   1 
ATOM   374  O O   . SER A 1 46  ? 1.754   1.917   -2.845  1.00 8.58  ? 46  SER A O   1 
ATOM   375  C CB  . SER A 1 46  ? 4.360   2.533   -1.111  1.00 8.76  ? 46  SER A CB  1 
ATOM   376  O OG  . SER A 1 46  ? 5.089   2.317   0.090   1.00 9.13  ? 46  SER A OG  1 
ATOM   377  N N   . VAL A 1 47  ? 1.410   4.046   -2.140  1.00 7.21  ? 47  VAL A N   1 
ATOM   378  C CA  . VAL A 1 47  ? 0.421   4.326   -3.179  1.00 8.65  ? 47  VAL A CA  1 
ATOM   379  C C   . VAL A 1 47  ? 0.700   5.544   -3.978  1.00 8.81  ? 47  VAL A C   1 
ATOM   380  O O   . VAL A 1 47  ? 1.084   6.581   -3.434  1.00 9.06  ? 47  VAL A O   1 
ATOM   381  C CB  . VAL A 1 47  ? -1.029  4.432   -2.546  1.00 6.54  ? 47  VAL A CB  1 
ATOM   382  C CG1 . VAL A 1 47  ? -2.102  4.591   -3.632  1.00 6.14  ? 47  VAL A CG1 1 
ATOM   383  C CG2 . VAL A 1 47  ? -1.338  3.238   -1.642  1.00 7.90  ? 47  VAL A CG2 1 
ATOM   384  N N   . SER A 1 48  ? 0.503   5.461   -5.297  1.00 8.42  ? 48  SER A N   1 
ATOM   385  C CA  . SER A 1 48  ? 0.746   6.620   -6.121  1.00 9.64  ? 48  SER A CA  1 
ATOM   386  C C   . SER A 1 48  ? -0.545  7.466   -6.217  1.00 10.09 ? 48  SER A C   1 
ATOM   387  O O   . SER A 1 48  ? -1.668  6.949   -6.145  1.00 9.32  ? 48  SER A O   1 
ATOM   388  C CB  . SER A 1 48  ? 1.295   6.217   -7.549  1.00 10.01 ? 48  SER A CB  1 
ATOM   389  O OG  . SER A 1 48  ? 0.241   5.847   -8.420  1.00 11.58 ? 48  SER A OG  1 
ATOM   390  N N   . ASP A 1 49  ? -0.342  8.763   -6.403  1.00 11.45 ? 49  ASP A N   1 
ATOM   391  C CA  . ASP A 1 49  ? -1.440  9.685   -6.520  1.00 12.56 ? 49  ASP A CA  1 
ATOM   392  C C   . ASP A 1 49  ? -1.041  10.731  -7.474  1.00 12.47 ? 49  ASP A C   1 
ATOM   393  O O   . ASP A 1 49  ? 0.135   10.860  -7.835  1.00 13.65 ? 49  ASP A O   1 
ATOM   394  C CB  . ASP A 1 49  ? -1.755  10.336  -5.106  1.00 14.26 ? 49  ASP A CB  1 
ATOM   395  C CG  . ASP A 1 49  ? -3.112  11.066  -5.070  1.00 17.89 ? 49  ASP A CG  1 
ATOM   396  O OD1 . ASP A 1 49  ? -3.988  10.810  -5.926  1.00 15.94 ? 49  ASP A OD1 1 
ATOM   397  O OD2 . ASP A 1 49  ? -3.309  11.854  -4.118  1.00 18.95 ? 49  ASP A OD2 1 
ATOM   398  N N   . PHE A 1 50  ? -2.014  11.504  -7.914  1.00 11.82 ? 50  PHE A N   1 
ATOM   399  C CA  . PHE A 1 50  ? -1.739  12.575  -8.819  1.00 13.12 ? 50  PHE A CA  1 
ATOM   400  C C   . PHE A 1 50  ? -2.816  13.640  -8.680  1.00 13.87 ? 50  PHE A C   1 
ATOM   401  O O   . PHE A 1 50  ? -4.011  13.305  -8.628  1.00 13.29 ? 50  PHE A O   1 
ATOM   402  C CB  . PHE A 1 50  ? -1.796  12.047  -10.325 1.00 11.77 ? 50  PHE A CB  1 
ATOM   403  C CG  . PHE A 1 50  ? -1.512  13.108  -11.336 1.00 11.26 ? 50  PHE A CG  1 
ATOM   404  C CD1 . PHE A 1 50  ? -2.544  13.928  -11.814 1.00 10.41 ? 50  PHE A CD1 1 
ATOM   405  C CD2 . PHE A 1 50  ? -0.197  13.377  -11.702 1.00 10.31 ? 50  PHE A CD2 1 
ATOM   406  C CE1 . PHE A 1 50  ? -2.267  15.023  -12.631 1.00 11.24 ? 50  PHE A CE1 1 
ATOM   407  C CE2 . PHE A 1 50  ? 0.099   14.452  -12.509 1.00 11.04 ? 50  PHE A CE2 1 
ATOM   408  C CZ  . PHE A 1 50  ? -0.945  15.292  -12.974 1.00 12.43 ? 50  PHE A CZ  1 
ATOM   409  N N   . ASP A 1 51  ? -2.391  14.909  -8.608  1.00 14.80 ? 51  ASP A N   1 
ATOM   410  C CA  . ASP A 1 51  ? -3.335  16.040  -8.593  1.00 16.17 ? 51  ASP A CA  1 
ATOM   411  C C   . ASP A 1 51  ? -2.625  17.197  -9.177  1.00 15.83 ? 51  ASP A C   1 
ATOM   412  O O   . ASP A 1 51  ? -1.409  17.166  -9.321  1.00 15.81 ? 51  ASP A O   1 
ATOM   413  C CB  . ASP A 1 51  ? -4.122  16.172  -7.165  1.00 17.90 ? 51  ASP A CB  1 
ATOM   414  C CG  . ASP A 1 51  ? -3.257  16.724  -6.064  1.00 19.33 ? 51  ASP A CG  1 
ATOM   415  O OD1 . ASP A 1 51  ? -3.493  16.372  -4.906  1.00 20.43 ? 51  ASP A OD1 1 
ATOM   416  O OD2 . ASP A 1 51  ? -2.359  17.521  -6.349  1.00 18.93 ? 51  ASP A OD2 1 
ATOM   417  N N   . ASN A 1 52  ? -3.360  18.229  -9.571  1.00 17.97 ? 52  ASN A N   1 
ATOM   418  C CA  . ASN A 1 52  ? -2.730  19.399  -10.178 1.00 19.73 ? 52  ASN A CA  1 
ATOM   419  C C   . ASN A 1 52  ? -1.841  20.231  -9.199  1.00 20.40 ? 52  ASN A C   1 
ATOM   420  O O   . ASN A 1 52  ? -0.929  20.924  -9.627  1.00 21.78 ? 52  ASN A O   1 
ATOM   421  C CB  . ASN A 1 52  ? -3.774  20.278  -10.870 1.00 22.45 ? 52  ASN A CB  1 
ATOM   422  C CG  . ASN A 1 52  ? -4.384  19.613  -12.083 1.00 23.35 ? 52  ASN A CG  1 
ATOM   423  O OD1 . ASN A 1 52  ? -3.860  18.629  -12.607 1.00 25.36 ? 52  ASN A OD1 1 
ATOM   424  N ND2 . ASN A 1 52  ? -5.492  20.147  -12.537 1.00 23.95 ? 52  ASN A ND2 1 
ATOM   425  N N   . ALA A 1 53  ? -2.089  20.101  -7.904  1.00 20.28 ? 53  ALA A N   1 
ATOM   426  C CA  . ALA A 1 53  ? -1.307  20.829  -6.905  1.00 21.40 ? 53  ALA A CA  1 
ATOM   427  C C   . ALA A 1 53  ? 0.089   20.178  -6.690  1.00 20.84 ? 53  ALA A C   1 
ATOM   428  O O   . ALA A 1 53  ? 1.115   20.825  -6.807  1.00 21.03 ? 53  ALA A O   1 
ATOM   429  C CB  . ALA A 1 53  ? -2.078  20.884  -5.557  1.00 19.97 ? 53  ALA A CB  1 
ATOM   430  N N   . LYS A 1 54  ? 0.090   18.887  -6.416  1.00 20.55 ? 54  LYS A N   1 
ATOM   431  C CA  . LYS A 1 54  ? 1.308   18.167  -6.145  1.00 21.39 ? 54  LYS A CA  1 
ATOM   432  C C   . LYS A 1 54  ? 1.830   17.326  -7.296  1.00 21.82 ? 54  LYS A C   1 
ATOM   433  O O   . LYS A 1 54  ? 2.920   16.752  -7.192  1.00 21.66 ? 54  LYS A O   1 
ATOM   434  C CB  . LYS A 1 54  ? 1.049   17.198  -5.047  1.00 23.29 ? 54  LYS A CB  1 
ATOM   435  C CG  . LYS A 1 54  ? 0.420   17.856  -3.795  1.00 25.92 ? 54  LYS A CG  1 
ATOM   436  C CD  . LYS A 1 54  ? 0.451   16.809  -2.698  1.00 29.83 ? 54  LYS A CD  1 
ATOM   437  C CE  . LYS A 1 54  ? 0.601   17.448  -1.321  1.00 30.76 ? 54  LYS A CE  1 
ATOM   438  N NZ  . LYS A 1 54  ? 1.002   16.440  -0.274  1.00 32.52 ? 54  LYS A NZ  1 
ATOM   439  N N   . GLY A 1 55  ? 1.073   17.250  -8.392  1.00 19.96 ? 55  GLY A N   1 
ATOM   440  C CA  . GLY A 1 55  ? 1.490   16.404  -9.483  1.00 17.88 ? 55  GLY A CA  1 
ATOM   441  C C   . GLY A 1 55  ? 1.510   14.948  -8.990  1.00 15.99 ? 55  GLY A C   1 
ATOM   442  O O   . GLY A 1 55  ? 0.764   14.560  -8.082  1.00 14.97 ? 55  GLY A O   1 
ATOM   443  N N   . LEU A 1 56  ? 2.393   14.149  -9.584  1.00 14.89 ? 56  LEU A N   1 
ATOM   444  C CA  . LEU A 1 56  ? 2.533   12.752  -9.243  1.00 14.60 ? 56  LEU A CA  1 
ATOM   445  C C   . LEU A 1 56  ? 3.280   12.644  -7.934  1.00 14.54 ? 56  LEU A C   1 
ATOM   446  O O   . LEU A 1 56  ? 4.368   13.216  -7.801  1.00 14.76 ? 56  LEU A O   1 
ATOM   447  C CB  . LEU A 1 56  ? 3.288   12.013  -10.432 1.00 16.93 ? 56  LEU A CB  1 
ATOM   448  C CG  . LEU A 1 56  ? 3.671   10.529  -10.239 1.00 16.54 ? 56  LEU A CG  1 
ATOM   449  C CD1 . LEU A 1 56  ? 2.460   9.670   -10.187 1.00 15.79 ? 56  LEU A CD1 1 
ATOM   450  C CD2 . LEU A 1 56  ? 4.565   10.109  -11.404 1.00 19.43 ? 56  LEU A CD2 1 
ATOM   451  N N   . ASN A 1 57  ? 2.755   11.868  -6.989  1.00 13.08 ? 57  ASN A N   1 
ATOM   452  C CA  . ASN A 1 57  ? 3.395   11.744  -5.690  1.00 12.28 ? 57  ASN A CA  1 
ATOM   453  C C   . ASN A 1 57  ? 3.029   10.519  -5.088  1.00 11.38 ? 57  ASN A C   1 
ATOM   454  O O   . ASN A 1 57  ? 2.116   9.843   -5.565  1.00 11.56 ? 57  ASN A O   1 
ATOM   455  C CB  . ASN A 1 57  ? 3.029   12.970  -4.817  1.00 13.68 ? 57  ASN A CB  1 
ATOM   456  C CG  . ASN A 1 57  ? 1.558   13.015  -4.478  1.00 13.01 ? 57  ASN A CG  1 
ATOM   457  O OD1 . ASN A 1 57  ? 1.147   12.599  -3.394  1.00 14.18 ? 57  ASN A OD1 1 
ATOM   458  N ND2 . ASN A 1 57  ? 0.752   13.494  -5.413  1.00 15.02 ? 57  ASN A ND2 1 
ATOM   459  N N   . VAL A 1 58  ? 3.664   10.210  -3.960  1.00 10.13 ? 58  VAL A N   1 
ATOM   460  C CA  . VAL A 1 58  ? 3.453   8.951   -3.265  1.00 9.93  ? 58  VAL A CA  1 
ATOM   461  C C   . VAL A 1 58  ? 3.069   9.106   -1.758  1.00 11.10 ? 58  VAL A C   1 
ATOM   462  O O   . VAL A 1 58  ? 3.636   9.961   -1.060  1.00 11.44 ? 58  VAL A O   1 
ATOM   463  C CB  . VAL A 1 58  ? 4.758   8.116   -3.320  1.00 9.27  ? 58  VAL A CB  1 
ATOM   464  C CG1 . VAL A 1 58  ? 4.610   6.765   -2.556  1.00 7.70  ? 58  VAL A CG1 1 
ATOM   465  C CG2 . VAL A 1 58  ? 5.228   7.966   -4.781  1.00 9.53  ? 58  VAL A CG2 1 
ATOM   466  N N   . LYS A 1 59  ? 2.154   8.265   -1.281  1.00 11.03 ? 59  LYS A N   1 
ATOM   467  C CA  . LYS A 1 59  ? 1.747   8.261   0.119   1.00 10.90 ? 59  LYS A CA  1 
ATOM   468  C C   . LYS A 1 59  ? 2.040   6.909   0.649   1.00 11.39 ? 59  LYS A C   1 
ATOM   469  O O   . LYS A 1 59  ? 1.931   5.911   -0.078  1.00 11.38 ? 59  LYS A O   1 
ATOM   470  C CB  . LYS A 1 59  ? 0.234   8.501   0.268   1.00 12.76 ? 59  LYS A CB  1 
ATOM   471  C CG  . LYS A 1 59  ? -0.225  9.933   -0.096  1.00 17.53 ? 59  LYS A CG  1 
ATOM   472  C CD  . LYS A 1 59  ? 0.561   10.916  0.801   1.00 23.15 ? 59  LYS A CD  1 
ATOM   473  C CE  . LYS A 1 59  ? 0.125   12.402  0.572   1.00 26.92 ? 59  LYS A CE  1 
ATOM   474  N NZ  . LYS A 1 59  ? 1.069   13.393  1.244   1.00 30.39 ? 59  LYS A NZ  1 
ATOM   475  N N   . HIS A 1 60  ? 2.423   6.824   1.921   1.00 8.80  ? 60  HIS A N   1 
ATOM   476  C CA  . HIS A 1 60  ? 2.732   5.557   2.549   1.00 9.63  ? 60  HIS A CA  1 
ATOM   477  C C   . HIS A 1 60  ? 1.866   5.403   3.781   1.00 10.88 ? 60  HIS A C   1 
ATOM   478  O O   . HIS A 1 60  ? 1.867   6.267   4.641   1.00 10.36 ? 60  HIS A O   1 
ATOM   479  C CB  . HIS A 1 60  ? 4.181   5.546   2.986   1.00 9.23  ? 60  HIS A CB  1 
ATOM   480  C CG  . HIS A 1 60  ? 5.144   5.844   1.877   1.00 8.95  ? 60  HIS A CG  1 
ATOM   481  N ND1 . HIS A 1 60  ? 5.666   4.866   1.061   1.00 8.06  ? 60  HIS A ND1 1 
ATOM   482  C CD2 . HIS A 1 60  ? 5.735   7.005   1.499   1.00 9.21  ? 60  HIS A CD2 1 
ATOM   483  C CE1 . HIS A 1 60  ? 6.551   5.405   0.245   1.00 9.23  ? 60  HIS A CE1 1 
ATOM   484  N NE2 . HIS A 1 60  ? 6.610   6.700   0.485   1.00 10.04 ? 60  HIS A NE2 1 
ATOM   485  N N   . TYR A 1 61  ? 1.131   4.306   3.850   1.00 8.64  ? 61  TYR A N   1 
ATOM   486  C CA  . TYR A 1 61  ? 0.225   4.024   4.953   1.00 10.04 ? 61  TYR A CA  1 
ATOM   487  C C   . TYR A 1 61  ? 0.728   2.883   5.718   1.00 11.60 ? 61  TYR A C   1 
ATOM   488  O O   . TYR A 1 61  ? 1.237   1.924   5.151   1.00 12.01 ? 61  TYR A O   1 
ATOM   489  C CB  . TYR A 1 61  ? -1.194  3.674   4.378   1.00 7.76  ? 61  TYR A CB  1 
ATOM   490  C CG  . TYR A 1 61  ? -1.762  4.766   3.516   1.00 9.92  ? 61  TYR A CG  1 
ATOM   491  C CD1 . TYR A 1 61  ? -1.601  4.757   2.119   1.00 9.56  ? 61  TYR A CD1 1 
ATOM   492  C CD2 . TYR A 1 61  ? -2.415  5.855   4.083   1.00 8.77  ? 61  TYR A CD2 1 
ATOM   493  C CE1 . TYR A 1 61  ? -2.070  5.814   1.328   1.00 10.47 ? 61  TYR A CE1 1 
ATOM   494  C CE2 . TYR A 1 61  ? -2.885  6.906   3.300   1.00 10.07 ? 61  TYR A CE2 1 
ATOM   495  C CZ  . TYR A 1 61  ? -2.703  6.884   1.932   1.00 9.63  ? 61  TYR A CZ  1 
ATOM   496  O OH  . TYR A 1 61  ? -3.082  7.946   1.185   1.00 8.56  ? 61  TYR A OH  1 
ATOM   497  N N   . LYS A 1 62  ? 0.627   2.925   7.038   1.00 11.22 ? 62  LYS A N   1 
ATOM   498  C CA  . LYS A 1 62  ? 1.106   1.816   7.829   1.00 11.38 ? 62  LYS A CA  1 
ATOM   499  C C   . LYS A 1 62  ? 0.041   0.823   8.002   1.00 12.34 ? 62  LYS A C   1 
ATOM   500  O O   . LYS A 1 62  ? -1.105  1.164   8.233   1.00 11.95 ? 62  LYS A O   1 
ATOM   501  C CB  . LYS A 1 62  ? 1.687   2.317   9.170   1.00 14.82 ? 62  LYS A CB  1 
ATOM   502  C CG  . LYS A 1 62  ? 2.189   1.178   10.107  1.00 21.13 ? 62  LYS A CG  1 
ATOM   503  C CD  . LYS A 1 62  ? 3.066   1.660   11.349  1.00 27.30 ? 62  LYS A CD  1 
ATOM   504  C CE  . LYS A 1 62  ? 4.246   2.538   10.712  1.00 32.22 ? 62  LYS A CE  1 
ATOM   505  N NZ  . LYS A 1 62  ? 4.902   3.524   11.659  1.00 35.81 ? 62  LYS A NZ  1 
ATOM   506  N N   . ILE A 1 63  ? 0.366   -0.435  7.805   1.00 12.51 ? 63  ILE A N   1 
ATOM   507  C CA  . ILE A 1 63  ? -0.606  -1.509  7.978   1.00 12.75 ? 63  ILE A CA  1 
ATOM   508  C C   . ILE A 1 63  ? -0.141  -2.293  9.158   1.00 15.00 ? 63  ILE A C   1 
ATOM   509  O O   . ILE A 1 63  ? 1.019   -2.734  9.206   1.00 15.05 ? 63  ILE A O   1 
ATOM   510  C CB  . ILE A 1 63  ? -0.656  -2.473  6.752   1.00 11.72 ? 63  ILE A CB  1 
ATOM   511  C CG1 . ILE A 1 63  ? -1.277  -1.746  5.477   1.00 10.51 ? 63  ILE A CG1 1 
ATOM   512  C CG2 . ILE A 1 63  ? -1.465  -3.743  7.121   1.00 10.40 ? 63  ILE A CG2 1 
ATOM   513  C CD1 . ILE A 1 63  ? -1.501  -2.702  4.263   1.00 9.12  ? 63  ILE A CD1 1 
ATOM   514  N N   . ARG A 1 64  ? -1.014  -2.413  10.168  1.00 16.72 ? 64  ARG A N   1 
ATOM   515  C CA  . ARG A 1 64  ? -0.705  -3.157  11.378  1.00 18.85 ? 64  ARG A CA  1 
ATOM   516  C C   . ARG A 1 64  ? -1.302  -4.535  11.351  1.00 19.59 ? 64  ARG A C   1 
ATOM   517  O O   . ARG A 1 64  ? -2.328  -4.775  10.748  1.00 15.39 ? 64  ARG A O   1 
ATOM   518  C CB  . ARG A 1 64  ? -1.252  -2.411  12.680  1.00 23.44 ? 64  ARG A CB  1 
ATOM   519  C CG  . ARG A 1 64  ? -0.692  -0.956  12.835  1.00 29.67 ? 64  ARG A CG  1 
ATOM   520  C CD  . ARG A 1 64  ? 0.888   -1.122  12.637  1.00 38.42 ? 64  ARG A CD  1 
ATOM   521  N NE  . ARG A 1 64  ? 1.622   -1.639  13.832  1.00 44.90 ? 64  ARG A NE  1 
ATOM   522  C CZ  . ARG A 1 64  ? 2.033   -2.917  14.046  1.00 47.56 ? 64  ARG A CZ  1 
ATOM   523  N NH1 . ARG A 1 64  ? 1.799   -3.906  13.160  1.00 46.81 ? 64  ARG A NH1 1 
ATOM   524  N NH2 . ARG A 1 64  ? 2.795   -3.190  15.104  1.00 48.54 ? 64  ARG A NH2 1 
ATOM   525  N N   . LYS A 1 65  ? -0.645  -5.440  12.064  1.00 23.70 ? 65  LYS A N   1 
ATOM   526  C CA  . LYS A 1 65  ? -1.084  -6.816  12.167  1.00 28.72 ? 65  LYS A CA  1 
ATOM   527  C C   . LYS A 1 65  ? -1.093  -7.147  13.649  1.00 31.95 ? 65  LYS A C   1 
ATOM   528  O O   . LYS A 1 65  ? -0.084  -6.979  14.345  1.00 32.02 ? 65  LYS A O   1 
ATOM   529  C CB  . LYS A 1 65  ? -0.137  -7.711  11.307  1.00 29.88 ? 65  LYS A CB  1 
ATOM   530  C CG  . LYS A 1 65  ? -0.108  -9.166  11.712  1.00 32.46 ? 65  LYS A CG  1 
ATOM   531  C CD  . LYS A 1 65  ? -1.467  -9.787  11.592  1.00 35.73 ? 65  LYS A CD  1 
ATOM   532  C CE  . LYS A 1 65  ? -1.536  -11.162 12.212  1.00 39.03 ? 65  LYS A CE  1 
ATOM   533  N NZ  . LYS A 1 65  ? -0.351  -11.987 11.845  1.00 41.94 ? 65  LYS A NZ  1 
ATOM   534  N N   . LEU A 1 66  ? -2.241  -7.591  14.137  1.00 35.99 ? 66  LEU A N   1 
ATOM   535  C CA  . LEU A 1 66  ? -2.407  -7.964  15.542  1.00 40.17 ? 66  LEU A CA  1 
ATOM   536  C C   . LEU A 1 66  ? -2.117  -9.435  15.766  1.00 42.79 ? 66  LEU A C   1 
ATOM   537  O O   . LEU A 1 66  ? -2.084  -10.218 14.821  1.00 43.10 ? 66  LEU A O   1 
ATOM   538  C CB  . LEU A 1 66  ? -3.891  -7.910  15.970  1.00 39.97 ? 66  LEU A CB  1 
ATOM   539  C CG  . LEU A 1 66  ? -4.651  -6.620  15.776  1.00 40.63 ? 66  LEU A CG  1 
ATOM   540  C CD1 . LEU A 1 66  ? -6.115  -6.834  16.103  1.00 41.33 ? 66  LEU A CD1 1 
ATOM   541  C CD2 . LEU A 1 66  ? -4.049  -5.528  16.643  1.00 41.11 ? 66  LEU A CD2 1 
ATOM   542  N N   . ASP A 1 67  ? -1.909  -9.820  17.025  1.00 46.04 ? 67  ASP A N   1 
ATOM   543  C CA  . ASP A 1 67  ? -1.700  -11.228 17.348  1.00 48.28 ? 67  ASP A CA  1 
ATOM   544  C C   . ASP A 1 67  ? -3.050  -11.843 17.346  1.00 48.33 ? 67  ASP A C   1 
ATOM   545  O O   . ASP A 1 67  ? -3.203  -13.040 17.129  1.00 49.19 ? 67  ASP A O   1 
ATOM   546  C CB  . ASP A 1 67  ? -1.033  -11.379 18.675  1.00 52.13 ? 67  ASP A CB  1 
ATOM   547  C CG  . ASP A 1 67  ? 0.468   -11.226 18.584  1.00 55.21 ? 67  ASP A CG  1 
ATOM   548  O OD1 . ASP A 1 67  ? 1.072   -11.790 17.633  1.00 57.58 ? 67  ASP A OD1 1 
ATOM   549  O OD2 . ASP A 1 67  ? 1.041   -10.541 19.464  1.00 57.18 ? 67  ASP A OD2 1 
ATOM   550  N N   . SER A 1 68  ? -4.052  -11.006 17.600  1.00 48.19 ? 68  SER A N   1 
ATOM   551  C CA  . SER A 1 68  ? -5.458  -11.399 17.582  1.00 47.96 ? 68  SER A CA  1 
ATOM   552  C C   . SER A 1 68  ? -5.871  -11.674 16.083  1.00 46.31 ? 68  SER A C   1 
ATOM   553  O O   . SER A 1 68  ? -7.060  -11.868 15.788  1.00 47.77 ? 68  SER A O   1 
ATOM   554  C CB  . SER A 1 68  ? -6.313  -10.263 18.080  1.00 49.14 ? 68  SER A CB  1 
ATOM   555  O OG  . SER A 1 68  ? -5.563  -9.487  19.003  1.00 53.18 ? 68  SER A OG  1 
ATOM   556  N N   . GLY A 1 69  ? -4.902  -11.502 15.175  1.00 43.23 ? 69  GLY A N   1 
ATOM   557  C CA  . GLY A 1 69  ? -5.090  -11.807 13.769  1.00 38.16 ? 69  GLY A CA  1 
ATOM   558  C C   . GLY A 1 69  ? -5.535  -10.793 12.753  1.00 33.88 ? 69  GLY A C   1 
ATOM   559  O O   . GLY A 1 69  ? -5.373  -11.024 11.556  1.00 35.47 ? 69  GLY A O   1 
ATOM   560  N N   . GLY A 1 70  ? -6.084  -9.678  13.188  1.00 30.09 ? 70  GLY A N   1 
ATOM   561  C CA  . GLY A 1 70  ? -6.541  -8.714  12.208  1.00 24.78 ? 70  GLY A CA  1 
ATOM   562  C C   . GLY A 1 70  ? -5.451  -7.888  11.581  1.00 22.01 ? 70  GLY A C   1 
ATOM   563  O O   . GLY A 1 70  ? -4.376  -7.721  12.162  1.00 23.54 ? 70  GLY A O   1 
ATOM   564  N N   . PHE A 1 71  ? -5.712  -7.408  10.373  1.00 18.14 ? 71  PHE A N   1 
ATOM   565  C CA  . PHE A 1 71  ? -4.793  -6.529  9.649   1.00 15.75 ? 71  PHE A CA  1 
ATOM   566  C C   . PHE A 1 71  ? -5.582  -5.217  9.445   1.00 13.89 ? 71  PHE A C   1 
ATOM   567  O O   . PHE A 1 71  ? -6.791  -5.264  9.182   1.00 14.38 ? 71  PHE A O   1 
ATOM   568  C CB  . PHE A 1 71  ? -4.475  -7.085  8.195   1.00 15.29 ? 71  PHE A CB  1 
ATOM   569  C CG  . PHE A 1 71  ? -3.559  -8.270  8.192   1.00 15.78 ? 71  PHE A CG  1 
ATOM   570  C CD1 . PHE A 1 71  ? -4.054  -9.553  8.426   1.00 17.18 ? 71  PHE A CD1 1 
ATOM   571  C CD2 . PHE A 1 71  ? -2.199  -8.096  8.004   1.00 15.15 ? 71  PHE A CD2 1 
ATOM   572  C CE1 . PHE A 1 71  ? -3.178  -10.649 8.477   1.00 18.22 ? 71  PHE A CE1 1 
ATOM   573  C CE2 . PHE A 1 71  ? -1.330  -9.168  8.054   1.00 17.08 ? 71  PHE A CE2 1 
ATOM   574  C CZ  . PHE A 1 71  ? -1.807  -10.439 8.290   1.00 16.77 ? 71  PHE A CZ  1 
ATOM   575  N N   . TYR A 1 72  ? -4.932  -4.066  9.591   1.00 11.56 ? 72  TYR A N   1 
ATOM   576  C CA  . TYR A 1 72  ? -5.627  -2.799  9.374   1.00 9.84  ? 72  TYR A CA  1 
ATOM   577  C C   . TYR A 1 72  ? -4.761  -1.620  9.270   1.00 8.40  ? 72  TYR A C   1 
ATOM   578  O O   . TYR A 1 72  ? -3.603  -1.648  9.682   1.00 8.68  ? 72  TYR A O   1 
ATOM   579  C CB  . TYR A 1 72  ? -6.625  -2.511  10.511  1.00 10.25 ? 72  TYR A CB  1 
ATOM   580  C CG  . TYR A 1 72  ? -5.959  -2.363  11.846  1.00 11.23 ? 72  TYR A CG  1 
ATOM   581  C CD1 . TYR A 1 72  ? -5.487  -1.114  12.289  1.00 14.14 ? 72  TYR A CD1 1 
ATOM   582  C CD2 . TYR A 1 72  ? -5.749  -3.464  12.639  1.00 14.54 ? 72  TYR A CD2 1 
ATOM   583  C CE1 . TYR A 1 72  ? -4.800  -0.983  13.500  1.00 16.48 ? 72  TYR A CE1 1 
ATOM   584  C CE2 . TYR A 1 72  ? -5.074  -3.351  13.852  1.00 19.24 ? 72  TYR A CE2 1 
ATOM   585  C CZ  . TYR A 1 72  ? -4.599  -2.111  14.261  1.00 18.72 ? 72  TYR A CZ  1 
ATOM   586  O OH  . TYR A 1 72  ? -3.839  -2.061  15.387  1.00 23.00 ? 72  TYR A OH  1 
ATOM   587  N N   . ILE A 1 73  ? -5.303  -0.584  8.643   1.00 8.23  ? 73  ILE A N   1 
ATOM   588  C CA  . ILE A 1 73  ? -4.651  0.714   8.526   1.00 9.16  ? 73  ILE A CA  1 
ATOM   589  C C   . ILE A 1 73  ? -5.277  1.538   9.751   1.00 10.95 ? 73  ILE A C   1 
ATOM   590  O O   . ILE A 1 73  ? -4.535  2.172   10.499  1.00 12.75 ? 73  ILE A O   1 
ATOM   591  C CB  . ILE A 1 73  ? -4.953  1.415   7.206   1.00 9.26  ? 73  ILE A CB  1 
ATOM   592  C CG1 . ILE A 1 73  ? -4.209  0.650   6.010   1.00 8.88  ? 73  ILE A CG1 1 
ATOM   593  C CG2 . ILE A 1 73  ? -4.415  2.862   7.238   1.00 8.19  ? 73  ILE A CG2 1 
ATOM   594  C CD1 . ILE A 1 73  ? -4.359  1.368   4.697   1.00 10.75 ? 73  ILE A CD1 1 
ATOM   595  N N   . THR A 1 74  ? -6.608  1.528   9.867   1.00 11.20 ? 74  THR A N   1 
ATOM   596  C CA  . THR A 1 74  ? -7.319  2.143   11.000  1.00 10.45 ? 74  THR A CA  1 
ATOM   597  C C   . THR A 1 74  ? -7.943  0.995   11.762  1.00 12.00 ? 74  THR A C   1 
ATOM   598  O O   . THR A 1 74  ? -8.565  0.094   11.174  1.00 10.48 ? 74  THR A O   1 
ATOM   599  C CB  . THR A 1 74  ? -8.406  3.160   10.601  1.00 11.66 ? 74  THR A CB  1 
ATOM   600  O OG1 . THR A 1 74  ? -9.071  3.606   11.792  1.00 11.89 ? 74  THR A OG1 1 
ATOM   601  C CG2 . THR A 1 74  ? -9.446  2.561   9.666   1.00 11.32 ? 74  THR A CG2 1 
ATOM   602  N N   . SER A 1 75  ? -7.772  0.990   13.083  1.00 12.00 ? 75  SER A N   1 
ATOM   603  C CA  . SER A 1 75  ? -8.273  -0.102  13.902  1.00 12.73 ? 75  SER A CA  1 
ATOM   604  C C   . SER A 1 75  ? -9.763  -0.269  13.836  1.00 12.16 ? 75  SER A C   1 
ATOM   605  O O   . SER A 1 75  ? -10.278 -1.328  14.200  1.00 12.57 ? 75  SER A O   1 
ATOM   606  C CB  . SER A 1 75  ? -7.789  0.059   15.390  1.00 14.93 ? 75  SER A CB  1 
ATOM   607  O OG  . SER A 1 75  ? -8.412  1.198   15.947  1.00 14.45 ? 75  SER A OG  1 
ATOM   608  N N   . ARG A 1 76  ? -10.455 0.758   13.348  1.00 14.70 ? 76  ARG A N   1 
ATOM   609  C CA  . ARG A 1 76  ? -11.905 0.712   13.245  1.00 18.14 ? 76  ARG A CA  1 
ATOM   610  C C   . ARG A 1 76  ? -12.351 -0.193  12.039  1.00 17.43 ? 76  ARG A C   1 
ATOM   611  O O   . ARG A 1 76  ? -13.473 -0.697  12.031  1.00 17.70 ? 76  ARG A O   1 
ATOM   612  C CB  . ARG A 1 76  ? -12.510 2.140   12.923  1.00 21.46 ? 76  ARG A CB  1 
ATOM   613  C CG  . ARG A 1 76  ? -12.094 3.314   13.891  1.00 30.03 ? 76  ARG A CG  1 
ATOM   614  C CD  . ARG A 1 76  ? -12.377 3.678   15.450  1.00 37.01 ? 76  ARG A CD  1 
ATOM   615  N NE  . ARG A 1 76  ? -11.971 5.058   15.823  1.00 42.94 ? 76  ARG A NE  1 
ATOM   616  C CZ  . ARG A 1 76  ? -12.807 6.016   16.259  1.00 44.32 ? 76  ARG A CZ  1 
ATOM   617  N NH1 . ARG A 1 76  ? -14.111 5.775   16.383  1.00 45.75 ? 76  ARG A NH1 1 
ATOM   618  N NH2 . ARG A 1 76  ? -12.345 7.230   16.559  1.00 44.72 ? 76  ARG A NH2 1 
ATOM   619  N N   . THR A 1 77  ? -11.437 -0.416  11.085  1.00 16.15 ? 77  THR A N   1 
ATOM   620  C CA  . THR A 1 77  ? -11.733 -1.190  9.860   1.00 14.49 ? 77  THR A CA  1 
ATOM   621  C C   . THR A 1 77  ? -10.665 -2.290  9.675   1.00 12.12 ? 77  THR A C   1 
ATOM   622  O O   . THR A 1 77  ? -9.602  -2.026  9.106   1.00 11.14 ? 77  THR A O   1 
ATOM   623  C CB  . THR A 1 77  ? -11.751 -0.205  8.663   1.00 14.81 ? 77  THR A CB  1 
ATOM   624  O OG1 . THR A 1 77  ? -12.671 0.850   8.970   1.00 15.59 ? 77  THR A OG1 1 
ATOM   625  C CG2 . THR A 1 77  ? -12.187 -0.885  7.357   1.00 13.24 ? 77  THR A CG2 1 
ATOM   626  N N   . GLN A 1 78  ? -10.953 -3.477  10.210  1.00 9.56  ? 78  GLN A N   1 
ATOM   627  C CA  . GLN A 1 78  ? -10.034 -4.600  10.194  1.00 11.24 ? 78  GLN A CA  1 
ATOM   628  C C   . GLN A 1 78  ? -10.405 -5.716  9.276   1.00 11.90 ? 78  GLN A C   1 
ATOM   629  O O   . GLN A 1 78  ? -11.578 -5.846  8.875   1.00 12.54 ? 78  GLN A O   1 
ATOM   630  C CB  . GLN A 1 78  ? -9.883  -5.151  11.542  1.00 12.90 ? 78  GLN A CB  1 
ATOM   631  C CG  . GLN A 1 78  ? -9.301  -4.139  12.501  1.00 16.13 ? 78  GLN A CG  1 
ATOM   632  C CD  . GLN A 1 78  ? -9.128  -4.650  13.926  1.00 18.45 ? 78  GLN A CD  1 
ATOM   633  O OE1 . GLN A 1 78  ? -9.169  -3.862  14.879  1.00 21.26 ? 78  GLN A OE1 1 
ATOM   634  N NE2 . GLN A 1 78  ? -8.890  -5.938  14.082  1.00 18.37 ? 78  GLN A NE2 1 
ATOM   635  N N   . PHE A 1 79  ? -9.399  -6.523  8.927   1.00 13.18 ? 79  PHE A N   1 
ATOM   636  C CA  . PHE A 1 79  ? -9.555  -7.652  7.993   1.00 12.82 ? 79  PHE A CA  1 
ATOM   637  C C   . PHE A 1 79  ? -8.855  -8.900  8.449   1.00 13.21 ? 79  PHE A C   1 
ATOM   638  O O   . PHE A 1 79  ? -7.847  -8.845  9.150   1.00 12.30 ? 79  PHE A O   1 
ATOM   639  C CB  . PHE A 1 79  ? -8.995  -7.253  6.630   1.00 10.45 ? 79  PHE A CB  1 
ATOM   640  C CG  . PHE A 1 79  ? -9.575  -6.003  6.102   1.00 8.64  ? 79  PHE A CG  1 
ATOM   641  C CD1 . PHE A 1 79  ? -8.909  -4.800  6.266   1.00 8.68  ? 79  PHE A CD1 1 
ATOM   642  C CD2 . PHE A 1 79  ? -10.840 -6.009  5.510   1.00 9.32  ? 79  PHE A CD2 1 
ATOM   643  C CE1 . PHE A 1 79  ? -9.500  -3.601  5.845   1.00 10.16 ? 79  PHE A CE1 1 
ATOM   644  C CE2 . PHE A 1 79  ? -11.452 -4.819  5.082   1.00 8.50  ? 79  PHE A CE2 1 
ATOM   645  C CZ  . PHE A 1 79  ? -10.785 -3.611  5.249   1.00 11.28 ? 79  PHE A CZ  1 
ATOM   646  N N   . ASN A 1 80  ? -9.391  -10.047 8.058   1.00 14.89 ? 80  ASN A N   1 
ATOM   647  C CA  . ASN A 1 80  ? -8.805  -11.328 8.440   1.00 16.79 ? 80  ASN A CA  1 
ATOM   648  C C   . ASN A 1 80  ? -7.455  -11.625 7.705   1.00 17.16 ? 80  ASN A C   1 
ATOM   649  O O   . ASN A 1 80  ? -6.683  -12.460 8.151   1.00 18.94 ? 80  ASN A O   1 
ATOM   650  C CB  . ASN A 1 80  ? -9.832  -12.487 8.213   1.00 17.70 ? 80  ASN A CB  1 
ATOM   651  C CG  . ASN A 1 80  ? -11.109 -12.302 9.031   1.00 22.07 ? 80  ASN A CG  1 
ATOM   652  O OD1 . ASN A 1 80  ? -11.072 -11.761 10.138  1.00 21.26 ? 80  ASN A OD1 1 
ATOM   653  N ND2 . ASN A 1 80  ? -12.252 -12.676 8.459   1.00 22.47 ? 80  ASN A ND2 1 
ATOM   654  N N   . SER A 1 81  ? -7.175  -10.905 6.621   1.00 16.26 ? 81  SER A N   1 
ATOM   655  C CA  . SER A 1 81  ? -5.942  -11.116 5.861   1.00 14.68 ? 81  SER A CA  1 
ATOM   656  C C   . SER A 1 81  ? -5.532  -9.857  5.146   1.00 12.87 ? 81  SER A C   1 
ATOM   657  O O   . SER A 1 81  ? -6.346  -8.972  4.893   1.00 11.72 ? 81  SER A O   1 
ATOM   658  C CB  . SER A 1 81  ? -6.176  -12.218 4.743   1.00 13.47 ? 81  SER A CB  1 
ATOM   659  O OG  . SER A 1 81  ? -7.152  -11.783 3.803   1.00 12.09 ? 81  SER A OG  1 
ATOM   660  N N   . LEU A 1 82  ? -4.260  -9.788  4.782   1.00 12.38 ? 82  LEU A N   1 
ATOM   661  C CA  . LEU A 1 82  ? -3.713  -8.660  4.053   1.00 12.57 ? 82  LEU A CA  1 
ATOM   662  C C   . LEU A 1 82  ? -4.391  -8.620  2.667   1.00 12.22 ? 82  LEU A C   1 
ATOM   663  O O   . LEU A 1 82  ? -4.646  -7.563  2.105   1.00 10.94 ? 82  LEU A O   1 
ATOM   664  C CB  . LEU A 1 82  ? -2.223  -8.819  4.040   1.00 14.54 ? 82  LEU A CB  1 
ATOM   665  C CG  . LEU A 1 82  ? -1.327  -7.791  3.450   1.00 17.23 ? 82  LEU A CG  1 
ATOM   666  C CD1 . LEU A 1 82  ? -1.613  -6.408  4.033   1.00 19.68 ? 82  LEU A CD1 1 
ATOM   667  C CD2 . LEU A 1 82  ? 0.111   -8.221  3.767   1.00 19.79 ? 82  LEU A CD2 1 
ATOM   668  N N   . GLN A 1 83  ? -4.726  -9.795  2.149   1.00 12.63 ? 83  GLN A N   1 
ATOM   669  C CA  . GLN A 1 83  ? -5.394  -9.894  0.858   1.00 13.65 ? 83  GLN A CA  1 
ATOM   670  C C   . GLN A 1 83  ? -6.779  -9.220  0.896   1.00 12.03 ? 83  GLN A C   1 
ATOM   671  O O   . GLN A 1 83  ? -7.146  -8.448  -0.010  1.00 10.81 ? 83  GLN A O   1 
ATOM   672  C CB  . GLN A 1 83  ? -5.472  -11.365 0.452   1.00 17.18 ? 83  GLN A CB  1 
ATOM   673  C CG  . GLN A 1 83  ? -4.040  -11.948 0.118   1.00 20.42 ? 83  GLN A CG  1 
ATOM   674  C CD  . GLN A 1 83  ? -3.333  -12.648 1.269   1.00 23.11 ? 83  GLN A CD  1 
ATOM   675  O OE1 . GLN A 1 83  ? -2.438  -13.472 1.035   1.00 27.19 ? 83  GLN A OE1 1 
ATOM   676  N NE2 . GLN A 1 83  ? -3.727  -12.361 2.497   1.00 21.72 ? 83  GLN A NE2 1 
ATOM   677  N N   . GLN A 1 84  ? -7.534  -9.508  1.956   1.00 11.44 ? 84  GLN A N   1 
ATOM   678  C CA  . GLN A 1 84  ? -8.868  -8.912  2.130   1.00 10.97 ? 84  GLN A CA  1 
ATOM   679  C C   . GLN A 1 84  ? -8.766  -7.429  2.261   1.00 8.80  ? 84  GLN A C   1 
ATOM   680  O O   . GLN A 1 84  ? -9.589  -6.693  1.729   1.00 8.51  ? 84  GLN A O   1 
ATOM   681  C CB  . GLN A 1 84  ? -9.598  -9.603  3.266   1.00 13.43 ? 84  GLN A CB  1 
ATOM   682  C CG  . GLN A 1 84  ? -10.172 -10.990 2.820   1.00 17.34 ? 84  GLN A CG  1 
ATOM   683  C CD  . GLN A 1 84  ? -10.567 -11.889 3.968   1.00 19.12 ? 84  GLN A CD  1 
ATOM   684  O OE1 . GLN A 1 84  ? -9.775  -12.148 4.878   1.00 21.21 ? 84  GLN A OE1 1 
ATOM   685  N NE2 . GLN A 1 84  ? -11.778 -12.403 3.914   1.00 20.71 ? 84  GLN A NE2 1 
ATOM   686  N N   . LEU A 1 85  ? -7.746  -6.967  2.979   1.00 8.79  ? 85  LEU A N   1 
ATOM   687  C CA  . LEU A 1 85  ? -7.539  -5.522  3.118   1.00 7.57  ? 85  LEU A CA  1 
ATOM   688  C C   . LEU A 1 85  ? -7.290  -4.886  1.738   1.00 6.64  ? 85  LEU A C   1 
ATOM   689  O O   . LEU A 1 85  ? -7.874  -3.869  1.395   1.00 6.46  ? 85  LEU A O   1 
ATOM   690  C CB  . LEU A 1 85  ? -6.349  -5.257  4.074   1.00 7.47  ? 85  LEU A CB  1 
ATOM   691  C CG  . LEU A 1 85  ? -5.982  -3.763  4.427   1.00 7.33  ? 85  LEU A CG  1 
ATOM   692  C CD1 . LEU A 1 85  ? -5.286  -3.812  5.765   1.00 7.28  ? 85  LEU A CD1 1 
ATOM   693  C CD2 . LEU A 1 85  ? -5.079  -3.117  3.379   1.00 7.82  ? 85  LEU A CD2 1 
ATOM   694  N N   . VAL A 1 86  ? -6.426  -5.502  0.926   1.00 9.19  ? 86  VAL A N   1 
ATOM   695  C CA  . VAL A 1 86  ? -6.122  -4.931  -0.386  1.00 9.23  ? 86  VAL A CA  1 
ATOM   696  C C   . VAL A 1 86  ? -7.362  -4.927  -1.242  1.00 8.16  ? 86  VAL A C   1 
ATOM   697  O O   . VAL A 1 86  ? -7.696  -3.920  -1.878  1.00 8.42  ? 86  VAL A O   1 
ATOM   698  C CB  . VAL A 1 86  ? -4.905  -5.658  -1.055  1.00 10.14 ? 86  VAL A CB  1 
ATOM   699  C CG1 . VAL A 1 86  ? -4.809  -5.311  -2.560  1.00 9.28  ? 86  VAL A CG1 1 
ATOM   700  C CG2 . VAL A 1 86  ? -3.600  -5.227  -0.367  1.00 8.99  ? 86  VAL A CG2 1 
ATOM   701  N N   . ALA A 1 87  ? -8.147  -5.988  -1.141  1.00 9.88  ? 87  ALA A N   1 
ATOM   702  C CA  . ALA A 1 87  ? -9.370  -6.037  -1.938  1.00 9.92  ? 87  ALA A CA  1 
ATOM   703  C C   . ALA A 1 87  ? -10.311 -4.947  -1.527  1.00 9.30  ? 87  ALA A C   1 
ATOM   704  O O   . ALA A 1 87  ? -10.869 -4.261  -2.372  1.00 9.28  ? 87  ALA A O   1 
ATOM   705  C CB  . ALA A 1 87  ? -10.068 -7.429  -1.819  1.00 10.56 ? 87  ALA A CB  1 
ATOM   706  N N   . TYR A 1 88  ? -10.469 -4.740  -0.218  1.00 9.39  ? 88  TYR A N   1 
ATOM   707  C CA  . TYR A 1 88  ? -11.376 -3.697  0.281   1.00 7.95  ? 88  TYR A CA  1 
ATOM   708  C C   . TYR A 1 88  ? -10.977 -2.314  -0.194  1.00 6.83  ? 88  TYR A C   1 
ATOM   709  O O   . TYR A 1 88  ? -11.803 -1.552  -0.727  1.00 8.21  ? 88  TYR A O   1 
ATOM   710  C CB  . TYR A 1 88  ? -11.491 -3.807  1.836   1.00 9.63  ? 88  TYR A CB  1 
ATOM   711  C CG  . TYR A 1 88  ? -12.302 -2.689  2.440   1.00 11.86 ? 88  TYR A CG  1 
ATOM   712  C CD1 . TYR A 1 88  ? -13.656 -2.858  2.704   1.00 13.41 ? 88  TYR A CD1 1 
ATOM   713  C CD2 . TYR A 1 88  ? -11.727 -1.431  2.678   1.00 12.50 ? 88  TYR A CD2 1 
ATOM   714  C CE1 . TYR A 1 88  ? -14.443 -1.798  3.183   1.00 14.29 ? 88  TYR A CE1 1 
ATOM   715  C CE2 . TYR A 1 88  ? -12.498 -0.366  3.155   1.00 14.12 ? 88  TYR A CE2 1 
ATOM   716  C CZ  . TYR A 1 88  ? -13.852 -0.556  3.400   1.00 14.43 ? 88  TYR A CZ  1 
ATOM   717  O OH  . TYR A 1 88  ? -14.615 0.501   3.830   1.00 14.84 ? 88  TYR A OH  1 
ATOM   718  N N   . TYR A 1 89  ? -9.706  -1.970  -0.035  1.00 8.29  ? 89  TYR A N   1 
ATOM   719  C CA  . TYR A 1 89  ? -9.242  -0.660  -0.474  1.00 8.10  ? 89  TYR A CA  1 
ATOM   720  C C   . TYR A 1 89  ? -9.147  -0.491  -2.009  1.00 9.21  ? 89  TYR A C   1 
ATOM   721  O O   . TYR A 1 89  ? -8.859  0.593   -2.479  1.00 8.90  ? 89  TYR A O   1 
ATOM   722  C CB  . TYR A 1 89  ? -7.966  -0.278  0.251   1.00 8.12  ? 89  TYR A CB  1 
ATOM   723  C CG  . TYR A 1 89  ? -8.236  0.059   1.703   1.00 9.38  ? 89  TYR A CG  1 
ATOM   724  C CD1 . TYR A 1 89  ? -7.788  -0.787  2.726   1.00 8.54  ? 89  TYR A CD1 1 
ATOM   725  C CD2 . TYR A 1 89  ? -9.019  1.177   2.042   1.00 9.09  ? 89  TYR A CD2 1 
ATOM   726  C CE1 . TYR A 1 89  ? -8.107  -0.533  4.056   1.00 9.43  ? 89  TYR A CE1 1 
ATOM   727  C CE2 . TYR A 1 89  ? -9.351  1.438   3.383   1.00 9.06  ? 89  TYR A CE2 1 
ATOM   728  C CZ  . TYR A 1 89  ? -8.896  0.577   4.367   1.00 10.44 ? 89  TYR A CZ  1 
ATOM   729  O OH  . TYR A 1 89  ? -9.206  0.778   5.698   1.00 12.77 ? 89  TYR A OH  1 
ATOM   730  N N   . SER A 1 90  ? -9.299  -1.578  -2.764  1.00 10.27 ? 90  SER A N   1 
ATOM   731  C CA  . SER A 1 90  ? -9.295  -1.455  -4.222  1.00 12.25 ? 90  SER A CA  1 
ATOM   732  C C   . SER A 1 90  ? -10.677 -0.995  -4.665  1.00 13.63 ? 90  SER A C   1 
ATOM   733  O O   . SER A 1 90  ? -10.839 -0.541  -5.803  1.00 14.93 ? 90  SER A O   1 
ATOM   734  C CB  . SER A 1 90  ? -9.058  -2.779  -4.883  1.00 11.94 ? 90  SER A CB  1 
ATOM   735  O OG  . SER A 1 90  ? -7.780  -3.253  -4.551  1.00 14.34 ? 90  SER A OG  1 
ATOM   736  N N   . LYS A 1 91  ? -11.660 -1.120  -3.759  1.00 13.29 ? 91  LYS A N   1 
ATOM   737  C CA  . LYS A 1 91  ? -13.056 -0.728  -3.990  1.00 14.57 ? 91  LYS A CA  1 
ATOM   738  C C   . LYS A 1 91  ? -13.485 0.524   -3.209  1.00 14.36 ? 91  LYS A C   1 
ATOM   739  O O   . LYS A 1 91  ? -14.463 1.179   -3.554  1.00 15.43 ? 91  LYS A O   1 
ATOM   740  C CB  . LYS A 1 91  ? -14.031 -1.899  -3.562  1.00 17.33 ? 91  LYS A CB  1 
ATOM   741  C CG  . LYS A 1 91  ? -14.084 -3.044  -4.578  1.00 23.95 ? 91  LYS A CG  1 
ATOM   742  C CD  . LYS A 1 91  ? -14.974 -2.217  -5.700  1.00 29.89 ? 91  LYS A CD  1 
ATOM   743  C CE  . LYS A 1 91  ? -15.301 -2.309  -7.308  1.00 32.76 ? 91  LYS A CE  1 
ATOM   744  N NZ  . LYS A 1 91  ? -15.737 -3.700  -7.680  1.00 35.98 ? 91  LYS A NZ  1 
ATOM   745  N N   . HIS A 1 92  ? -12.758 0.853   -2.152  1.00 12.43 ? 92  HIS A N   1 
ATOM   746  C CA  . HIS A 1 92  ? -13.127 2.017   -1.352  1.00 12.31 ? 92  HIS A CA  1 
ATOM   747  C C   . HIS A 1 92  ? -11.927 2.893   -1.116  1.00 9.98  ? 92  HIS A C   1 
ATOM   748  O O   . HIS A 1 92  ? -10.884 2.398   -0.683  1.00 10.45 ? 92  HIS A O   1 
ATOM   749  C CB  . HIS A 1 92  ? -13.585 1.576   0.076   1.00 12.39 ? 92  HIS A CB  1 
ATOM   750  C CG  . HIS A 1 92  ? -14.695 0.575   0.079   1.00 12.68 ? 92  HIS A CG  1 
ATOM   751  N ND1 . HIS A 1 92  ? -16.016 0.923   0.320   1.00 14.08 ? 92  HIS A ND1 1 
ATOM   752  C CD2 . HIS A 1 92  ? -14.689 -0.764  -0.108  1.00 13.40 ? 92  HIS A CD2 1 
ATOM   753  C CE1 . HIS A 1 92  ? -16.764 -0.164  0.283   1.00 13.13 ? 92  HIS A CE1 1 
ATOM   754  N NE2 . HIS A 1 92  ? -15.989 -1.199  0.023   1.00 15.91 ? 92  HIS A NE2 1 
ATOM   755  N N   . ALA A 1 93  ? -12.048 4.185   -1.402  1.00 10.75 ? 93  ALA A N   1 
ATOM   756  C CA  . ALA A 1 93  ? -10.922 5.076   -1.160  1.00 10.49 ? 93  ALA A CA  1 
ATOM   757  C C   . ALA A 1 93  ? -10.848 5.355   0.401   1.00 11.20 ? 93  ALA A C   1 
ATOM   758  O O   . ALA A 1 93  ? -9.773  5.264   0.994   1.00 11.89 ? 93  ALA A O   1 
ATOM   759  C CB  . ALA A 1 93  ? -11.091 6.371   -1.927  1.00 11.24 ? 93  ALA A CB  1 
ATOM   760  N N   . ASP A 1 94  ? -12.004 5.588   1.030   1.00 11.32 ? 94  ASP A N   1 
ATOM   761  C CA  . ASP A 1 94  ? -12.045 5.897   2.469   1.00 9.40  ? 94  ASP A CA  1 
ATOM   762  C C   . ASP A 1 94  ? -11.014 7.050   2.785   1.00 8.06  ? 94  ASP A C   1 
ATOM   763  O O   . ASP A 1 94  ? -11.120 8.142   2.232   1.00 10.13 ? 94  ASP A O   1 
ATOM   764  C CB  . ASP A 1 94  ? -11.856 4.611   3.317   1.00 8.95  ? 94  ASP A CB  1 
ATOM   765  C CG  . ASP A 1 94  ? -13.105 3.716   3.333   1.00 9.24  ? 94  ASP A CG  1 
ATOM   766  O OD1 . ASP A 1 94  ? -14.090 4.006   2.619   1.00 12.87 ? 94  ASP A OD1 1 
ATOM   767  O OD2 . ASP A 1 94  ? -13.093 2.697   4.057   1.00 12.59 ? 94  ASP A OD2 1 
ATOM   768  N N   . GLY A 1 95  ? -10.001 6.776   3.596   1.00 8.96  ? 95  GLY A N   1 
ATOM   769  C CA  . GLY A 1 95  ? -9.045  7.821   3.913   1.00 11.30 ? 95  GLY A CA  1 
ATOM   770  C C   . GLY A 1 95  ? -7.777  7.850   3.072   1.00 11.33 ? 95  GLY A C   1 
ATOM   771  O O   . GLY A 1 95  ? -6.877  8.661   3.313   1.00 12.22 ? 95  GLY A O   1 
ATOM   772  N N   . LEU A 1 96  ? -7.681  6.925   2.116   1.00 11.38 ? 96  LEU A N   1 
ATOM   773  C CA  . LEU A 1 96  ? -6.518  6.829   1.230   1.00 9.85  ? 96  LEU A CA  1 
ATOM   774  C C   . LEU A 1 96  ? -6.556  7.867   0.199   1.00 8.20  ? 96  LEU A C   1 
ATOM   775  O O   . LEU A 1 96  ? -7.642  8.323   -0.165  1.00 7.96  ? 96  LEU A O   1 
ATOM   776  C CB  . LEU A 1 96  ? -6.520  5.449   0.461   1.00 7.88  ? 96  LEU A CB  1 
ATOM   777  C CG  . LEU A 1 96  ? -6.495  4.211   1.286   1.00 9.17  ? 96  LEU A CG  1 
ATOM   778  C CD1 . LEU A 1 96  ? -6.338  3.016   0.313   1.00 8.04  ? 96  LEU A CD1 1 
ATOM   779  C CD2 . LEU A 1 96  ? -5.347  4.221   2.307   1.00 11.40 ? 96  LEU A CD2 1 
ATOM   780  N N   . CYS A 1 97  ? -5.392  8.204   -0.365  1.00 8.73  ? 97  CYS A N   1 
ATOM   781  C CA  . CYS A 1 97  ? -5.302  9.225   -1.434  1.00 8.52  ? 97  CYS A CA  1 
ATOM   782  C C   . CYS A 1 97  ? -6.134  8.794   -2.751  1.00 8.19  ? 97  CYS A C   1 
ATOM   783  O O   . CYS A 1 97  ? -6.575  9.647   -3.536  1.00 10.19 ? 97  CYS A O   1 
ATOM   784  C CB  . CYS A 1 97  ? -3.840  9.517   -1.789  1.00 9.37  ? 97  CYS A CB  1 
ATOM   785  S SG  . CYS A 1 97  ? -2.895  8.021   -2.306  1.00 12.94 ? 97  CYS A SG  1 
ATOM   786  N N   . HIS A 1 98  ? -6.380  7.493   -2.891  1.00 8.87  ? 98  HIS A N   1 
ATOM   787  C CA  . HIS A 1 98  ? -7.139  6.956   -4.025  1.00 8.31  ? 98  HIS A CA  1 
ATOM   788  C C   . HIS A 1 98  ? -7.337  5.482   -3.739  1.00 7.71  ? 98  HIS A C   1 
ATOM   789  O O   . HIS A 1 98  ? -6.589  4.894   -2.943  1.00 8.43  ? 98  HIS A O   1 
ATOM   790  C CB  . HIS A 1 98  ? -6.291  7.161   -5.377  1.00 9.06  ? 98  HIS A CB  1 
ATOM   791  C CG  . HIS A 1 98  ? -7.075  6.901   -6.627  1.00 8.52  ? 98  HIS A CG  1 
ATOM   792  N ND1 . HIS A 1 98  ? -7.377  5.629   -7.068  1.00 8.35  ? 98  HIS A ND1 1 
ATOM   793  C CD2 . HIS A 1 98  ? -7.698  7.751   -7.472  1.00 7.30  ? 98  HIS A CD2 1 
ATOM   794  C CE1 . HIS A 1 98  ? -8.164  5.709   -8.120  1.00 8.19  ? 98  HIS A CE1 1 
ATOM   795  N NE2 . HIS A 1 98  ? -8.372  6.984   -8.388  1.00 9.76  ? 98  HIS A NE2 1 
ATOM   796  N N   . ARG A 1 99  ? -8.388  4.893   -4.312  1.00 8.14  ? 99  ARG A N   1 
ATOM   797  C CA  . ARG A 1 99  ? -8.595  3.458   -4.156  1.00 8.48  ? 99  ARG A CA  1 
ATOM   798  C C   . ARG A 1 99  ? -7.378  2.740   -4.919  1.00 7.37  ? 99  ARG A C   1 
ATOM   799  O O   . ARG A 1 99  ? -6.818  3.321   -5.859  1.00 7.67  ? 99  ARG A O   1 
ATOM   800  C CB  . ARG A 1 99  ? -9.904  2.982   -4.835  1.00 10.30 ? 99  ARG A CB  1 
ATOM   801  C CG  . ARG A 1 99  ? -9.897  2.952   -6.358  1.00 14.28 ? 99  ARG A CG  1 
ATOM   802  C CD  . ARG A 1 99  ? -11.233 2.272   -6.942  1.00 17.74 ? 99  ARG A CD  1 
ATOM   803  N NE  . ARG A 1 99  ? -11.187 2.223   -8.401  1.00 17.58 ? 99  ARG A NE  1 
ATOM   804  C CZ  . ARG A 1 99  ? -10.739 1.189   -9.123  1.00 17.47 ? 99  ARG A CZ  1 
ATOM   805  N NH1 . ARG A 1 99  ? -10.313 0.071   -8.534  1.00 13.84 ? 99  ARG A NH1 1 
ATOM   806  N NH2 . ARG A 1 99  ? -10.560 1.356   -10.432 1.00 15.85 ? 99  ARG A NH2 1 
ATOM   807  N N   . LEU A 1 100 ? -6.974  1.573   -4.428  1.00 8.35  ? 100 LEU A N   1 
ATOM   808  C CA  . LEU A 1 100 ? -5.884  0.792   -5.033  1.00 8.98  ? 100 LEU A CA  1 
ATOM   809  C C   . LEU A 1 100 ? -6.399  0.345   -6.439  1.00 11.02 ? 100 LEU A C   1 
ATOM   810  O O   . LEU A 1 100 ? -7.550  -0.111  -6.577  1.00 10.83 ? 100 LEU A O   1 
ATOM   811  C CB  . LEU A 1 100 ? -5.582  -0.397  -4.210  1.00 8.47  ? 100 LEU A CB  1 
ATOM   812  C CG  . LEU A 1 100 ? -5.200  -0.033  -2.702  1.00 7.59  ? 100 LEU A CG  1 
ATOM   813  C CD1 . LEU A 1 100 ? -4.766  -1.304  -1.947  1.00 7.70  ? 100 LEU A CD1 1 
ATOM   814  C CD2 . LEU A 1 100 ? -4.105  1.047   -2.710  1.00 4.18  ? 100 LEU A CD2 1 
ATOM   815  N N   . THR A 1 101 ? -5.565  0.561   -7.460  1.00 10.69 ? 101 THR A N   1 
ATOM   816  C CA  . THR A 1 101 ? -5.927  0.187   -8.824  1.00 12.36 ? 101 THR A CA  1 
ATOM   817  C C   . THR A 1 101 ? -5.020  -1.036  -9.301  1.00 14.30 ? 101 THR A C   1 
ATOM   818  O O   . THR A 1 101 ? -5.434  -2.194  -9.153  1.00 17.13 ? 101 THR A O   1 
ATOM   819  C CB  . THR A 1 101 ? -5.867  1.406   -9.766  1.00 10.88 ? 101 THR A CB  1 
ATOM   820  O OG1 . THR A 1 101 ? -4.604  2.053   -9.666  1.00 11.50 ? 101 THR A OG1 1 
ATOM   821  C CG2 . THR A 1 101 ? -6.942  2.393   -9.404  1.00 8.53  ? 101 THR A CG2 1 
ATOM   822  N N   . THR A 1 102 ? -3.796  -0.781  -9.763  1.00 14.59 ? 102 THR A N   1 
ATOM   823  C CA  . THR A 1 102 ? -2.930  -1.889  -10.182 1.00 15.15 ? 102 THR A CA  1 
ATOM   824  C C   . THR A 1 102 ? -1.591  -1.920  -9.529  1.00 13.05 ? 102 THR A C   1 
ATOM   825  O O   . THR A 1 102 ? -1.080  -0.890  -9.070  1.00 10.32 ? 102 THR A O   1 
ATOM   826  C CB  . THR A 1 102 ? -2.715  -1.898  -11.711 1.00 17.35 ? 102 THR A CB  1 
ATOM   827  O OG1 . THR A 1 102 ? -2.089  -0.668  -12.114 1.00 19.18 ? 102 THR A OG1 1 
ATOM   828  C CG2 . THR A 1 102 ? -4.057  -2.112  -12.449 1.00 19.43 ? 102 THR A CG2 1 
ATOM   829  N N   . VAL A 1 103 ? -0.989  -3.108  -9.537  1.00 12.25 ? 103 VAL A N   1 
ATOM   830  C CA  . VAL A 1 103 ? 0.315   -3.328  -8.946  1.00 12.42 ? 103 VAL A CA  1 
ATOM   831  C C   . VAL A 1 103 ? 1.347   -2.550  -9.635  1.00 12.16 ? 103 VAL A C   1 
ATOM   832  O O   . VAL A 1 103 ? 1.314   -2.370  -10.855 1.00 12.88 ? 103 VAL A O   1 
ATOM   833  C CB  . VAL A 1 103 ? 0.695   -4.803  -8.965  1.00 12.90 ? 103 VAL A CB  1 
ATOM   834  C CG1 . VAL A 1 103 ? 1.874   -5.070  -8.046  1.00 14.29 ? 103 VAL A CG1 1 
ATOM   835  C CG2 . VAL A 1 103 ? -0.469  -5.623  -8.546  1.00 18.90 ? 103 VAL A CG2 1 
ATOM   836  N N   . CYS A 1 104 ? 2.265   -2.011  -8.857  1.00 10.85 ? 104 CYS A N   1 
ATOM   837  C CA  . CYS A 1 104 ? 3.340   -1.209  -9.391  1.00 12.06 ? 104 CYS A CA  1 
ATOM   838  C C   . CYS A 1 104 ? 4.282   -2.067  -10.199 1.00 14.45 ? 104 CYS A C   1 
ATOM   839  O O   . CYS A 1 104 ? 4.541   -3.206  -9.861  1.00 13.01 ? 104 CYS A O   1 
ATOM   840  C CB  . CYS A 1 104 ? 4.226   -0.670  -8.267  1.00 11.97 ? 104 CYS A CB  1 
ATOM   841  S SG  . CYS A 1 104 ? 5.395   0.614   -8.725  1.00 13.23 ? 104 CYS A SG  1 
ATOM   842  N N   . PRO A 1 105 ? 4.716   -1.550  -11.342 1.00 17.48 ? 105 PRO A N   1 
ATOM   843  C CA  . PRO A 1 105 ? 5.655   -2.237  -12.230 1.00 22.25 ? 105 PRO A CA  1 
ATOM   844  C C   . PRO A 1 105 ? 7.087   -2.015  -11.700 1.00 25.43 ? 105 PRO A C   1 
ATOM   845  O O   . PRO A 1 105 ? 7.355   -1.002  -11.055 1.00 27.40 ? 105 PRO A O   1 
ATOM   846  C CB  . PRO A 1 105 ? 5.760   -1.297  -13.409 1.00 21.45 ? 105 PRO A CB  1 
ATOM   847  C CG  . PRO A 1 105 ? 4.442   -0.560  -13.420 1.00 23.06 ? 105 PRO A CG  1 
ATOM   848  C CD  . PRO A 1 105 ? 4.183   -0.328  -11.963 1.00 20.07 ? 105 PRO A CD  1 
ATOM   849  N N   . THR A 1 106 ? 7.995   -2.951  -11.950 1.00 28.93 ? 106 THR A N   1 
ATOM   850  C CA  . THR A 1 106 ? 9.397   -2.726  -11.597 1.00 32.15 ? 106 THR A CA  1 
ATOM   851  C C   . THR A 1 106 ? 10.174  -2.068  -12.854 1.00 33.67 ? 106 THR A C   1 
ATOM   852  O O   . THR A 1 106 ? 11.270  -1.495  -12.643 1.00 35.88 ? 106 THR A O   1 
ATOM   853  C CB  . THR A 1 106 ? 10.092  -3.995  -11.232 1.00 32.30 ? 106 THR A CB  1 
ATOM   854  O OG1 . THR A 1 106 ? 9.341   -4.635  -10.199 1.00 35.44 ? 106 THR A OG1 1 
ATOM   855  C CG2 . THR A 1 106 ? 11.469  -3.676  -10.706 1.00 34.49 ? 106 THR A CG2 1 
HETATM 856  O O76 . 687 B 2 .   ? 4.501   1.448   7.682   1.00 24.04 ? 300 687 A O76 1 
HETATM 857  C C1  . 687 B 2 .   ? 5.566   5.926   8.166   1.00 23.89 ? 300 687 A C1  1 
HETATM 858  C C2  . 687 B 2 .   ? 6.617   5.008   8.063   1.00 23.71 ? 300 687 A C2  1 
HETATM 859  C C3  . 687 B 2 .   ? 6.450   3.793   7.317   1.00 21.63 ? 300 687 A C3  1 
HETATM 860  C C4  . 687 B 2 .   ? 5.212   3.522   6.700   1.00 20.73 ? 300 687 A C4  1 
HETATM 861  C C5  . 687 B 2 .   ? 4.205   4.522   6.689   1.00 21.73 ? 300 687 A C5  1 
HETATM 862  C C6  . 687 B 2 .   ? 4.366   5.702   7.437   1.00 22.76 ? 300 687 A C6  1 
HETATM 863  P P7  . 687 B 2 .   ? 8.732   3.396   6.241   1.00 21.12 ? 300 687 A P7  1 
HETATM 864  O O8  . 687 B 2 .   ? 9.403   2.081   5.830   1.00 17.15 ? 300 687 A O8  1 
HETATM 865  O O9  . 687 B 2 .   ? 9.814   4.253   7.046   1.00 21.02 ? 300 687 A O9  1 
HETATM 866  O O10 . 687 B 2 .   ? 8.219   4.211   5.120   1.00 20.48 ? 300 687 A O10 1 
HETATM 867  C C11 . 687 B 2 .   ? 3.256   6.736   7.550   1.00 23.41 ? 300 687 A C11 1 
HETATM 868  C C12 . 687 B 2 .   ? 3.516   7.932   6.688   1.00 22.04 ? 300 687 A C12 1 
HETATM 869  C C13 . 687 B 2 .   ? 2.375   8.931   6.770   1.00 23.35 ? 300 687 A C13 1 
HETATM 870  N N14 . 687 B 2 .   ? 1.361   8.701   5.890   1.00 19.39 ? 300 687 A N14 1 
HETATM 871  N N15 . 687 B 2 .   ? 4.732   8.550   7.168   1.00 24.29 ? 300 687 A N15 1 
HETATM 872  C C16 . 687 B 2 .   ? 5.553   9.066   6.269   1.00 24.06 ? 300 687 A C16 1 
HETATM 873  C C17 . 687 B 2 .   ? 6.921   9.463   6.907   1.00 24.88 ? 300 687 A C17 1 
HETATM 874  O O18 . 687 B 2 .   ? 5.272   9.241   5.085   1.00 23.93 ? 300 687 A O18 1 
HETATM 875  O O19 . 687 B 2 .   ? 2.411   9.864   7.591   1.00 22.76 ? 300 687 A O19 1 
HETATM 876  C C20 . 687 B 2 .   ? 0.210   9.546   5.851   1.00 20.47 ? 300 687 A C20 1 
HETATM 877  C C21 . 687 B 2 .   ? -0.526  9.249   4.547   1.00 19.37 ? 300 687 A C21 1 
HETATM 878  C C22 . 687 B 2 .   ? -1.654  10.230  4.203   1.00 19.63 ? 300 687 A C22 1 
HETATM 879  C C23 . 687 B 2 .   ? -2.857  10.484  5.102   1.00 18.06 ? 300 687 A C23 1 
HETATM 880  C C24 . 687 B 2 .   ? -2.306  11.046  6.398   1.00 19.61 ? 300 687 A C24 1 
HETATM 881  N N25 . 687 B 2 .   ? -1.765  10.038  7.332   1.00 20.39 ? 300 687 A N25 1 
HETATM 882  C C26 . 687 B 2 .   ? -0.657  9.218   7.132   1.00 20.99 ? 300 687 A C26 1 
HETATM 883  C C27 . 687 B 2 .   ? -2.623  9.653   8.493   1.00 20.95 ? 300 687 A C27 1 
HETATM 884  C C28 . 687 B 2 .   ? -3.777  8.819   7.990   1.00 21.74 ? 300 687 A C28 1 
HETATM 885  O O29 . 687 B 2 .   ? -0.385  8.239   7.868   1.00 21.74 ? 300 687 A O29 1 
HETATM 886  O O30 . 687 B 2 .   ? 7.556   2.888   7.260   1.00 20.32 ? 300 687 A O30 1 
HETATM 887  C C53 . 687 B 2 .   ? -5.103  9.342   7.978   1.00 21.39 ? 300 687 A C53 1 
HETATM 888  C C54 . 687 B 2 .   ? -6.175  8.517   7.558   1.00 21.43 ? 300 687 A C54 1 
HETATM 889  C C55 . 687 B 2 .   ? -5.893  7.191   7.146   1.00 22.46 ? 300 687 A C55 1 
HETATM 890  C C56 . 687 B 2 .   ? -4.569  6.715   7.081   1.00 22.27 ? 300 687 A C56 1 
HETATM 891  C C57 . 687 B 2 .   ? -3.472  7.510   7.493   1.00 22.25 ? 300 687 A C57 1 
HETATM 892  C C62 . 687 B 2 .   ? -6.984  6.299   6.717   1.00 23.31 ? 300 687 A C62 1 
HETATM 893  C C63 . 687 B 2 .   ? -6.767  5.385   5.614   1.00 24.52 ? 300 687 A C63 1 
HETATM 894  C C64 . 687 B 2 .   ? -7.812  4.511   5.168   1.00 24.17 ? 300 687 A C64 1 
HETATM 895  C C65 . 687 B 2 .   ? -9.085  4.570   5.807   1.00 23.25 ? 300 687 A C65 1 
HETATM 896  C C66 . 687 B 2 .   ? -9.298  5.458   6.883   1.00 24.39 ? 300 687 A C66 1 
HETATM 897  C C67 . 687 B 2 .   ? -8.260  6.340   7.351   1.00 24.39 ? 300 687 A C67 1 
HETATM 898  C C75 . 687 B 2 .   ? 4.748   2.165   6.539   1.00 20.69 ? 300 687 A C75 1 
HETATM 899  O O   . HOH C 3 .   ? -6.481  5.271   -11.533 1.00 8.77  ? 301 HOH A O   1 
HETATM 900  O O   . HOH C 3 .   ? -6.396  12.356  -2.916  1.00 12.66 ? 302 HOH A O   1 
HETATM 901  O O   . HOH C 3 .   ? -11.284 2.447   5.949   1.00 11.16 ? 303 HOH A O   1 
HETATM 902  O O   . HOH C 3 .   ? 15.108  -1.416  -1.817  1.00 14.83 ? 304 HOH A O   1 
HETATM 903  O O   . HOH C 3 .   ? -0.508  8.153   -9.473  1.00 11.28 ? 305 HOH A O   1 
HETATM 904  O O   . HOH C 3 .   ? -0.373  9.546   -12.391 1.00 15.50 ? 306 HOH A O   1 
HETATM 905  O O   . HOH C 3 .   ? -3.661  -10.256 -6.313  1.00 15.45 ? 307 HOH A O   1 
HETATM 906  O O   . HOH C 3 .   ? 13.073  6.037   5.127   1.00 22.85 ? 308 HOH A O   1 
HETATM 907  O O   . HOH C 3 .   ? -1.952  2.385   10.583  1.00 15.91 ? 309 HOH A O   1 
HETATM 908  O O   . HOH C 3 .   ? 14.676  4.266   8.062   1.00 11.66 ? 310 HOH A O   1 
HETATM 909  O O   . HOH C 3 .   ? -15.430 -0.258  9.068   1.00 20.75 ? 311 HOH A O   1 
HETATM 910  O O   . HOH C 3 .   ? -16.055 -0.406  6.406   1.00 37.02 ? 312 HOH A O   1 
HETATM 911  O O   . HOH C 3 .   ? -11.534 -5.776  -4.847  1.00 20.96 ? 313 HOH A O   1 
HETATM 912  O O   . HOH C 3 .   ? -12.574 3.353   8.378   1.00 13.66 ? 314 HOH A O   1 
HETATM 913  O O   . HOH C 3 .   ? -6.907  11.126  1.750   1.00 20.51 ? 315 HOH A O   1 
HETATM 914  O O   . HOH C 3 .   ? 11.185  7.451   -10.536 1.00 29.11 ? 316 HOH A O   1 
HETATM 915  O O   . HOH C 3 .   ? -6.526  -4.793  -6.962  1.00 31.36 ? 317 HOH A O   1 
HETATM 916  O O   . HOH C 3 .   ? 6.364   11.596  -3.321  1.00 21.70 ? 318 HOH A O   1 
HETATM 917  O O   . HOH C 3 .   ? 13.413  8.358   -5.642  1.00 40.28 ? 319 HOH A O   1 
HETATM 918  O O   . HOH C 3 .   ? 11.266  -1.550  3.975   1.00 45.33 ? 320 HOH A O   1 
HETATM 919  O O   . HOH C 3 .   ? -8.220  -2.791  -8.191  1.00 31.91 ? 321 HOH A O   1 
HETATM 920  O O   . HOH C 3 .   ? -12.441 -9.940  0.187   1.00 31.03 ? 322 HOH A O   1 
HETATM 921  O O   . HOH C 3 .   ? 13.108  -3.182  4.509   1.00 27.26 ? 323 HOH A O   1 
HETATM 922  O O   . HOH C 3 .   ? 12.163  -4.107  6.842   1.00 44.89 ? 324 HOH A O   1 
HETATM 923  O O   . HOH C 3 .   ? -4.884  13.747  -4.521  1.00 29.21 ? 325 HOH A O   1 
HETATM 924  O O   . HOH C 3 .   ? 9.541   9.874   1.793   1.00 30.52 ? 326 HOH A O   1 
HETATM 925  O O   . HOH C 3 .   ? -1.869  -7.633  -10.665 1.00 39.58 ? 327 HOH A O   1 
HETATM 926  O O   . HOH C 3 .   ? 16.399  2.840   -4.435  1.00 29.55 ? 328 HOH A O   1 
HETATM 927  O O   . HOH C 3 .   ? 7.743   1.585   -12.263 1.00 32.31 ? 329 HOH A O   1 
HETATM 928  O O   . HOH C 3 .   ? 10.409  4.479   -12.395 1.00 26.70 ? 330 HOH A O   1 
HETATM 929  O O   . HOH C 3 .   ? 6.749   13.402  -5.152  1.00 60.03 ? 331 HOH A O   1 
HETATM 930  O O   . HOH C 3 .   ? -4.907  -11.113 -3.395  1.00 30.27 ? 332 HOH A O   1 
HETATM 931  O O   . HOH C 3 .   ? -12.231 -14.354 6.036   1.00 39.22 ? 333 HOH A O   1 
HETATM 932  O O   . HOH C 3 .   ? -1.482  12.430  -2.088  1.00 19.40 ? 334 HOH A O   1 
HETATM 933  O O   . HOH C 3 .   ? 4.981   -5.696  -10.806 1.00 30.16 ? 335 HOH A O   1 
HETATM 934  O O   . HOH C 3 .   ? -11.548 5.270   -8.433  1.00 16.71 ? 336 HOH A O   1 
HETATM 935  O O   . HOH C 3 .   ? -0.229  2.378   12.863  1.00 28.39 ? 337 HOH A O   1 
HETATM 936  O O   . HOH C 3 .   ? 4.758   10.763  1.319   1.00 32.27 ? 338 HOH A O   1 
HETATM 937  O O   . HOH C 3 .   ? -6.657  -9.178  -2.840  1.00 26.06 ? 339 HOH A O   1 
HETATM 938  O O   . HOH C 3 .   ? 0.208   0.944   14.839  1.00 38.86 ? 340 HOH A O   1 
HETATM 939  O O   . HOH C 3 .   ? -2.635  -5.080  -11.204 1.00 34.28 ? 341 HOH A O   1 
HETATM 940  O O   . HOH C 3 .   ? 2.589   12.934  -1.250  1.00 28.40 ? 342 HOH A O   1 
HETATM 941  O O   . HOH C 3 .   ? 0.359   -8.803  -11.722 1.00 40.44 ? 343 HOH A O   1 
HETATM 942  O O   . HOH C 3 .   ? 4.927   -8.076  -9.644  1.00 42.37 ? 344 HOH A O   1 
HETATM 943  O O   . HOH C 3 .   ? -10.477 7.190   14.825  1.00 31.76 ? 345 HOH A O   1 
HETATM 944  O O   . HOH C 3 .   ? -11.041 0.608   17.159  1.00 42.53 ? 346 HOH A O   1 
HETATM 945  O O   . HOH C 3 .   ? 8.720   -10.651 -2.428  1.00 38.38 ? 347 HOH A O   1 
HETATM 946  O O   . HOH C 3 .   ? 10.809  6.875   -14.037 1.00 62.56 ? 348 HOH A O   1 
HETATM 947  O O   . HOH C 3 .   ? -12.468 -2.605  15.028  1.00 41.01 ? 349 HOH A O   1 
HETATM 948  O O   . HOH C 3 .   ? 14.812  -2.528  -4.258  1.00 42.50 ? 350 HOH A O   1 
HETATM 949  O O   . HOH C 3 .   ? 5.534   2.503   -14.464 1.00 51.70 ? 351 HOH A O   1 
HETATM 950  O O   . HOH C 3 .   ? 3.056   -9.081  -11.673 1.00 30.90 ? 352 HOH A O   1 
HETATM 951  O O   . HOH C 3 .   ? 12.060  -4.244  -6.732  1.00 54.75 ? 353 HOH A O   1 
HETATM 952  O O   . HOH C 3 .   ? 13.905  -7.854  7.572   1.00 62.45 ? 354 HOH A O   1 
HETATM 953  O O   . HOH C 3 .   ? 17.115  4.947   -5.848  1.00 38.13 ? 355 HOH A O   1 
HETATM 954  O O   . HOH C 3 .   ? -6.084  16.607  -11.203 1.00 41.71 ? 356 HOH A O   1 
HETATM 955  O O   . HOH C 3 .   ? 12.637  -10.043 5.040   1.00 40.33 ? 357 HOH A O   1 
HETATM 956  O O   . HOH C 3 .   ? -13.292 -3.638  11.714  1.00 9.52  ? 358 HOH A O   1 
HETATM 957  O O   . HOH C 3 .   ? -13.034 -16.590 3.544   1.00 61.04 ? 359 HOH A O   1 
HETATM 958  O O   . HOH C 3 .   ? -0.066  13.524  4.586   1.00 53.05 ? 360 HOH A O   1 
HETATM 959  O O   . HOH C 3 .   ? -4.366  9.903   2.343   1.00 19.65 ? 361 HOH A O   1 
HETATM 960  O O   . HOH C 3 .   ? 1.496   11.174  -14.074 1.00 34.48 ? 362 HOH A O   1 
HETATM 961  O O   . HOH C 3 .   ? 1.000   1.500   -13.754 1.00 47.06 ? 363 HOH A O   1 
HETATM 962  O O   . HOH C 3 .   ? 7.627   8.007   10.277  1.00 42.12 ? 364 HOH A O   1 
HETATM 963  O O   . HOH C 3 .   ? -0.500  5.434   7.891   1.00 14.76 ? 365 HOH A O   1 
HETATM 964  O O   . HOH C 3 .   ? -9.619  8.282   -10.358 1.00 18.57 ? 366 HOH A O   1 
HETATM 965  O O   . HOH C 3 .   ? 11.411  -9.724  0.588   1.00 40.16 ? 367 HOH A O   1 
HETATM 966  O O   . HOH C 3 .   ? 8.731   -9.701  3.859   1.00 36.19 ? 368 HOH A O   1 
HETATM 967  O O   . HOH C 3 .   ? 17.960  -5.740  2.031   1.00 37.39 ? 369 HOH A O   1 
HETATM 968  O O   . HOH C 3 .   ? 3.597   15.212  -11.910 1.00 24.10 ? 370 HOH A O   1 
HETATM 969  O O   . HOH C 3 .   ? -13.068 -7.717  7.315   1.00 10.44 ? 371 HOH A O   1 
HETATM 970  O O   . HOH C 3 .   ? 10.308  2.040   -13.018 1.00 52.97 ? 372 HOH A O   1 
HETATM 971  O O   . HOH C 3 .   ? -0.303  3.921   -18.253 1.00 15.33 ? 373 HOH A O   1 
HETATM 972  O O   . HOH C 3 .   ? -2.261  13.900  -4.728  1.00 24.03 ? 374 HOH A O   1 
HETATM 973  O O   . HOH C 3 .   ? -6.544  18.631  -9.114  1.00 27.70 ? 375 HOH A O   1 
HETATM 974  O O   . HOH C 3 .   ? 3.436   9.351   3.150   1.00 11.59 ? 376 HOH A O   1 
HETATM 975  O O   . HOH C 3 .   ? -8.041  -0.272  7.924   1.00 7.43  ? 377 HOH A O   1 
HETATM 976  O O   . HOH C 3 .   ? -2.812  -12.184 5.124   1.00 22.34 ? 378 HOH A O   1 
HETATM 977  O O   . HOH C 3 .   ? -14.196 -11.333 2.051   1.00 36.30 ? 379 HOH A O   1 
HETATM 978  O O   . HOH C 3 .   ? -9.356  9.810   1.235   1.00 9.37  ? 380 HOH A O   1 
HETATM 979  O O   . HOH C 3 .   ? 15.352  6.985   -6.637  1.00 47.82 ? 381 HOH A O   1 
HETATM 980  O O   . HOH C 3 .   ? 5.533   6.999   -21.518 1.00 47.96 ? 382 HOH A O   1 
HETATM 981  O O   . HOH C 3 .   ? 4.789   16.782  -5.152  1.00 50.15 ? 383 HOH A O   1 
HETATM 982  O O   . HOH C 3 .   ? -11.796 -10.049 6.750   1.00 22.05 ? 384 HOH A O   1 
HETATM 983  O O   . HOH C 3 .   ? -10.091 10.964  -10.166 1.00 32.01 ? 385 HOH A O   1 
HETATM 984  O O   . HOH C 3 .   ? -5.920  -15.754 2.913   1.00 50.49 ? 386 HOH A O   1 
HETATM 985  O O   . HOH C 3 .   ? -12.676 8.699   -9.103  1.00 32.31 ? 387 HOH A O   1 
HETATM 986  O O   . HOH C 3 .   ? 4.398   13.399  -13.666 1.00 23.71 ? 388 HOH A O   1 
HETATM 987  O O   . HOH C 3 .   ? 4.839   14.371  -2.056  1.00 56.73 ? 389 HOH A O   1 
HETATM 988  O O   . HOH C 3 .   ? 18.225  -8.551  0.187   1.00 34.77 ? 390 HOH A O   1 
HETATM 989  O O   . HOH C 3 .   ? 7.402   -8.666  -6.823  1.00 62.43 ? 391 HOH A O   1 
HETATM 990  O O   . HOH C 3 .   ? 2.078   11.629  4.375   1.00 37.41 ? 392 HOH A O   1 
HETATM 991  O O   . HOH C 3 .   ? -4.146  -14.302 6.752   1.00 45.70 ? 393 HOH A O   1 
HETATM 992  O O   . HOH C 3 .   ? -8.026  -14.154 1.451   1.00 39.93 ? 394 HOH A O   1 
HETATM 993  O O   . HOH C 3 .   ? 13.975  2.679   10.456  1.00 26.94 ? 395 HOH A O   1 
HETATM 994  O O   . HOH C 3 .   ? 0.508   -1.371  -12.920 1.00 26.43 ? 396 HOH A O   1 
HETATM 995  O O   . HOH C 3 .   ? -6.001  13.842  -11.228 1.00 33.76 ? 397 HOH A O   1 
HETATM 996  O O   . HOH C 3 .   ? 0.950   2.829   17.895  1.00 38.05 ? 398 HOH A O   1 
HETATM 997  O O   . HOH C 3 .   ? 13.041  -10.199 11.724  1.00 33.05 ? 399 HOH A O   1 
HETATM 998  O O   . HOH C 3 .   ? -4.579  13.395  0.517   1.00 43.10 ? 400 HOH A O   1 
HETATM 999  O O   . HOH C 3 .   ? 14.143  -8.300  14.140  1.00 49.52 ? 401 HOH A O   1 
HETATM 1000 O O   . HOH C 3 .   ? -0.706  26.189  -7.794  1.00 53.65 ? 402 HOH A O   1 
HETATM 1001 O O   . HOH C 3 .   ? -8.181  7.192   13.340  1.00 57.06 ? 403 HOH A O   1 
HETATM 1002 O O   . HOH C 3 .   ? -2.429  -17.558 -3.590  1.00 50.49 ? 404 HOH A O   1 
HETATM 1003 O O   . HOH C 3 .   ? 11.028  11.356  -9.887  1.00 74.65 ? 405 HOH A O   1 
HETATM 1004 O O   . HOH C 3 .   ? 8.689   13.284  9.132   1.00 41.32 ? 406 HOH A O   1 
HETATM 1005 O O   . HOH C 3 .   ? -7.907  11.230  -11.320 1.00 28.58 ? 407 HOH A O   1 
HETATM 1006 O O   . HOH C 3 .   ? -3.353  1.266   -12.127 1.00 27.76 ? 408 HOH A O   1 
HETATM 1007 O O   . HOH C 3 .   ? -12.444 -13.883 0.675   1.00 53.89 ? 409 HOH A O   1 
HETATM 1008 O O   . HOH C 3 .   ? 3.492   13.616  5.606   1.00 52.10 ? 410 HOH A O   1 
HETATM 1009 O O   . HOH C 3 .   ? 0.613   24.185  -5.672  1.00 54.76 ? 411 HOH A O   1 
HETATM 1010 O O   . HOH C 3 .   ? 10.592  -6.624  -4.628  1.00 52.60 ? 412 HOH A O   1 
HETATM 1011 O O   . HOH C 3 .   ? 12.000  -2.952  11.886  1.00 51.22 ? 413 HOH A O   1 
HETATM 1012 O O   . HOH C 3 .   ? -2.298  14.653  -0.324  1.00 56.38 ? 414 HOH A O   1 
HETATM 1013 O O   . HOH C 3 .   ? 6.475   -11.027 6.233   1.00 53.85 ? 415 HOH A O   1 
HETATM 1014 O O   . HOH C 3 .   ? 7.413   11.189  2.221   1.00 49.99 ? 416 HOH A O   1 
HETATM 1015 O O   . HOH C 3 .   ? 15.964  8.730   -8.651  1.00 54.03 ? 417 HOH A O   1 
HETATM 1016 O O   . HOH C 3 .   ? -9.815  -0.625  18.935  1.00 20.00 ? 418 HOH A O   1 
# 
